data_2DU7
#
_entry.id   2DU7
#
_cell.length_a   196.354
_cell.length_b   299.455
_cell.length_c   125.877
_cell.angle_alpha   90.00
_cell.angle_beta   90.00
_cell.angle_gamma   90.00
#
_symmetry.space_group_name_H-M   'C 2 2 21'
#
_entity_poly.entity_id   1
_entity_poly.type   'polypeptide(L)'
_entity_poly.pdbx_seq_one_letter_code
;MKLKHKRDDKMRFDIKKVLELAEKDFETAWRETRALIKDKHIDNKYPRLKPVYGKPHPVMETIERLRQAYLRMGFEEMIN
PVIVDEMEIYKQFGPEAMAVLDRCFYLAGLPRPDVGLGNEKVEIIKNLGIDIDEEKKERLREVLHLYKKGAIDGDDLVFE
IAKALNVSNEMGLKVLETAFPEFKDLKPESTTLTLRSHMTSGWFITLSSLIKKRKLPLKLFSIDRCFRREQREDRSHLMS
YHSASCVVVGEDVSVDDGKVVAEGLLAQFGFTKFKFKPDEKKSKYYTPETQTEVYAYHPKLGEWIEVATFGVYSPIALAK
YNIDVPVMNLGLGVERLAMIIYGYEDVRAMVYPQFYEYRLSDRDIAGMIRVDKVPILDEFYNFANELIDICIANKDKESP
CSVEVKREFNFNGERRVIKVEIFENEPNKKLLGPSVLNEVYVYDGNIYGIPPTFEGVKEQYIPILKKAKEEGVSTNIRYI
DGIIYKLVAKIEEALVSNVDEFKFRVPIVRSLSDINLKIDELALKQIMGENKVIDVRGPVFLNAKVEIK
;
_entity_poly.pdbx_strand_id   A,B,C,D
#
# COMPACT_ATOMS: atom_id res chain seq x y z
N MET A 11 -15.98 -34.64 -10.56
CA MET A 11 -16.71 -34.95 -11.82
C MET A 11 -17.79 -33.91 -12.09
N ARG A 12 -17.77 -33.34 -13.29
CA ARG A 12 -18.75 -32.33 -13.67
C ARG A 12 -20.11 -32.97 -13.93
N PHE A 13 -21.17 -32.29 -13.51
CA PHE A 13 -22.53 -32.80 -13.72
C PHE A 13 -23.19 -32.18 -14.94
N ASP A 14 -24.32 -32.75 -15.35
CA ASP A 14 -25.06 -32.25 -16.51
C ASP A 14 -26.11 -31.24 -16.12
N ILE A 15 -26.32 -30.25 -17.00
CA ILE A 15 -27.30 -29.20 -16.77
C ILE A 15 -28.72 -29.75 -16.68
N LYS A 16 -29.34 -29.97 -17.83
CA LYS A 16 -30.71 -30.49 -17.90
C LYS A 16 -30.92 -31.69 -16.99
N LYS A 17 -29.91 -32.56 -16.93
CA LYS A 17 -29.99 -33.75 -16.09
C LYS A 17 -30.50 -33.39 -14.70
N VAL A 18 -30.01 -32.27 -14.17
CA VAL A 18 -30.41 -31.80 -12.85
C VAL A 18 -31.53 -30.77 -12.96
N LEU A 19 -31.42 -29.90 -13.96
CA LEU A 19 -32.40 -28.86 -14.19
C LEU A 19 -33.82 -29.40 -14.33
N GLU A 20 -33.95 -30.60 -14.91
CA GLU A 20 -35.25 -31.22 -15.09
C GLU A 20 -35.96 -31.43 -13.76
N LEU A 21 -35.18 -31.75 -12.72
CA LEU A 21 -35.75 -31.97 -11.39
C LEU A 21 -36.45 -30.72 -10.90
N ALA A 22 -36.41 -29.67 -11.71
CA ALA A 22 -37.04 -28.40 -11.39
C ALA A 22 -38.16 -28.11 -12.40
N GLU A 23 -38.12 -26.92 -12.99
CA GLU A 23 -39.11 -26.51 -13.97
C GLU A 23 -40.53 -26.67 -13.42
N LYS A 24 -41.16 -27.81 -13.72
CA LYS A 24 -42.51 -28.09 -13.27
C LYS A 24 -42.53 -29.38 -12.45
N ASP A 25 -41.53 -30.24 -12.69
CA ASP A 25 -41.42 -31.51 -11.97
C ASP A 25 -40.43 -31.34 -10.82
N PHE A 26 -40.85 -30.62 -9.79
CA PHE A 26 -40.00 -30.36 -8.63
C PHE A 26 -40.34 -31.26 -7.46
N GLU A 27 -39.60 -32.36 -7.33
CA GLU A 27 -39.82 -33.30 -6.23
C GLU A 27 -38.54 -33.50 -5.43
N THR A 28 -38.46 -32.84 -4.27
CA THR A 28 -37.30 -32.93 -3.40
C THR A 28 -35.98 -32.69 -4.13
N ALA A 29 -36.04 -31.93 -5.21
CA ALA A 29 -34.85 -31.63 -6.02
C ALA A 29 -33.70 -31.06 -5.21
N TRP A 30 -33.89 -29.86 -4.68
CA TRP A 30 -32.87 -29.19 -3.88
C TRP A 30 -32.34 -30.10 -2.79
N ARG A 31 -33.22 -30.50 -1.88
CA ARG A 31 -32.86 -31.38 -0.77
C ARG A 31 -32.03 -32.56 -1.23
N GLU A 32 -32.22 -32.96 -2.49
CA GLU A 32 -31.44 -34.06 -3.06
C GLU A 32 -30.22 -33.43 -3.72
N THR A 33 -29.75 -34.06 -4.80
CA THR A 33 -28.59 -33.57 -5.54
C THR A 33 -27.45 -33.06 -4.65
N ARG A 34 -27.50 -33.39 -3.36
CA ARG A 34 -26.49 -32.96 -2.42
C ARG A 34 -25.13 -33.48 -2.87
N ALA A 35 -25.13 -34.61 -3.57
CA ALA A 35 -23.90 -35.20 -4.06
C ALA A 35 -23.35 -34.36 -5.21
N LEU A 36 -22.75 -35.01 -6.20
CA LEU A 36 -22.17 -34.31 -7.34
C LEU A 36 -20.98 -33.48 -6.86
N ILE A 37 -20.82 -33.44 -5.54
CA ILE A 37 -19.74 -32.69 -4.91
C ILE A 37 -19.24 -33.42 -3.66
N LYS A 38 -18.47 -34.48 -3.88
CA LYS A 38 -17.94 -35.29 -2.77
C LYS A 38 -16.70 -34.68 -2.13
N ASP A 39 -16.54 -34.95 -0.83
CA ASP A 39 -15.40 -34.45 -0.07
C ASP A 39 -14.12 -35.10 -0.58
N LYS A 40 -13.22 -34.27 -1.12
CA LYS A 40 -11.96 -34.77 -1.65
C LYS A 40 -11.12 -35.50 -0.60
N HIS A 41 -11.31 -36.82 -0.52
CA HIS A 41 -10.59 -37.66 0.42
C HIS A 41 -10.65 -37.10 1.84
N ILE A 42 -9.88 -37.68 2.74
CA ILE A 42 -9.85 -37.25 4.13
C ILE A 42 -8.51 -36.61 4.43
N ASP A 43 -7.52 -36.88 3.59
CA ASP A 43 -6.18 -36.33 3.77
C ASP A 43 -6.14 -34.86 3.40
N ASN A 44 -7.24 -34.35 2.86
CA ASN A 44 -7.31 -32.94 2.46
C ASN A 44 -8.66 -32.37 2.85
N LYS A 45 -9.05 -32.54 4.12
CA LYS A 45 -10.35 -32.06 4.57
C LYS A 45 -10.32 -30.97 5.63
N TYR A 46 -9.13 -30.48 5.98
CA TYR A 46 -9.01 -29.42 6.98
C TYR A 46 -9.51 -29.88 8.34
N PRO A 47 -8.79 -29.54 9.42
CA PRO A 47 -7.55 -28.76 9.56
C PRO A 47 -6.34 -29.24 8.75
N ARG A 48 -6.43 -30.43 8.18
CA ARG A 48 -5.32 -30.95 7.40
C ARG A 48 -5.04 -30.08 6.18
N LEU A 49 -6.06 -29.34 5.75
CA LEU A 49 -5.96 -28.46 4.60
C LEU A 49 -5.72 -27.02 5.05
N LYS A 50 -4.46 -26.60 5.02
CA LYS A 50 -4.12 -25.23 5.45
C LYS A 50 -4.03 -24.26 4.28
N PRO A 51 -4.24 -22.95 4.55
CA PRO A 51 -4.18 -21.89 3.55
C PRO A 51 -2.78 -21.29 3.42
N VAL A 52 -2.50 -20.70 2.26
CA VAL A 52 -1.20 -20.09 2.03
C VAL A 52 -1.33 -18.66 1.56
N TYR A 53 -0.49 -17.78 2.09
CA TYR A 53 -0.50 -16.37 1.73
C TYR A 53 0.81 -15.72 2.13
N GLY A 54 1.31 -14.81 1.29
CA GLY A 54 2.55 -14.13 1.60
C GLY A 54 2.53 -13.49 2.98
N LYS A 55 3.57 -13.76 3.76
CA LYS A 55 3.66 -13.21 5.11
C LYS A 55 4.73 -12.14 5.18
N PRO A 56 4.34 -10.88 5.42
CA PRO A 56 5.29 -9.77 5.51
C PRO A 56 6.04 -9.73 6.84
N HIS A 57 7.36 -9.55 6.77
CA HIS A 57 8.20 -9.49 7.95
C HIS A 57 7.83 -8.27 8.80
N PRO A 58 7.73 -8.44 10.13
CA PRO A 58 7.37 -7.34 11.05
C PRO A 58 8.19 -6.06 10.92
N VAL A 59 9.49 -6.18 10.70
CA VAL A 59 10.33 -4.99 10.56
C VAL A 59 10.07 -4.29 9.23
N MET A 60 10.11 -5.06 8.14
CA MET A 60 9.90 -4.50 6.81
C MET A 60 8.53 -3.86 6.66
N GLU A 61 7.52 -4.48 7.27
CA GLU A 61 6.16 -3.95 7.22
C GLU A 61 6.17 -2.60 7.94
N THR A 62 6.74 -2.60 9.14
CA THR A 62 6.84 -1.39 9.95
C THR A 62 7.52 -0.28 9.18
N ILE A 63 8.42 -0.66 8.28
CA ILE A 63 9.13 0.30 7.45
C ILE A 63 8.19 0.84 6.39
N GLU A 64 7.40 -0.05 5.80
CA GLU A 64 6.45 0.34 4.76
C GLU A 64 5.31 1.15 5.35
N ARG A 65 5.21 1.15 6.68
CA ARG A 65 4.17 1.91 7.36
C ARG A 65 4.68 3.30 7.69
N LEU A 66 5.92 3.38 8.17
CA LEU A 66 6.53 4.65 8.51
C LEU A 66 6.78 5.40 7.22
N ARG A 67 7.33 4.70 6.24
CA ARG A 67 7.62 5.30 4.94
C ARG A 67 6.35 5.96 4.44
N GLN A 68 5.21 5.37 4.81
CA GLN A 68 3.92 5.89 4.40
C GLN A 68 3.47 6.95 5.38
N ALA A 69 3.90 6.81 6.63
CA ALA A 69 3.54 7.78 7.67
C ALA A 69 4.04 9.17 7.28
N TYR A 70 5.29 9.24 6.84
CA TYR A 70 5.89 10.49 6.43
C TYR A 70 5.21 11.07 5.19
N LEU A 71 5.11 10.26 4.15
CA LEU A 71 4.48 10.69 2.91
C LEU A 71 3.14 11.37 3.15
N ARG A 72 2.44 10.95 4.19
CA ARG A 72 1.14 11.53 4.50
C ARG A 72 1.29 12.84 5.25
N MET A 73 2.52 13.18 5.61
CA MET A 73 2.81 14.43 6.32
C MET A 73 3.42 15.40 5.33
N GLY A 74 3.55 14.96 4.08
CA GLY A 74 4.12 15.80 3.05
C GLY A 74 5.62 15.68 2.89
N PHE A 75 6.26 14.91 3.75
CA PHE A 75 7.72 14.74 3.67
C PHE A 75 8.16 14.11 2.35
N GLU A 76 9.27 14.60 1.82
CA GLU A 76 9.84 14.12 0.57
C GLU A 76 10.80 12.97 0.85
N GLU A 77 10.59 11.83 0.20
CA GLU A 77 11.42 10.65 0.39
C GLU A 77 12.77 10.77 -0.31
N MET A 78 13.84 10.42 0.39
CA MET A 78 15.19 10.50 -0.15
C MET A 78 15.98 9.23 0.10
N ILE A 79 17.21 9.20 -0.39
CA ILE A 79 18.12 8.09 -0.19
C ILE A 79 19.51 8.67 0.02
N ASN A 80 19.90 8.79 1.28
CA ASN A 80 21.20 9.33 1.64
C ASN A 80 22.30 8.32 1.45
N PRO A 81 23.53 8.80 1.18
CA PRO A 81 24.67 7.90 0.98
C PRO A 81 24.87 7.04 2.21
N VAL A 82 25.09 5.74 2.00
CA VAL A 82 25.31 4.82 3.10
C VAL A 82 26.76 4.84 3.56
N ILE A 83 27.68 5.01 2.62
CA ILE A 83 29.09 5.03 2.95
C ILE A 83 29.69 6.44 2.87
N VAL A 84 30.16 6.94 4.01
CA VAL A 84 30.74 8.27 4.09
C VAL A 84 32.21 8.20 4.48
N ASP A 85 32.95 9.25 4.15
CA ASP A 85 34.37 9.32 4.47
C ASP A 85 34.60 9.79 5.90
N GLU A 86 35.63 9.24 6.54
CA GLU A 86 35.97 9.58 7.92
C GLU A 86 35.97 11.08 8.18
N MET A 87 36.27 11.87 7.15
CA MET A 87 36.33 13.32 7.28
C MET A 87 34.95 13.95 7.45
N GLU A 88 33.96 13.38 6.79
CA GLU A 88 32.59 13.90 6.86
C GLU A 88 32.03 13.89 8.28
N ILE A 89 32.50 12.96 9.09
CA ILE A 89 32.03 12.87 10.47
C ILE A 89 32.73 13.91 11.34
N TYR A 90 33.96 14.27 10.96
CA TYR A 90 34.72 15.27 11.69
C TYR A 90 34.04 16.63 11.55
N LYS A 91 33.49 16.90 10.38
CA LYS A 91 32.80 18.17 10.13
C LYS A 91 31.55 18.28 10.99
N GLN A 92 30.81 17.18 11.09
CA GLN A 92 29.58 17.14 11.87
C GLN A 92 29.83 17.13 13.37
N PHE A 93 30.59 16.14 13.85
CA PHE A 93 30.90 16.04 15.26
C PHE A 93 32.04 16.97 15.66
N GLY A 94 33.16 16.82 14.98
CA GLY A 94 34.33 17.65 15.28
C GLY A 94 35.21 17.01 16.33
N PRO A 95 35.70 17.79 17.30
CA PRO A 95 36.57 17.28 18.37
C PRO A 95 35.95 16.11 19.13
N GLU A 96 34.69 15.81 18.85
CA GLU A 96 34.02 14.70 19.52
C GLU A 96 34.09 13.44 18.67
N ALA A 97 34.07 13.62 17.36
CA ALA A 97 34.13 12.50 16.42
C ALA A 97 35.22 11.49 16.76
N MET A 98 36.31 11.99 17.33
CA MET A 98 37.43 11.13 17.70
C MET A 98 37.01 10.13 18.77
N ALA A 99 35.77 10.25 19.22
CA ALA A 99 35.24 9.36 20.24
C ALA A 99 34.10 8.51 19.69
N VAL A 100 33.31 9.08 18.79
CA VAL A 100 32.19 8.37 18.20
C VAL A 100 32.66 7.35 17.17
N LEU A 101 33.76 7.65 16.48
CA LEU A 101 34.29 6.72 15.49
C LEU A 101 34.56 5.37 16.13
N ASP A 102 34.58 5.35 17.46
CA ASP A 102 34.81 4.14 18.22
C ASP A 102 33.78 3.09 17.86
N ARG A 103 32.67 3.55 17.27
CA ARG A 103 31.59 2.66 16.86
C ARG A 103 31.26 2.85 15.38
N CYS A 104 32.24 2.63 14.52
CA CYS A 104 32.06 2.78 13.08
C CYS A 104 32.95 1.82 12.30
N PHE A 105 32.33 0.98 11.48
CA PHE A 105 33.07 0.02 10.67
C PHE A 105 33.75 0.70 9.48
N TYR A 106 34.97 0.25 9.16
CA TYR A 106 35.72 0.80 8.03
C TYR A 106 35.83 -0.26 6.93
N LEU A 107 35.53 0.13 5.70
CA LEU A 107 35.60 -0.79 4.57
C LEU A 107 37.05 -1.12 4.19
N ALA A 108 37.23 -2.25 3.51
CA ALA A 108 38.56 -2.68 3.09
C ALA A 108 38.49 -3.73 1.98
N GLY A 109 39.56 -3.84 1.20
CA GLY A 109 39.59 -4.80 0.11
C GLY A 109 40.98 -5.33 -0.20
N LEU A 110 41.10 -6.07 -1.29
CA LEU A 110 42.38 -6.66 -1.73
C LEU A 110 43.45 -5.57 -1.91
N PRO A 111 44.42 -5.52 -0.99
CA PRO A 111 45.52 -4.53 -1.04
C PRO A 111 46.77 -5.04 -1.77
N ARG A 112 47.92 -4.51 -1.38
CA ARG A 112 49.20 -4.88 -1.95
C ARG A 112 50.20 -5.12 -0.82
N PRO A 113 50.64 -6.37 -0.63
CA PRO A 113 51.59 -6.74 0.42
C PRO A 113 52.97 -6.08 0.31
N ASP A 114 53.16 -5.27 -0.72
CA ASP A 114 54.44 -4.57 -0.93
C ASP A 114 55.59 -5.58 -0.98
N VAL A 115 55.41 -6.64 -1.76
CA VAL A 115 56.42 -7.68 -1.90
C VAL A 115 57.41 -7.36 -3.01
N GLY A 116 57.00 -6.50 -3.93
CA GLY A 116 57.86 -6.11 -5.04
C GLY A 116 57.43 -4.79 -5.67
N LEU A 117 57.86 -4.56 -6.91
CA LEU A 117 57.53 -3.34 -7.62
C LEU A 117 58.09 -2.12 -6.90
N GLY A 118 59.01 -2.37 -5.97
CA GLY A 118 59.62 -1.30 -5.21
C GLY A 118 60.71 -1.81 -4.29
N ASN A 119 60.43 -2.93 -3.62
CA ASN A 119 61.38 -3.55 -2.71
C ASN A 119 62.08 -4.71 -3.40
N GLU A 120 61.63 -5.00 -4.63
CA GLU A 120 62.19 -6.09 -5.42
C GLU A 120 63.53 -5.68 -6.04
N LYS A 121 64.58 -5.70 -5.23
CA LYS A 121 65.91 -5.33 -5.69
C LYS A 121 66.92 -6.41 -5.33
N VAL A 122 66.65 -7.13 -4.24
CA VAL A 122 67.53 -8.19 -3.79
C VAL A 122 66.74 -9.46 -3.49
N GLU A 123 65.56 -9.58 -4.09
CA GLU A 123 64.71 -10.74 -3.89
C GLU A 123 63.73 -10.94 -5.05
N ILE A 124 63.93 -12.02 -5.80
CA ILE A 124 63.08 -12.35 -6.93
C ILE A 124 63.52 -13.68 -7.56
N ILE A 125 64.76 -14.07 -7.27
CA ILE A 125 65.31 -15.31 -7.80
C ILE A 125 65.15 -16.45 -6.79
N LYS A 126 64.00 -16.49 -6.14
CA LYS A 126 63.70 -17.53 -5.15
C LYS A 126 62.55 -18.42 -5.62
N ASN A 127 61.37 -17.82 -5.77
CA ASN A 127 60.19 -18.55 -6.21
C ASN A 127 59.96 -18.43 -7.72
N LEU A 128 60.16 -19.55 -8.43
CA LEU A 128 59.99 -19.56 -9.87
C LEU A 128 59.02 -20.67 -10.30
N GLY A 129 58.14 -21.06 -9.37
CA GLY A 129 57.18 -22.11 -9.66
C GLY A 129 56.98 -23.03 -8.47
N ILE A 130 56.10 -22.63 -7.55
CA ILE A 130 55.81 -23.40 -6.36
C ILE A 130 54.56 -24.27 -6.51
N ASP A 131 54.56 -25.12 -7.53
CA ASP A 131 53.42 -26.02 -7.79
C ASP A 131 53.92 -27.36 -8.32
N ILE A 132 53.03 -28.34 -8.36
CA ILE A 132 53.37 -29.68 -8.85
C ILE A 132 52.28 -30.32 -9.72
N ASP A 133 51.96 -29.66 -10.82
CA ASP A 133 50.95 -30.17 -11.74
C ASP A 133 51.32 -29.89 -13.21
N GLU A 134 50.31 -29.61 -14.03
CA GLU A 134 50.53 -29.34 -15.45
C GLU A 134 50.42 -27.87 -15.83
N GLU A 135 51.17 -27.49 -16.85
CA GLU A 135 51.19 -26.11 -17.34
C GLU A 135 51.33 -26.15 -18.86
N LYS A 136 50.21 -26.24 -19.57
CA LYS A 136 50.22 -26.31 -21.04
C LYS A 136 51.09 -25.26 -21.72
N LYS A 137 51.27 -25.42 -23.02
CA LYS A 137 52.10 -24.51 -23.81
C LYS A 137 53.51 -24.47 -23.26
N GLU A 138 54.24 -23.40 -23.55
CA GLU A 138 55.61 -23.27 -23.07
C GLU A 138 55.84 -21.97 -22.31
N ARG A 139 57.07 -21.45 -22.41
CA ARG A 139 57.48 -20.23 -21.74
C ARG A 139 56.81 -18.98 -22.31
N LEU A 140 55.52 -18.81 -22.01
CA LEU A 140 54.77 -17.64 -22.48
C LEU A 140 54.39 -16.76 -21.29
N ARG A 141 55.41 -16.34 -20.54
CA ARG A 141 55.22 -15.52 -19.35
C ARG A 141 54.17 -14.41 -19.49
N GLU A 142 53.11 -14.53 -18.70
CA GLU A 142 52.01 -13.56 -18.66
C GLU A 142 51.19 -13.50 -19.94
N VAL A 143 49.88 -13.33 -19.78
CA VAL A 143 48.94 -13.24 -20.90
C VAL A 143 47.76 -12.32 -20.55
N LEU A 144 47.33 -12.37 -19.30
CA LEU A 144 46.22 -11.53 -18.85
C LEU A 144 46.71 -10.40 -17.94
N HIS A 145 47.27 -9.36 -18.54
CA HIS A 145 47.78 -8.21 -17.79
C HIS A 145 46.59 -7.33 -17.41
N LEU A 146 45.54 -7.96 -16.90
CA LEU A 146 44.33 -7.24 -16.49
C LEU A 146 44.29 -7.05 -14.98
N TYR A 147 45.31 -6.38 -14.45
CA TYR A 147 45.40 -6.12 -13.02
C TYR A 147 45.04 -4.67 -12.73
N LYS A 148 46.06 -3.81 -12.66
CA LYS A 148 45.87 -2.40 -12.39
C LYS A 148 45.60 -1.59 -13.66
N LYS A 149 45.45 -2.29 -14.78
CA LYS A 149 45.16 -1.64 -16.06
C LYS A 149 43.75 -2.03 -16.49
N GLY A 150 42.76 -1.33 -15.95
CA GLY A 150 41.38 -1.64 -16.29
C GLY A 150 41.05 -3.05 -15.85
N ALA A 151 41.12 -3.28 -14.53
CA ALA A 151 40.85 -4.60 -13.95
C ALA A 151 39.54 -5.22 -14.42
N ILE A 152 39.61 -5.99 -15.50
CA ILE A 152 38.42 -6.65 -16.04
C ILE A 152 38.42 -8.11 -15.60
N ASP A 153 37.96 -8.34 -14.38
CA ASP A 153 37.90 -9.68 -13.81
C ASP A 153 36.75 -9.81 -12.81
N GLY A 154 36.68 -10.96 -12.14
CA GLY A 154 35.62 -11.18 -11.17
C GLY A 154 35.15 -12.62 -11.10
N ASP A 155 35.49 -13.40 -12.13
CA ASP A 155 35.09 -14.80 -12.20
C ASP A 155 36.28 -15.69 -12.49
N ASP A 156 36.01 -16.98 -12.72
CA ASP A 156 37.06 -17.93 -13.05
C ASP A 156 37.12 -18.08 -14.55
N LEU A 157 37.13 -19.32 -15.04
CA LEU A 157 37.17 -19.57 -16.48
C LEU A 157 38.28 -18.72 -17.09
N VAL A 158 39.29 -18.44 -16.29
CA VAL A 158 40.43 -17.63 -16.69
C VAL A 158 40.95 -18.00 -18.07
N PHE A 159 41.67 -19.12 -18.15
CA PHE A 159 42.21 -19.60 -19.42
C PHE A 159 41.47 -20.86 -19.83
N GLU A 160 41.05 -20.93 -21.08
CA GLU A 160 40.31 -22.11 -21.56
C GLU A 160 40.73 -22.57 -22.95
N ILE A 161 39.79 -23.18 -23.65
CA ILE A 161 40.00 -23.70 -25.00
C ILE A 161 38.64 -23.78 -25.70
N ALA A 162 38.65 -23.77 -27.03
CA ALA A 162 37.42 -23.84 -27.80
C ALA A 162 37.42 -24.98 -28.82
N LYS A 163 37.61 -24.62 -30.09
CA LYS A 163 37.63 -25.59 -31.18
C LYS A 163 39.00 -26.27 -31.34
N ALA A 164 39.07 -27.52 -30.88
CA ALA A 164 40.31 -28.30 -30.95
C ALA A 164 40.03 -29.71 -30.43
N LEU A 165 41.07 -30.37 -29.92
CA LEU A 165 40.92 -31.72 -29.40
C LEU A 165 42.02 -32.02 -28.36
N ASN A 166 41.66 -32.78 -27.34
CA ASN A 166 42.59 -33.15 -26.27
C ASN A 166 43.03 -31.91 -25.49
N VAL A 167 42.12 -31.37 -24.68
CA VAL A 167 42.42 -30.19 -23.88
C VAL A 167 41.31 -29.90 -22.86
N SER A 168 40.07 -29.82 -23.33
CA SER A 168 38.92 -29.54 -22.46
C SER A 168 38.97 -28.19 -21.76
N ASN A 169 37.81 -27.73 -21.30
CA ASN A 169 37.68 -26.45 -20.61
C ASN A 169 38.29 -26.49 -19.22
N GLU A 170 39.59 -26.27 -19.13
CA GLU A 170 40.31 -26.29 -17.86
C GLU A 170 41.77 -25.89 -18.09
N MET A 171 42.24 -24.90 -17.34
CA MET A 171 43.62 -24.43 -17.47
C MET A 171 44.03 -23.46 -16.37
N GLY A 172 44.88 -23.93 -15.47
CA GLY A 172 45.37 -23.09 -14.38
C GLY A 172 44.41 -22.92 -13.21
N LEU A 173 43.58 -23.92 -12.96
CA LEU A 173 42.63 -23.85 -11.86
C LEU A 173 43.30 -24.21 -10.52
N LYS A 174 44.63 -24.14 -10.49
CA LYS A 174 45.39 -24.46 -9.29
C LYS A 174 46.65 -23.62 -9.15
N VAL A 175 46.59 -22.59 -8.31
CA VAL A 175 47.74 -21.73 -8.07
C VAL A 175 47.87 -21.40 -6.59
N LEU A 176 47.27 -22.24 -5.75
CA LEU A 176 47.31 -22.07 -4.30
C LEU A 176 47.38 -23.41 -3.58
N GLU A 177 46.82 -23.45 -2.37
CA GLU A 177 46.81 -24.66 -1.55
C GLU A 177 48.23 -25.07 -1.16
N THR A 178 48.92 -25.77 -2.07
CA THR A 178 50.29 -26.21 -1.82
C THR A 178 51.26 -25.10 -2.20
N ALA A 179 50.80 -23.86 -2.10
CA ALA A 179 51.61 -22.69 -2.42
C ALA A 179 51.03 -21.44 -1.76
N PHE A 180 51.60 -20.28 -2.08
CA PHE A 180 51.17 -19.01 -1.52
C PHE A 180 50.91 -19.10 -0.02
N PRO A 181 51.97 -19.04 0.80
CA PRO A 181 51.83 -19.13 2.26
C PRO A 181 51.20 -17.87 2.86
N GLU A 182 51.54 -16.71 2.30
CA GLU A 182 51.01 -15.43 2.78
C GLU A 182 49.93 -14.88 1.85
N PHE A 183 48.89 -15.67 1.64
CA PHE A 183 47.77 -15.27 0.78
C PHE A 183 46.45 -15.60 1.47
N LYS A 184 46.46 -16.66 2.27
CA LYS A 184 45.27 -17.09 2.99
C LYS A 184 45.07 -16.18 4.20
N ASP A 185 46.18 -15.70 4.76
CA ASP A 185 46.15 -14.81 5.91
C ASP A 185 46.21 -13.36 5.43
N LEU A 186 46.12 -13.18 4.12
CA LEU A 186 46.16 -11.85 3.50
C LEU A 186 45.27 -10.91 4.29
N LYS A 187 45.77 -9.70 4.54
CA LYS A 187 45.02 -8.71 5.30
C LYS A 187 44.63 -7.49 4.45
N PRO A 188 43.35 -7.41 4.06
CA PRO A 188 42.86 -6.28 3.25
C PRO A 188 43.03 -4.97 4.00
N GLU A 189 43.86 -4.08 3.47
CA GLU A 189 44.12 -2.80 4.10
C GLU A 189 42.86 -1.95 4.21
N SER A 190 42.73 -1.24 5.32
CA SER A 190 41.58 -0.39 5.58
C SER A 190 41.55 0.81 4.63
N THR A 191 40.55 1.67 4.80
CA THR A 191 40.40 2.86 3.97
C THR A 191 39.82 4.01 4.79
N THR A 192 39.61 5.14 4.12
CA THR A 192 39.05 6.32 4.79
C THR A 192 37.53 6.31 4.64
N LEU A 193 37.01 5.25 4.03
CA LEU A 193 35.57 5.10 3.83
C LEU A 193 34.96 4.25 4.92
N THR A 194 33.99 4.82 5.63
CA THR A 194 33.31 4.13 6.72
C THR A 194 31.81 4.10 6.47
N LEU A 195 31.11 3.19 7.13
CA LEU A 195 29.66 3.08 6.98
C LEU A 195 29.00 4.29 7.61
N ARG A 196 28.11 4.08 8.58
CA ARG A 196 27.46 5.22 9.21
C ARG A 196 26.60 4.89 10.43
N SER A 197 25.71 5.82 10.75
CA SER A 197 24.80 5.70 11.87
C SER A 197 23.86 6.91 11.82
N HIS A 198 22.57 6.65 11.63
CA HIS A 198 21.55 7.71 11.54
C HIS A 198 21.73 8.42 10.20
N MET A 199 20.63 8.71 9.53
CA MET A 199 20.68 9.39 8.24
C MET A 199 21.45 10.70 8.35
N THR A 200 21.67 11.17 9.57
CA THR A 200 22.40 12.41 9.79
C THR A 200 23.69 12.50 9.00
N SER A 201 24.63 11.60 9.28
CA SER A 201 25.92 11.58 8.58
C SER A 201 25.74 11.59 7.07
N GLY A 202 24.50 11.41 6.63
CA GLY A 202 24.21 11.43 5.20
C GLY A 202 23.44 12.69 4.87
N TRP A 203 22.54 13.09 5.77
CA TRP A 203 21.73 14.27 5.58
C TRP A 203 22.56 15.50 5.21
N PHE A 204 23.59 15.79 6.01
CA PHE A 204 24.44 16.92 5.73
C PHE A 204 24.86 16.88 4.27
N ILE A 205 25.50 15.78 3.87
CA ILE A 205 25.96 15.61 2.50
C ILE A 205 24.80 15.86 1.54
N THR A 206 23.72 15.13 1.76
CA THR A 206 22.53 15.27 0.93
C THR A 206 21.98 16.69 0.97
N LEU A 207 22.31 17.42 2.04
CA LEU A 207 21.85 18.79 2.19
C LEU A 207 22.80 19.78 1.54
N SER A 208 24.06 19.78 2.00
CA SER A 208 25.09 20.68 1.48
C SER A 208 24.90 21.02 0.02
N SER A 209 24.72 20.00 -0.82
CA SER A 209 24.54 20.22 -2.24
C SER A 209 23.08 20.04 -2.64
N LEU A 210 22.19 20.74 -1.94
CA LEU A 210 20.76 20.65 -2.22
C LEU A 210 20.02 21.92 -1.84
N ILE A 211 20.54 22.63 -0.85
CA ILE A 211 19.91 23.85 -0.38
C ILE A 211 19.83 24.91 -1.46
N LYS A 212 20.88 25.02 -2.26
CA LYS A 212 20.91 26.01 -3.33
C LYS A 212 20.28 25.52 -4.64
N LYS A 213 19.76 24.30 -4.63
CA LYS A 213 19.13 23.75 -5.83
C LYS A 213 17.62 23.78 -5.71
N ARG A 214 17.12 23.74 -4.47
CA ARG A 214 15.69 23.75 -4.21
C ARG A 214 15.26 25.03 -3.51
N LYS A 215 13.96 25.21 -3.35
CA LYS A 215 13.42 26.39 -2.69
C LYS A 215 12.81 25.98 -1.35
N LEU A 216 13.18 26.69 -0.29
CA LEU A 216 12.68 26.39 1.05
C LEU A 216 11.25 26.90 1.29
N PRO A 217 10.60 26.44 2.38
CA PRO A 217 11.09 25.50 3.38
C PRO A 217 11.33 24.13 2.76
N LEU A 218 12.01 23.25 3.49
CA LEU A 218 12.30 21.92 2.96
C LEU A 218 12.08 20.80 3.97
N LYS A 219 11.30 19.80 3.57
CA LYS A 219 11.01 18.66 4.43
C LYS A 219 11.43 17.37 3.74
N LEU A 220 12.32 16.61 4.37
CA LEU A 220 12.82 15.37 3.79
C LEU A 220 12.87 14.21 4.79
N PHE A 221 12.81 12.99 4.26
CA PHE A 221 12.85 11.78 5.10
C PHE A 221 13.44 10.60 4.33
N SER A 222 14.06 9.69 5.06
CA SER A 222 14.66 8.50 4.45
C SER A 222 14.83 7.39 5.46
N ILE A 223 14.05 6.33 5.30
CA ILE A 223 14.12 5.19 6.21
C ILE A 223 15.00 4.13 5.57
N ASP A 224 16.26 4.07 5.98
CA ASP A 224 17.20 3.11 5.44
C ASP A 224 18.07 2.48 6.52
N ARG A 225 18.97 1.60 6.12
CA ARG A 225 19.87 0.92 7.04
C ARG A 225 20.99 1.80 7.57
N CYS A 226 21.62 1.34 8.64
CA CYS A 226 22.74 2.01 9.28
C CYS A 226 23.49 0.96 10.08
N PHE A 227 24.77 1.21 10.34
CA PHE A 227 25.56 0.24 11.09
C PHE A 227 26.24 0.83 12.32
N ARG A 228 25.69 0.53 13.48
CA ARG A 228 26.23 1.03 14.75
C ARG A 228 27.09 -0.05 15.38
N ARG A 229 28.41 0.09 15.19
CA ARG A 229 29.38 -0.86 15.71
C ARG A 229 29.18 -1.15 17.20
N GLU A 230 28.88 -2.41 17.51
CA GLU A 230 28.68 -2.86 18.88
C GLU A 230 29.52 -4.10 19.14
N GLN A 231 29.95 -4.74 18.05
CA GLN A 231 30.77 -5.95 18.12
C GLN A 231 30.10 -7.05 18.93
N ARG A 232 29.40 -7.95 18.23
CA ARG A 232 28.70 -9.06 18.85
C ARG A 232 27.75 -8.63 19.98
N GLU A 233 26.48 -8.54 19.65
CA GLU A 233 25.45 -8.15 20.61
C GLU A 233 24.18 -8.96 20.38
N ASP A 234 24.02 -10.04 21.15
CA ASP A 234 22.85 -10.89 21.04
C ASP A 234 21.81 -10.47 22.06
N ARG A 235 22.18 -9.50 22.90
CA ARG A 235 21.29 -9.00 23.94
C ARG A 235 21.29 -7.47 23.96
N SER A 236 21.68 -6.87 22.84
CA SER A 236 21.73 -5.41 22.71
C SER A 236 21.84 -5.03 21.23
N HIS A 237 20.73 -5.16 20.50
CA HIS A 237 20.69 -4.84 19.08
C HIS A 237 21.78 -5.60 18.32
N LEU A 238 21.87 -5.36 17.02
CA LEU A 238 22.87 -6.03 16.20
C LEU A 238 23.93 -5.06 15.71
N MET A 239 24.36 -5.24 14.46
CA MET A 239 25.39 -4.38 13.88
C MET A 239 24.81 -3.49 12.79
N SER A 240 23.54 -3.75 12.43
CA SER A 240 22.87 -2.97 11.40
C SER A 240 21.38 -2.83 11.70
N TYR A 241 20.95 -1.59 11.91
CA TYR A 241 19.55 -1.32 12.21
C TYR A 241 18.97 -0.36 11.16
N HIS A 242 17.67 -0.13 11.24
CA HIS A 242 16.99 0.76 10.31
C HIS A 242 16.63 2.05 11.02
N SER A 243 17.04 3.18 10.45
CA SER A 243 16.75 4.47 11.05
C SER A 243 15.74 5.25 10.21
N ALA A 244 14.59 5.56 10.81
CA ALA A 244 13.55 6.30 10.11
C ALA A 244 13.76 7.78 10.40
N SER A 245 14.81 8.35 9.79
CA SER A 245 15.15 9.75 10.00
C SER A 245 14.47 10.70 9.02
N CYS A 246 14.60 12.00 9.32
CA CYS A 246 14.04 13.05 8.49
C CYS A 246 14.66 14.38 8.90
N VAL A 247 14.57 15.36 8.02
CA VAL A 247 15.13 16.68 8.30
C VAL A 247 14.24 17.78 7.76
N VAL A 248 14.14 18.88 8.51
CA VAL A 248 13.33 20.00 8.11
C VAL A 248 14.17 21.26 7.96
N VAL A 249 14.39 21.67 6.72
CA VAL A 249 15.17 22.86 6.42
C VAL A 249 14.23 24.05 6.38
N GLY A 250 14.35 24.92 7.38
CA GLY A 250 13.50 26.09 7.44
C GLY A 250 14.21 27.30 7.99
N GLU A 251 14.00 28.45 7.34
CA GLU A 251 14.63 29.69 7.76
C GLU A 251 14.20 30.04 9.19
N ASP A 252 13.16 29.38 9.67
CA ASP A 252 12.64 29.61 11.01
C ASP A 252 12.13 28.33 11.65
N VAL A 253 13.04 27.52 12.20
CA VAL A 253 12.66 26.27 12.83
C VAL A 253 13.36 26.09 14.18
N SER A 254 12.79 25.27 15.05
CA SER A 254 13.36 25.01 16.36
C SER A 254 12.99 23.61 16.82
N VAL A 255 13.39 23.28 18.04
CA VAL A 255 13.12 21.95 18.59
C VAL A 255 11.63 21.61 18.46
N ASP A 256 10.78 22.62 18.56
CA ASP A 256 9.34 22.41 18.46
C ASP A 256 8.98 21.69 17.17
N ASP A 257 9.57 22.14 16.06
CA ASP A 257 9.32 21.50 14.77
C ASP A 257 9.65 20.02 14.86
N GLY A 258 10.41 19.66 15.88
CA GLY A 258 10.78 18.27 16.08
C GLY A 258 9.72 17.55 16.88
N LYS A 259 9.27 18.18 17.95
CA LYS A 259 8.24 17.60 18.80
C LYS A 259 7.02 17.27 17.95
N VAL A 260 6.57 18.25 17.18
CA VAL A 260 5.41 18.08 16.32
C VAL A 260 5.54 16.87 15.38
N VAL A 261 6.71 16.72 14.77
CA VAL A 261 6.94 15.61 13.87
C VAL A 261 6.77 14.29 14.63
N ALA A 262 7.51 14.16 15.73
CA ALA A 262 7.45 12.97 16.55
C ALA A 262 6.01 12.60 16.89
N GLU A 263 5.17 13.62 17.08
CA GLU A 263 3.77 13.38 17.40
C GLU A 263 3.04 12.92 16.15
N GLY A 264 3.00 13.79 15.15
CA GLY A 264 2.34 13.44 13.91
C GLY A 264 2.79 12.11 13.33
N LEU A 265 3.95 11.66 13.78
CA LEU A 265 4.51 10.39 13.33
C LEU A 265 3.93 9.25 14.17
N LEU A 266 4.18 9.30 15.48
CA LEU A 266 3.68 8.27 16.38
C LEU A 266 2.15 8.25 16.38
N ALA A 267 1.54 9.42 16.27
CA ALA A 267 0.09 9.54 16.27
C ALA A 267 -0.56 8.66 15.21
N GLN A 268 0.22 8.21 14.23
CA GLN A 268 -0.31 7.37 13.16
C GLN A 268 -0.15 5.88 13.45
N PHE A 269 0.06 5.55 14.72
CA PHE A 269 0.19 4.16 15.13
C PHE A 269 -0.71 3.89 16.32
N GLY A 270 -1.43 4.91 16.76
CA GLY A 270 -2.32 4.75 17.89
C GLY A 270 -1.68 5.22 19.19
N PHE A 271 -0.56 5.92 19.06
CA PHE A 271 0.15 6.43 20.23
C PHE A 271 -0.37 7.80 20.65
N THR A 272 -0.77 7.92 21.91
CA THR A 272 -1.27 9.18 22.45
C THR A 272 -0.42 9.63 23.63
N LYS A 273 0.39 8.71 24.15
CA LYS A 273 1.26 9.02 25.28
C LYS A 273 2.72 8.84 24.91
N PHE A 274 3.50 9.91 25.00
CA PHE A 274 4.92 9.86 24.69
C PHE A 274 5.79 10.86 25.46
N LYS A 275 5.56 12.16 25.25
CA LYS A 275 6.32 13.20 25.93
C LYS A 275 7.81 13.16 25.57
N PHE A 276 8.51 14.26 25.83
CA PHE A 276 9.94 14.35 25.52
C PHE A 276 10.77 14.75 26.74
N LYS A 277 12.05 14.38 26.74
CA LYS A 277 12.96 14.70 27.83
C LYS A 277 14.37 14.93 27.30
N PRO A 278 14.99 16.05 27.69
CA PRO A 278 16.35 16.43 27.28
C PRO A 278 17.38 15.30 27.38
N ASP A 279 18.17 15.13 26.34
CA ASP A 279 19.19 14.09 26.31
C ASP A 279 20.49 14.57 26.94
N GLU A 280 21.02 13.78 27.87
CA GLU A 280 22.25 14.13 28.58
C GLU A 280 23.47 14.09 27.66
N LYS A 281 23.45 13.18 26.69
CA LYS A 281 24.57 13.04 25.76
C LYS A 281 25.02 14.38 25.18
N LYS A 282 24.06 15.29 24.97
CA LYS A 282 24.36 16.60 24.42
C LYS A 282 25.37 16.54 23.29
N SER A 283 25.05 15.76 22.25
CA SER A 283 25.93 15.61 21.09
C SER A 283 26.30 16.99 20.56
N LYS A 284 27.59 17.19 20.32
CA LYS A 284 28.10 18.47 19.82
C LYS A 284 27.74 18.80 18.37
N TYR A 285 27.06 17.91 17.69
CA TYR A 285 26.66 18.16 16.30
C TYR A 285 25.22 18.68 16.34
N TYR A 286 24.76 18.92 17.55
CA TYR A 286 23.42 19.43 17.82
C TYR A 286 23.55 20.71 18.64
N THR A 287 22.80 21.75 18.26
CA THR A 287 22.85 23.00 19.02
C THR A 287 22.54 22.62 20.47
N PRO A 288 23.25 23.22 21.43
CA PRO A 288 23.01 22.91 22.84
C PRO A 288 21.55 23.03 23.29
N GLU A 289 21.16 22.14 24.19
CA GLU A 289 19.81 22.11 24.76
C GLU A 289 18.67 21.82 23.79
N THR A 290 18.95 21.03 22.75
CA THR A 290 17.91 20.67 21.79
C THR A 290 17.74 19.17 21.71
N GLN A 291 18.85 18.44 21.83
CA GLN A 291 18.77 16.99 21.76
C GLN A 291 17.85 16.45 22.84
N THR A 292 16.62 16.18 22.45
CA THR A 292 15.61 15.66 23.36
C THR A 292 15.16 14.28 22.94
N GLU A 293 15.17 13.33 23.88
CA GLU A 293 14.76 11.96 23.61
C GLU A 293 13.23 11.94 23.48
N VAL A 294 12.71 10.93 22.80
CA VAL A 294 11.26 10.82 22.64
C VAL A 294 10.76 9.44 23.07
N TYR A 295 10.50 9.31 24.37
CA TYR A 295 10.00 8.06 24.94
C TYR A 295 8.56 7.84 24.52
N ALA A 296 8.18 6.58 24.34
CA ALA A 296 6.83 6.25 23.92
C ALA A 296 6.26 5.05 24.68
N TYR A 297 4.97 5.14 25.01
CA TYR A 297 4.28 4.07 25.72
C TYR A 297 2.90 3.85 25.10
N HIS A 298 2.79 2.83 24.25
CA HIS A 298 1.54 2.50 23.59
C HIS A 298 0.66 1.75 24.59
N PRO A 299 -0.66 2.01 24.56
CA PRO A 299 -1.61 1.35 25.47
C PRO A 299 -1.48 -0.17 25.47
N LYS A 300 -0.44 -0.68 26.13
CA LYS A 300 -0.19 -2.11 26.21
C LYS A 300 1.16 -2.37 26.90
N LEU A 301 1.77 -3.51 26.61
CA LEU A 301 3.07 -3.85 27.20
C LEU A 301 4.18 -2.96 26.66
N GLY A 302 5.40 -3.18 27.14
CA GLY A 302 6.53 -2.38 26.69
C GLY A 302 6.59 -1.08 27.46
N GLU A 303 7.24 -1.11 28.62
CA GLU A 303 7.38 0.06 29.48
C GLU A 303 7.81 1.27 28.66
N TRP A 304 7.57 2.48 29.17
CA TRP A 304 7.94 3.69 28.45
C TRP A 304 9.34 3.53 27.87
N ILE A 305 9.38 3.24 26.57
CA ILE A 305 10.65 3.04 25.87
C ILE A 305 10.91 4.13 24.84
N GLU A 306 12.17 4.49 24.71
CA GLU A 306 12.60 5.53 23.77
C GLU A 306 12.46 5.03 22.33
N VAL A 307 11.58 5.69 21.57
CA VAL A 307 11.35 5.31 20.17
C VAL A 307 12.06 6.26 19.23
N ALA A 308 12.26 7.50 19.67
CA ALA A 308 12.92 8.49 18.84
C ALA A 308 13.90 9.36 19.61
N THR A 309 14.39 10.40 18.93
CA THR A 309 15.34 11.34 19.49
C THR A 309 15.66 12.35 18.39
N PHE A 310 15.47 13.63 18.68
CA PHE A 310 15.72 14.66 17.69
C PHE A 310 16.49 15.85 18.26
N GLY A 311 16.98 16.69 17.35
CA GLY A 311 17.74 17.86 17.76
C GLY A 311 17.89 18.84 16.61
N VAL A 312 18.71 19.87 16.83
CA VAL A 312 18.96 20.88 15.83
C VAL A 312 20.44 20.92 15.48
N TYR A 313 20.73 20.94 14.18
CA TYR A 313 22.11 20.97 13.72
C TYR A 313 22.77 22.30 14.08
N SER A 314 23.82 22.24 14.90
CA SER A 314 24.54 23.44 15.32
C SER A 314 25.08 24.21 14.12
N PRO A 315 24.83 25.52 14.07
CA PRO A 315 25.30 26.38 12.97
C PRO A 315 26.73 26.06 12.55
N ILE A 316 27.58 25.76 13.53
CA ILE A 316 28.97 25.44 13.27
C ILE A 316 29.05 24.26 12.30
N ALA A 317 28.39 23.16 12.67
CA ALA A 317 28.39 21.96 11.85
C ALA A 317 27.79 22.27 10.47
N LEU A 318 26.64 22.93 10.46
CA LEU A 318 25.98 23.29 9.22
C LEU A 318 26.86 24.23 8.42
N ALA A 319 27.69 24.99 9.12
CA ALA A 319 28.60 25.93 8.47
C ALA A 319 29.61 25.15 7.67
N LYS A 320 30.25 24.17 8.31
CA LYS A 320 31.26 23.36 7.65
C LYS A 320 30.73 22.72 6.37
N TYR A 321 29.41 22.59 6.25
CA TYR A 321 28.83 22.00 5.06
C TYR A 321 28.25 23.05 4.13
N ASN A 322 28.58 24.31 4.41
CA ASN A 322 28.11 25.43 3.59
C ASN A 322 26.59 25.57 3.60
N ILE A 323 25.99 25.37 4.78
CA ILE A 323 24.54 25.48 4.93
C ILE A 323 24.19 26.73 5.73
N ASP A 324 23.56 27.70 5.07
CA ASP A 324 23.20 28.96 5.72
C ASP A 324 21.78 28.97 6.30
N VAL A 325 21.45 27.95 7.08
CA VAL A 325 20.12 27.89 7.68
C VAL A 325 19.99 26.69 8.62
N PRO A 326 19.34 26.90 9.78
CA PRO A 326 19.15 25.83 10.76
C PRO A 326 18.40 24.63 10.20
N VAL A 327 18.69 23.46 10.77
CA VAL A 327 18.05 22.22 10.35
C VAL A 327 17.62 21.41 11.55
N MET A 328 16.43 20.82 11.48
CA MET A 328 15.90 20.01 12.55
C MET A 328 15.92 18.56 12.08
N ASN A 329 16.44 17.67 12.92
CA ASN A 329 16.52 16.26 12.57
C ASN A 329 15.93 15.36 13.63
N LEU A 330 14.98 14.52 13.22
CA LEU A 330 14.34 13.57 14.13
C LEU A 330 14.62 12.14 13.66
N GLY A 331 15.13 11.32 14.57
CA GLY A 331 15.41 9.95 14.22
C GLY A 331 14.49 9.00 14.96
N LEU A 332 14.22 7.85 14.38
CA LEU A 332 13.34 6.88 15.02
C LEU A 332 13.79 5.47 14.69
N GLY A 333 14.13 4.71 15.72
CA GLY A 333 14.57 3.34 15.51
C GLY A 333 13.40 2.48 15.05
N VAL A 334 13.49 1.98 13.82
CA VAL A 334 12.42 1.17 13.27
C VAL A 334 12.24 -0.11 14.09
N GLU A 335 13.33 -0.86 14.28
CA GLU A 335 13.26 -2.10 15.04
C GLU A 335 12.73 -1.80 16.43
N ARG A 336 13.00 -0.60 16.92
CA ARG A 336 12.56 -0.16 18.23
C ARG A 336 11.02 -0.19 18.27
N LEU A 337 10.42 0.69 17.48
CA LEU A 337 8.97 0.78 17.38
C LEU A 337 8.41 -0.56 16.96
N ALA A 338 9.18 -1.28 16.15
CA ALA A 338 8.79 -2.59 15.65
C ALA A 338 8.38 -3.51 16.79
N MET A 339 9.26 -3.64 17.77
CA MET A 339 8.99 -4.50 18.93
C MET A 339 7.76 -4.06 19.69
N ILE A 340 7.56 -2.76 19.82
CA ILE A 340 6.40 -2.23 20.53
C ILE A 340 5.12 -2.63 19.84
N ILE A 341 5.11 -2.52 18.51
CA ILE A 341 3.94 -2.88 17.73
C ILE A 341 3.57 -4.34 17.87
N TYR A 342 4.44 -5.22 17.38
CA TYR A 342 4.18 -6.66 17.43
C TYR A 342 4.50 -7.30 18.79
N GLY A 343 4.74 -6.47 19.80
CA GLY A 343 5.04 -6.99 21.12
C GLY A 343 6.18 -7.99 21.16
N TYR A 344 7.36 -7.57 20.74
CA TYR A 344 8.53 -8.45 20.75
C TYR A 344 9.50 -8.02 21.84
N GLU A 345 10.11 -9.00 22.50
CA GLU A 345 11.07 -8.73 23.55
C GLU A 345 12.48 -8.76 22.94
N ASP A 346 12.93 -9.97 22.60
CA ASP A 346 14.24 -10.14 22.00
C ASP A 346 14.26 -9.55 20.58
N VAL A 347 15.10 -8.53 20.37
CA VAL A 347 15.20 -7.90 19.06
C VAL A 347 15.57 -8.94 18.00
N ARG A 348 16.62 -9.71 18.27
CA ARG A 348 17.10 -10.74 17.36
C ARG A 348 15.96 -11.65 16.93
N ALA A 349 15.20 -12.14 17.91
CA ALA A 349 14.08 -13.03 17.63
C ALA A 349 13.07 -12.39 16.68
N MET A 350 13.21 -11.09 16.45
CA MET A 350 12.31 -10.38 15.57
C MET A 350 12.93 -10.12 14.21
N VAL A 351 14.10 -9.48 14.21
CA VAL A 351 14.80 -9.18 12.98
C VAL A 351 14.99 -10.44 12.15
N TYR A 352 15.21 -11.57 12.83
CA TYR A 352 15.40 -12.85 12.16
C TYR A 352 14.44 -13.89 12.74
N PRO A 353 13.13 -13.70 12.50
CA PRO A 353 12.05 -14.59 12.97
C PRO A 353 12.44 -16.05 13.13
N GLN A 354 12.90 -16.66 12.04
CA GLN A 354 13.29 -18.06 12.07
C GLN A 354 14.79 -18.19 12.25
N PHE A 355 15.18 -18.44 13.49
CA PHE A 355 16.58 -18.61 13.87
C PHE A 355 16.56 -19.22 15.27
N TYR A 356 15.36 -19.52 15.75
CA TYR A 356 15.19 -20.11 17.07
C TYR A 356 13.80 -20.72 17.25
N GLU A 357 12.84 -19.88 17.65
CA GLU A 357 11.47 -20.35 17.87
C GLU A 357 10.77 -20.81 16.60
N TYR A 358 9.59 -21.40 16.78
CA TYR A 358 8.78 -21.91 15.67
C TYR A 358 7.54 -22.60 16.22
N ARG A 359 7.19 -22.25 17.47
CA ARG A 359 6.04 -22.83 18.15
C ARG A 359 4.84 -23.09 17.25
N LEU A 360 4.31 -24.31 17.34
CA LEU A 360 3.16 -24.72 16.56
C LEU A 360 1.88 -24.57 17.37
N SER A 361 1.02 -23.65 16.94
CA SER A 361 -0.25 -23.40 17.61
C SER A 361 -1.21 -24.57 17.43
N ASP A 362 -2.13 -24.72 18.36
CA ASP A 362 -3.11 -25.81 18.31
C ASP A 362 -3.70 -25.97 16.91
N ARG A 363 -4.02 -24.83 16.29
CA ARG A 363 -4.60 -24.84 14.96
C ARG A 363 -3.70 -25.59 13.97
N ASP A 364 -2.41 -25.64 14.26
CA ASP A 364 -1.45 -26.32 13.40
C ASP A 364 -1.43 -27.82 13.70
N ILE A 365 -1.38 -28.16 14.98
CA ILE A 365 -1.36 -29.56 15.40
C ILE A 365 -2.48 -30.35 14.74
N ALA A 366 -3.69 -29.81 14.80
CA ALA A 366 -4.85 -30.46 14.20
C ALA A 366 -4.56 -30.86 12.76
N GLY A 367 -3.91 -29.95 12.03
CA GLY A 367 -3.58 -30.22 10.64
C GLY A 367 -2.33 -31.05 10.48
N MET A 368 -1.83 -31.59 11.59
CA MET A 368 -0.64 -32.41 11.55
C MET A 368 -0.90 -33.80 12.13
N ILE A 369 -2.16 -34.06 12.47
CA ILE A 369 -2.58 -35.36 12.99
C ILE A 369 -3.21 -36.10 11.83
N ARG A 370 -2.37 -36.59 10.93
CA ARG A 370 -2.84 -37.30 9.74
C ARG A 370 -3.29 -38.73 10.02
N VAL A 371 -3.76 -39.41 8.99
CA VAL A 371 -4.23 -40.80 9.12
C VAL A 371 -3.14 -41.77 8.70
N ASP A 372 -2.87 -42.75 9.55
CA ASP A 372 -1.84 -43.75 9.29
C ASP A 372 -1.97 -44.46 7.96
N LYS A 373 -2.88 -45.44 7.88
CA LYS A 373 -3.09 -46.18 6.65
C LYS A 373 -4.51 -46.02 6.12
N VAL A 374 -4.63 -45.99 4.80
CA VAL A 374 -5.93 -45.84 4.15
C VAL A 374 -5.93 -46.56 2.81
N PRO A 375 -7.12 -46.96 2.34
CA PRO A 375 -7.24 -47.65 1.06
C PRO A 375 -6.68 -46.80 -0.07
N ILE A 376 -5.89 -47.41 -0.95
CA ILE A 376 -5.30 -46.70 -2.07
C ILE A 376 -6.12 -46.94 -3.34
N LEU A 377 -7.36 -47.41 -3.15
CA LEU A 377 -8.25 -47.68 -4.26
C LEU A 377 -9.57 -46.94 -4.04
N ASP A 378 -9.85 -45.98 -4.91
CA ASP A 378 -11.06 -45.17 -4.83
C ASP A 378 -12.27 -46.02 -4.47
N GLU A 379 -12.36 -47.21 -5.04
CA GLU A 379 -13.46 -48.11 -4.76
C GLU A 379 -13.51 -48.48 -3.28
N PHE A 380 -12.41 -49.03 -2.78
CA PHE A 380 -12.34 -49.42 -1.38
C PHE A 380 -12.52 -48.22 -0.47
N TYR A 381 -11.81 -47.13 -0.79
CA TYR A 381 -11.91 -45.92 0.01
C TYR A 381 -13.38 -45.60 0.19
N ASN A 382 -14.11 -45.56 -0.91
CA ASN A 382 -15.54 -45.28 -0.86
C ASN A 382 -16.23 -46.29 0.06
N PHE A 383 -15.82 -47.56 -0.05
CA PHE A 383 -16.39 -48.61 0.77
C PHE A 383 -16.20 -48.30 2.25
N ALA A 384 -15.04 -47.76 2.59
CA ALA A 384 -14.76 -47.41 3.97
C ALA A 384 -15.85 -46.48 4.49
N ASN A 385 -15.89 -45.28 3.93
CA ASN A 385 -16.88 -44.28 4.33
C ASN A 385 -18.26 -44.91 4.46
N GLU A 386 -18.63 -45.73 3.48
CA GLU A 386 -19.92 -46.40 3.50
C GLU A 386 -19.98 -47.37 4.67
N LEU A 387 -18.90 -48.13 4.86
CA LEU A 387 -18.81 -49.11 5.92
C LEU A 387 -18.82 -48.43 7.29
N ILE A 388 -18.32 -47.20 7.33
CA ILE A 388 -18.26 -46.44 8.57
C ILE A 388 -19.65 -46.00 9.06
N ASP A 389 -20.45 -45.45 8.16
CA ASP A 389 -21.80 -45.01 8.52
C ASP A 389 -22.63 -46.20 8.98
N ILE A 390 -22.28 -47.38 8.49
CA ILE A 390 -22.99 -48.60 8.86
C ILE A 390 -22.73 -48.96 10.32
N CYS A 391 -21.46 -49.03 10.68
CA CYS A 391 -21.06 -49.37 12.04
C CYS A 391 -21.78 -48.53 13.08
N ILE A 392 -22.33 -47.40 12.65
CA ILE A 392 -23.06 -46.54 13.57
C ILE A 392 -24.40 -47.22 13.83
N ALA A 393 -24.40 -48.19 14.75
CA ALA A 393 -25.60 -48.92 15.10
C ALA A 393 -25.46 -49.73 16.40
N ASN A 394 -26.60 -50.06 16.99
CA ASN A 394 -26.68 -50.84 18.24
C ASN A 394 -25.74 -50.50 19.38
N LYS A 395 -25.76 -51.35 20.40
CA LYS A 395 -24.94 -51.19 21.61
C LYS A 395 -24.40 -52.54 22.08
N ASP A 396 -24.43 -52.78 23.39
CA ASP A 396 -23.93 -54.02 23.99
C ASP A 396 -24.80 -55.22 23.62
N LYS A 397 -24.26 -56.42 23.82
CA LYS A 397 -24.97 -57.66 23.52
C LYS A 397 -24.03 -58.86 23.66
N GLU A 398 -22.83 -58.62 24.20
CA GLU A 398 -21.84 -59.67 24.38
C GLU A 398 -21.72 -60.53 23.12
N SER A 399 -22.05 -59.92 21.98
CA SER A 399 -22.01 -60.59 20.68
C SER A 399 -23.02 -61.75 20.62
N PRO A 400 -23.49 -62.11 19.42
CA PRO A 400 -23.15 -61.52 18.12
C PRO A 400 -24.20 -60.54 17.61
N CYS A 401 -24.61 -60.72 16.35
CA CYS A 401 -25.60 -59.86 15.72
C CYS A 401 -26.06 -60.49 14.40
N SER A 402 -26.25 -59.63 13.40
CA SER A 402 -26.67 -60.04 12.07
C SER A 402 -26.18 -59.00 11.06
N VAL A 403 -24.87 -58.73 11.08
CA VAL A 403 -24.28 -57.76 10.17
C VAL A 403 -23.07 -58.35 9.44
N GLU A 404 -23.33 -59.36 8.60
CA GLU A 404 -22.26 -60.02 7.85
C GLU A 404 -22.29 -59.77 6.35
N VAL A 405 -23.38 -60.18 5.69
CA VAL A 405 -23.53 -60.01 4.25
C VAL A 405 -23.06 -58.63 3.79
N LYS A 406 -22.03 -58.60 2.94
CA LYS A 406 -21.49 -57.33 2.46
C LYS A 406 -21.17 -57.28 0.96
N ARG A 407 -20.81 -56.08 0.51
CA ARG A 407 -20.47 -55.81 -0.89
C ARG A 407 -19.67 -56.90 -1.58
N GLU A 408 -19.62 -56.82 -2.91
CA GLU A 408 -18.91 -57.79 -3.74
C GLU A 408 -18.33 -57.17 -5.00
N PHE A 409 -17.47 -56.18 -4.85
CA PHE A 409 -16.86 -55.50 -5.99
C PHE A 409 -15.64 -56.25 -6.52
N ASN A 410 -15.29 -55.98 -7.78
CA ASN A 410 -14.16 -56.64 -8.43
C ASN A 410 -12.81 -56.02 -8.07
N PHE A 411 -11.75 -56.81 -8.25
CA PHE A 411 -10.39 -56.39 -7.96
C PHE A 411 -9.63 -56.24 -9.27
N ASN A 412 -9.13 -57.36 -9.78
CA ASN A 412 -8.39 -57.37 -11.05
C ASN A 412 -9.07 -58.34 -12.02
N GLY A 413 -10.06 -59.07 -11.53
CA GLY A 413 -10.76 -60.02 -12.36
C GLY A 413 -11.68 -60.95 -11.59
N GLU A 414 -12.97 -60.62 -11.59
CA GLU A 414 -13.98 -61.42 -10.89
C GLU A 414 -13.80 -61.46 -9.38
N ARG A 415 -12.62 -61.08 -8.89
CA ARG A 415 -12.36 -61.09 -7.45
C ARG A 415 -13.34 -60.19 -6.71
N ARG A 416 -14.26 -60.82 -5.98
CA ARG A 416 -15.26 -60.07 -5.23
C ARG A 416 -15.77 -60.87 -4.05
N VAL A 417 -17.03 -60.66 -3.69
CA VAL A 417 -17.65 -61.37 -2.58
C VAL A 417 -16.76 -61.23 -1.35
N ILE A 418 -16.77 -60.05 -0.75
CA ILE A 418 -15.98 -59.78 0.44
C ILE A 418 -16.89 -59.58 1.64
N LYS A 419 -17.22 -60.67 2.32
CA LYS A 419 -18.09 -60.63 3.48
C LYS A 419 -17.37 -60.01 4.68
N VAL A 420 -17.91 -58.91 5.18
CA VAL A 420 -17.31 -58.23 6.32
C VAL A 420 -18.28 -58.24 7.49
N GLU A 421 -17.98 -59.01 8.51
CA GLU A 421 -18.84 -59.08 9.69
C GLU A 421 -18.32 -58.12 10.73
N ILE A 422 -19.23 -57.36 11.35
CA ILE A 422 -18.84 -56.39 12.36
C ILE A 422 -19.56 -56.64 13.69
N PHE A 423 -18.80 -56.63 14.78
CA PHE A 423 -19.33 -56.84 16.12
C PHE A 423 -18.23 -56.69 17.17
N GLU A 424 -18.63 -56.65 18.44
CA GLU A 424 -17.68 -56.53 19.54
C GLU A 424 -17.88 -57.72 20.47
N ASN A 425 -17.01 -58.73 20.34
CA ASN A 425 -17.10 -59.94 21.15
C ASN A 425 -17.05 -59.66 22.65
N GLU A 426 -16.03 -58.96 23.10
CA GLU A 426 -15.88 -58.65 24.51
C GLU A 426 -17.06 -57.82 25.01
N PRO A 427 -17.70 -58.26 26.12
CA PRO A 427 -18.85 -57.59 26.72
C PRO A 427 -18.54 -56.22 27.33
N ASN A 428 -19.59 -55.44 27.56
CA ASN A 428 -19.48 -54.10 28.13
C ASN A 428 -18.77 -53.10 27.22
N LYS A 429 -18.72 -53.42 25.93
CA LYS A 429 -18.09 -52.55 24.94
C LYS A 429 -19.04 -52.30 23.76
N LYS A 430 -20.34 -52.29 24.05
CA LYS A 430 -21.36 -52.07 23.02
C LYS A 430 -21.10 -52.93 21.78
N LEU A 431 -21.59 -52.47 20.64
CA LEU A 431 -21.40 -53.19 19.39
C LEU A 431 -19.98 -52.88 18.90
N LEU A 432 -19.44 -51.78 19.39
CA LEU A 432 -18.10 -51.36 19.01
C LEU A 432 -17.37 -50.71 20.21
N GLY A 433 -18.14 -50.03 21.06
CA GLY A 433 -17.56 -49.39 22.22
C GLY A 433 -18.43 -48.26 22.72
N PRO A 434 -18.19 -47.75 23.94
CA PRO A 434 -18.97 -46.65 24.51
C PRO A 434 -18.53 -45.28 23.99
N SER A 435 -17.79 -45.29 22.89
CA SER A 435 -17.29 -44.06 22.30
C SER A 435 -17.23 -44.13 20.77
N VAL A 436 -16.10 -44.62 20.25
CA VAL A 436 -15.86 -44.73 18.81
C VAL A 436 -16.35 -43.52 18.02
N LEU A 437 -16.55 -42.41 18.72
CA LEU A 437 -17.02 -41.18 18.08
C LEU A 437 -16.26 -40.00 18.65
N ASN A 438 -15.10 -40.28 19.24
CA ASN A 438 -14.25 -39.24 19.84
C ASN A 438 -13.63 -38.37 18.75
N GLU A 439 -13.90 -37.06 18.82
CA GLU A 439 -13.41 -36.11 17.83
C GLU A 439 -11.89 -35.95 17.76
N VAL A 440 -11.21 -36.20 18.89
CA VAL A 440 -9.76 -36.04 18.92
C VAL A 440 -9.38 -34.58 18.71
N TYR A 441 -9.64 -33.75 19.72
CA TYR A 441 -9.33 -32.33 19.63
C TYR A 441 -7.90 -32.05 20.04
N VAL A 442 -7.54 -30.77 20.05
CA VAL A 442 -6.21 -30.34 20.45
C VAL A 442 -6.36 -29.05 21.25
N TYR A 443 -5.80 -29.03 22.45
CA TYR A 443 -5.87 -27.85 23.32
C TYR A 443 -4.58 -27.65 24.10
N ASP A 444 -4.22 -26.40 24.34
CA ASP A 444 -3.02 -26.04 25.07
C ASP A 444 -1.85 -26.96 24.69
N GLY A 445 -1.78 -27.30 23.40
CA GLY A 445 -0.71 -28.14 22.91
C GLY A 445 -0.90 -29.62 23.20
N ASN A 446 -2.02 -29.96 23.81
CA ASN A 446 -2.31 -31.35 24.16
C ASN A 446 -3.31 -31.97 23.19
N ILE A 447 -3.31 -33.29 23.10
CA ILE A 447 -4.21 -34.02 22.22
C ILE A 447 -5.16 -34.85 23.08
N TYR A 448 -6.44 -34.52 23.03
CA TYR A 448 -7.45 -35.22 23.82
C TYR A 448 -8.43 -36.01 22.96
N GLY A 449 -9.66 -35.50 22.86
CA GLY A 449 -10.67 -36.18 22.07
C GLY A 449 -11.60 -37.01 22.93
N ILE A 450 -12.83 -36.54 23.09
CA ILE A 450 -13.81 -37.25 23.90
C ILE A 450 -15.18 -37.22 23.22
N PRO A 451 -15.99 -38.28 23.42
CA PRO A 451 -17.33 -38.35 22.82
C PRO A 451 -18.25 -37.32 23.46
N PRO A 452 -19.29 -36.89 22.72
CA PRO A 452 -20.27 -35.90 23.21
C PRO A 452 -21.16 -36.38 24.35
N THR A 453 -20.79 -37.49 24.97
CA THR A 453 -21.55 -38.04 26.08
C THR A 453 -21.17 -37.39 27.40
N PHE A 454 -21.03 -38.20 28.44
CA PHE A 454 -20.68 -37.68 29.76
C PHE A 454 -20.19 -38.77 30.72
N GLU A 455 -19.46 -38.36 31.75
CA GLU A 455 -18.93 -39.28 32.74
C GLU A 455 -19.09 -38.70 34.14
N GLY A 456 -18.09 -37.94 34.59
CA GLY A 456 -18.16 -37.34 35.92
C GLY A 456 -16.80 -37.03 36.53
N VAL A 457 -15.80 -37.84 36.19
CA VAL A 457 -14.45 -37.65 36.73
C VAL A 457 -13.70 -36.52 36.04
N LYS A 458 -13.25 -36.76 34.82
CA LYS A 458 -12.49 -35.78 34.06
C LYS A 458 -13.36 -34.85 33.20
N GLU A 459 -14.68 -34.93 33.38
CA GLU A 459 -15.59 -34.07 32.62
C GLU A 459 -15.45 -32.62 33.05
N GLN A 460 -14.21 -32.21 33.32
CA GLN A 460 -13.93 -30.84 33.73
C GLN A 460 -13.29 -30.13 32.56
N TYR A 461 -12.89 -30.92 31.56
CA TYR A 461 -12.27 -30.41 30.35
C TYR A 461 -13.32 -29.97 29.36
N ILE A 462 -14.38 -29.34 29.88
CA ILE A 462 -15.46 -28.85 29.04
C ILE A 462 -14.94 -27.61 28.30
N PRO A 463 -14.43 -26.60 29.04
CA PRO A 463 -13.93 -25.40 28.38
C PRO A 463 -12.87 -25.82 27.35
N ILE A 464 -12.29 -27.00 27.60
CA ILE A 464 -11.30 -27.57 26.72
C ILE A 464 -12.02 -28.39 25.65
N LEU A 465 -11.47 -28.39 24.43
CA LEU A 465 -12.06 -29.11 23.31
C LEU A 465 -13.55 -28.83 23.15
N LYS A 466 -14.20 -29.64 22.31
CA LYS A 466 -15.63 -29.50 22.04
C LYS A 466 -15.95 -28.14 21.41
N LYS A 467 -16.76 -28.17 20.36
CA LYS A 467 -17.13 -26.96 19.63
C LYS A 467 -18.00 -26.02 20.47
N ALA A 468 -18.76 -25.15 19.78
CA ALA A 468 -19.63 -24.19 20.44
C ALA A 468 -18.85 -23.09 21.13
N LYS A 469 -19.02 -22.96 22.44
CA LYS A 469 -18.31 -21.96 23.22
C LYS A 469 -17.32 -22.64 24.17
N GLU A 470 -16.43 -23.45 23.60
CA GLU A 470 -15.43 -24.16 24.39
C GLU A 470 -14.14 -24.31 23.60
N GLU A 471 -13.15 -23.50 23.95
CA GLU A 471 -11.84 -23.47 23.30
C GLU A 471 -11.33 -24.83 22.86
N GLY A 472 -10.32 -24.81 21.99
CA GLY A 472 -9.74 -26.05 21.49
C GLY A 472 -10.10 -26.30 20.05
N VAL A 473 -9.13 -26.75 19.26
CA VAL A 473 -9.35 -27.02 17.84
C VAL A 473 -9.53 -28.51 17.57
N SER A 474 -10.48 -28.84 16.70
CA SER A 474 -10.77 -30.22 16.36
C SER A 474 -10.04 -30.69 15.12
N THR A 475 -9.89 -32.00 14.99
CA THR A 475 -9.22 -32.61 13.84
C THR A 475 -10.27 -33.17 12.91
N ASN A 476 -11.52 -33.15 13.34
CA ASN A 476 -12.62 -33.67 12.56
C ASN A 476 -12.34 -35.10 12.12
N ILE A 477 -11.95 -35.92 13.10
CA ILE A 477 -11.67 -37.33 12.88
C ILE A 477 -12.14 -38.11 14.09
N ARG A 478 -13.09 -39.01 13.89
CA ARG A 478 -13.60 -39.82 14.99
C ARG A 478 -12.80 -41.12 15.02
N TYR A 479 -12.96 -41.89 16.10
CA TYR A 479 -12.24 -43.14 16.22
C TYR A 479 -12.53 -44.06 15.04
N ILE A 480 -13.77 -44.55 14.96
CA ILE A 480 -14.20 -45.43 13.90
C ILE A 480 -13.58 -45.09 12.55
N ASP A 481 -13.48 -43.80 12.26
CA ASP A 481 -12.89 -43.35 11.01
C ASP A 481 -11.56 -44.05 10.79
N GLY A 482 -10.55 -43.63 11.54
CA GLY A 482 -9.25 -44.25 11.41
C GLY A 482 -9.36 -45.76 11.52
N ILE A 483 -10.14 -46.22 12.49
CA ILE A 483 -10.32 -47.64 12.72
C ILE A 483 -10.79 -48.38 11.47
N ILE A 484 -11.90 -47.93 10.90
CA ILE A 484 -12.45 -48.55 9.69
C ILE A 484 -11.46 -48.43 8.53
N TYR A 485 -10.90 -47.24 8.34
CA TYR A 485 -9.94 -47.05 7.27
C TYR A 485 -8.84 -48.09 7.43
N LYS A 486 -8.50 -48.37 8.68
CA LYS A 486 -7.47 -49.37 8.98
C LYS A 486 -7.94 -50.72 8.46
N LEU A 487 -9.19 -51.06 8.77
CA LEU A 487 -9.78 -52.33 8.34
C LEU A 487 -9.79 -52.41 6.82
N VAL A 488 -10.62 -51.57 6.20
CA VAL A 488 -10.74 -51.54 4.74
C VAL A 488 -9.35 -51.57 4.10
N ALA A 489 -8.42 -50.84 4.71
CA ALA A 489 -7.05 -50.79 4.21
C ALA A 489 -6.55 -52.22 4.10
N LYS A 490 -6.66 -52.97 5.20
CA LYS A 490 -6.22 -54.36 5.23
C LYS A 490 -6.87 -55.18 4.12
N ILE A 491 -8.20 -55.15 4.05
CA ILE A 491 -8.93 -55.88 3.03
C ILE A 491 -8.17 -55.73 1.72
N GLU A 492 -7.83 -54.48 1.41
CA GLU A 492 -7.11 -54.17 0.19
C GLU A 492 -5.76 -54.88 0.21
N GLU A 493 -4.95 -54.60 1.24
CA GLU A 493 -3.64 -55.21 1.37
C GLU A 493 -3.69 -56.73 1.30
N ALA A 494 -4.88 -57.29 1.46
CA ALA A 494 -5.06 -58.74 1.43
C ALA A 494 -5.35 -59.26 0.02
N LEU A 495 -6.22 -58.58 -0.70
CA LEU A 495 -6.58 -59.01 -2.06
C LEU A 495 -5.34 -59.15 -2.93
N VAL A 496 -4.20 -58.66 -2.44
CA VAL A 496 -2.96 -58.74 -3.19
C VAL A 496 -1.99 -59.73 -2.53
N SER A 497 -2.24 -60.03 -1.26
CA SER A 497 -1.40 -60.95 -0.52
C SER A 497 -1.98 -62.36 -0.47
N ASN A 498 -3.19 -62.52 -1.00
CA ASN A 498 -3.86 -63.82 -1.01
C ASN A 498 -4.20 -64.30 0.39
N VAL A 499 -5.03 -63.54 1.09
CA VAL A 499 -5.45 -63.89 2.45
C VAL A 499 -6.94 -64.20 2.41
N ASP A 500 -7.39 -65.07 3.30
CA ASP A 500 -8.79 -65.46 3.34
C ASP A 500 -9.56 -64.92 4.55
N GLU A 501 -8.90 -64.87 5.70
CA GLU A 501 -9.55 -64.36 6.91
C GLU A 501 -8.77 -63.21 7.53
N PHE A 502 -9.35 -62.57 8.55
CA PHE A 502 -8.70 -61.46 9.21
C PHE A 502 -8.72 -61.50 10.73
N LYS A 503 -8.99 -60.35 11.35
CA LYS A 503 -9.02 -60.20 12.80
C LYS A 503 -7.60 -60.09 13.34
N PHE A 504 -7.17 -58.86 13.65
CA PHE A 504 -5.82 -58.65 14.18
C PHE A 504 -5.76 -57.78 15.44
N ARG A 505 -4.56 -57.65 15.98
CA ARG A 505 -4.31 -56.88 17.19
C ARG A 505 -2.82 -56.53 17.29
N VAL A 506 -2.52 -55.37 17.86
CA VAL A 506 -1.13 -54.94 18.02
C VAL A 506 -0.89 -53.82 19.03
N PRO A 507 -1.81 -52.84 19.12
CA PRO A 507 -1.63 -51.75 20.08
C PRO A 507 -1.83 -52.13 21.56
N ILE A 508 -1.20 -51.35 22.44
CA ILE A 508 -1.30 -51.54 23.89
C ILE A 508 -1.06 -50.18 24.56
N VAL A 509 -1.64 -49.98 25.74
CA VAL A 509 -1.51 -48.72 26.47
C VAL A 509 -0.29 -47.90 26.08
N ARG A 510 -0.51 -46.87 25.26
CA ARG A 510 0.55 -45.99 24.80
C ARG A 510 0.01 -44.61 24.45
N SER A 511 -0.64 -44.51 23.29
CA SER A 511 -1.19 -43.24 22.84
C SER A 511 -2.36 -43.43 21.88
N LEU A 512 -2.41 -42.57 20.85
CA LEU A 512 -3.48 -42.60 19.86
C LEU A 512 -3.17 -43.52 18.69
N SER A 513 -2.13 -44.33 18.81
CA SER A 513 -1.80 -45.25 17.73
C SER A 513 -3.07 -46.07 17.61
N ASP A 514 -3.19 -46.89 16.57
CA ASP A 514 -4.44 -47.65 16.38
C ASP A 514 -5.47 -46.56 16.08
N ILE A 515 -6.60 -46.93 15.50
CA ILE A 515 -7.58 -45.90 15.16
C ILE A 515 -6.81 -45.05 14.14
N ASN A 516 -5.69 -45.60 13.70
CA ASN A 516 -4.79 -44.94 12.76
C ASN A 516 -4.37 -43.60 13.33
N LEU A 517 -4.10 -42.65 12.43
CA LEU A 517 -3.66 -41.32 12.84
C LEU A 517 -2.22 -41.36 13.33
N LYS A 518 -1.30 -40.87 12.50
CA LYS A 518 0.10 -40.80 12.85
C LYS A 518 0.41 -39.32 13.06
N ILE A 519 1.69 -38.97 13.14
CA ILE A 519 2.04 -37.57 13.35
C ILE A 519 3.36 -37.18 12.71
N ASP A 520 3.41 -35.98 12.17
CA ASP A 520 4.61 -35.46 11.53
C ASP A 520 5.69 -35.32 12.60
N GLU A 521 6.95 -35.35 12.19
CA GLU A 521 8.05 -35.24 13.14
C GLU A 521 7.83 -34.04 14.05
N LEU A 522 7.80 -32.85 13.46
CA LEU A 522 7.58 -31.63 14.24
C LEU A 522 6.26 -31.82 14.98
N ALA A 523 5.97 -30.92 15.92
CA ALA A 523 4.75 -31.03 16.71
C ALA A 523 4.96 -32.20 17.67
N LEU A 524 5.20 -33.38 17.11
CA LEU A 524 5.43 -34.55 17.92
C LEU A 524 6.74 -34.32 18.67
N LYS A 525 7.57 -33.42 18.12
CA LYS A 525 8.84 -33.07 18.72
C LYS A 525 8.57 -32.05 19.83
N GLN A 526 7.44 -31.39 19.71
CA GLN A 526 7.02 -30.38 20.69
C GLN A 526 6.17 -31.04 21.76
N ILE A 527 5.16 -31.78 21.33
CA ILE A 527 4.26 -32.47 22.26
C ILE A 527 5.05 -33.04 23.43
N MET A 528 6.11 -33.79 23.12
CA MET A 528 6.94 -34.39 24.16
C MET A 528 8.02 -33.43 24.65
N GLY A 529 8.47 -32.55 23.78
CA GLY A 529 9.51 -31.60 24.14
C GLY A 529 9.05 -30.58 25.16
N GLU A 530 7.74 -30.48 25.36
CA GLU A 530 7.18 -29.52 26.32
C GLU A 530 6.20 -30.18 27.28
N ASN A 531 6.43 -31.45 27.56
CA ASN A 531 5.58 -32.21 28.48
C ASN A 531 4.09 -32.09 28.21
N LYS A 532 3.69 -32.33 26.97
CA LYS A 532 2.27 -32.29 26.60
C LYS A 532 1.73 -33.71 26.66
N VAL A 533 0.47 -33.84 27.06
CA VAL A 533 -0.14 -35.16 27.17
C VAL A 533 -1.00 -35.52 25.97
N ILE A 534 -1.05 -36.80 25.65
CA ILE A 534 -1.84 -37.30 24.54
C ILE A 534 -2.80 -38.35 25.07
N ASP A 535 -3.90 -37.89 25.66
CA ASP A 535 -4.90 -38.77 26.25
C ASP A 535 -6.03 -39.16 25.30
N VAL A 536 -6.02 -40.42 24.88
CA VAL A 536 -7.04 -40.96 23.99
C VAL A 536 -7.64 -42.23 24.61
N ARG A 537 -6.79 -43.23 24.85
CA ARG A 537 -7.22 -44.49 25.45
C ARG A 537 -8.26 -45.20 24.60
N GLY A 538 -7.89 -46.35 24.03
CA GLY A 538 -8.84 -47.08 23.20
C GLY A 538 -8.62 -48.58 23.03
N PRO A 539 -9.43 -49.42 23.71
CA PRO A 539 -9.32 -50.88 23.62
C PRO A 539 -10.07 -51.42 22.40
N VAL A 540 -10.00 -50.67 21.29
CA VAL A 540 -10.67 -51.03 20.04
C VAL A 540 -10.78 -52.51 19.76
N PHE A 541 -9.72 -53.09 19.19
CA PHE A 541 -9.67 -54.50 18.84
C PHE A 541 -10.51 -54.80 17.61
N LEU A 542 -11.84 -54.65 17.74
CA LEU A 542 -12.78 -54.92 16.65
C LEU A 542 -12.19 -55.80 15.57
N ASN A 543 -11.64 -56.93 15.98
CA ASN A 543 -11.05 -57.89 15.05
C ASN A 543 -12.02 -58.07 13.88
N ALA A 544 -13.29 -58.23 14.22
CA ALA A 544 -14.37 -58.41 13.25
C ALA A 544 -13.96 -59.29 12.07
N LYS A 545 -14.46 -60.52 12.06
CA LYS A 545 -14.16 -61.47 11.01
C LYS A 545 -14.60 -60.98 9.63
N VAL A 546 -13.72 -61.14 8.64
CA VAL A 546 -14.01 -60.72 7.28
C VAL A 546 -13.31 -61.63 6.28
N GLU A 547 -14.12 -62.44 5.59
CA GLU A 547 -13.62 -63.39 4.60
C GLU A 547 -13.82 -62.84 3.19
N ILE A 548 -13.20 -63.47 2.20
CA ILE A 548 -13.32 -63.02 0.82
C ILE A 548 -13.81 -64.12 -0.12
N LYS A 549 -14.74 -64.94 0.37
CA LYS A 549 -15.30 -66.03 -0.44
C LYS A 549 -16.75 -66.30 -0.08
N MET B 11 -13.38 37.06 4.60
CA MET B 11 -14.45 37.54 5.53
C MET B 11 -15.70 36.68 5.36
N ARG B 12 -16.21 36.17 6.48
CA ARG B 12 -17.40 35.33 6.47
C ARG B 12 -18.65 36.17 6.22
N PHE B 13 -19.58 35.64 5.45
CA PHE B 13 -20.83 36.35 5.15
C PHE B 13 -21.97 35.88 6.04
N ASP B 14 -23.08 36.63 6.02
CA ASP B 14 -24.24 36.31 6.84
C ASP B 14 -25.23 35.43 6.08
N ILE B 15 -25.89 34.54 6.81
CA ILE B 15 -26.87 33.63 6.24
C ILE B 15 -28.06 34.37 5.64
N LYS B 16 -29.01 34.74 6.48
CA LYS B 16 -30.21 35.45 6.07
C LYS B 16 -29.89 36.62 5.14
N LYS B 17 -28.81 37.33 5.46
CA LYS B 17 -28.40 38.49 4.67
C LYS B 17 -28.43 38.14 3.18
N VAL B 18 -27.95 36.93 2.85
CA VAL B 18 -27.92 36.47 1.47
C VAL B 18 -29.15 35.63 1.16
N LEU B 19 -29.54 34.79 2.12
CA LEU B 19 -30.68 33.91 1.98
C LEU B 19 -31.95 34.67 1.59
N GLU B 20 -32.09 35.89 2.09
CA GLU B 20 -33.26 36.71 1.80
C GLU B 20 -33.41 36.96 0.31
N LEU B 21 -32.27 37.11 -0.38
CA LEU B 21 -32.28 37.35 -1.81
C LEU B 21 -32.94 36.19 -2.55
N ALA B 22 -33.36 35.19 -1.78
CA ALA B 22 -34.02 34.00 -2.33
C ALA B 22 -35.45 33.93 -1.80
N GLU B 23 -35.81 32.78 -1.24
CA GLU B 23 -37.14 32.56 -0.70
C GLU B 23 -38.22 32.90 -1.72
N LYS B 24 -38.73 34.13 -1.65
CA LYS B 24 -39.77 34.59 -2.56
C LYS B 24 -39.29 35.83 -3.32
N ASP B 25 -38.33 36.54 -2.73
CA ASP B 25 -37.78 37.74 -3.34
C ASP B 25 -36.48 37.39 -4.06
N PHE B 26 -36.61 36.68 -5.17
CA PHE B 26 -35.45 36.26 -5.94
C PHE B 26 -35.20 37.14 -7.16
N GLU B 27 -34.31 38.11 -7.01
CA GLU B 27 -33.97 39.02 -8.10
C GLU B 27 -32.47 39.00 -8.38
N THR B 28 -32.09 38.28 -9.43
CA THR B 28 -30.69 38.16 -9.82
C THR B 28 -29.77 37.75 -8.67
N ALA B 29 -30.33 37.07 -7.68
CA ALA B 29 -29.57 36.64 -6.51
C ALA B 29 -28.31 35.87 -6.85
N TRP B 30 -28.48 34.68 -7.41
CA TRP B 30 -27.35 33.83 -7.79
C TRP B 30 -26.32 34.60 -8.61
N ARG B 31 -26.75 35.09 -9.77
CA ARG B 31 -25.89 35.85 -10.68
C ARG B 31 -25.11 36.93 -9.93
N GLU B 32 -25.68 37.41 -8.83
CA GLU B 32 -25.00 38.41 -8.01
C GLU B 32 -24.22 37.64 -6.95
N THR B 33 -24.07 38.23 -5.76
CA THR B 33 -23.34 37.61 -4.66
C THR B 33 -22.05 36.90 -5.08
N ARG B 34 -21.58 37.18 -6.30
CA ARG B 34 -20.37 36.56 -6.81
C ARG B 34 -19.22 36.89 -5.89
N ALA B 35 -19.30 38.04 -5.23
CA ALA B 35 -18.25 38.48 -4.32
C ALA B 35 -18.28 37.61 -3.06
N LEU B 36 -17.99 38.22 -1.92
CA LEU B 36 -17.97 37.50 -0.64
C LEU B 36 -16.83 36.48 -0.67
N ILE B 37 -16.21 36.34 -1.84
CA ILE B 37 -15.11 35.42 -2.05
C ILE B 37 -14.09 36.01 -3.02
N LYS B 38 -13.30 36.97 -2.54
CA LYS B 38 -12.29 37.63 -3.36
C LYS B 38 -11.00 36.83 -3.52
N ASP B 39 -10.35 37.00 -4.67
CA ASP B 39 -9.10 36.30 -4.97
C ASP B 39 -8.00 36.77 -4.02
N LYS B 40 -7.49 35.86 -3.20
CA LYS B 40 -6.45 36.19 -2.25
C LYS B 40 -5.19 36.74 -2.91
N HIS B 41 -5.14 38.07 -3.04
CA HIS B 41 -4.01 38.75 -3.64
C HIS B 41 -3.65 38.14 -5.00
N ILE B 42 -2.51 38.56 -5.55
CA ILE B 42 -2.06 38.06 -6.84
C ILE B 42 -0.81 37.22 -6.64
N ASP B 43 -0.16 37.39 -5.49
CA ASP B 43 1.05 36.65 -5.18
C ASP B 43 0.73 35.20 -4.84
N ASN B 44 -0.56 34.88 -4.73
CA ASN B 44 -0.97 33.52 -4.41
C ASN B 44 -2.16 33.13 -5.27
N LYS B 45 -2.04 33.30 -6.58
CA LYS B 45 -3.15 33.00 -7.47
C LYS B 45 -2.91 31.86 -8.47
N TYR B 46 -1.76 31.19 -8.37
CA TYR B 46 -1.45 30.07 -9.28
C TYR B 46 -1.35 30.54 -10.71
N PRO B 47 -0.35 30.05 -11.47
CA PRO B 47 0.72 29.10 -11.15
C PRO B 47 1.61 29.43 -9.96
N ARG B 48 1.51 30.64 -9.44
CA ARG B 48 2.34 31.04 -8.30
C ARG B 48 2.01 30.19 -7.07
N LEU B 49 0.81 29.64 -7.06
CA LEU B 49 0.35 28.79 -5.96
C LEU B 49 0.51 27.32 -6.31
N LYS B 50 1.59 26.70 -5.84
CA LYS B 50 1.86 25.31 -6.12
C LYS B 50 1.36 24.38 -5.00
N PRO B 51 1.08 23.11 -5.34
CA PRO B 51 0.60 22.09 -4.39
C PRO B 51 1.74 21.30 -3.78
N VAL B 52 1.51 20.74 -2.59
CA VAL B 52 2.53 19.95 -1.91
C VAL B 52 2.03 18.57 -1.54
N TYR B 53 2.85 17.56 -1.74
CA TYR B 53 2.49 16.19 -1.42
C TYR B 53 3.75 15.32 -1.33
N GLY B 54 3.77 14.40 -0.37
CA GLY B 54 4.92 13.53 -0.21
C GLY B 54 5.30 12.84 -1.51
N LYS B 55 6.57 12.91 -1.87
CA LYS B 55 7.06 12.30 -3.09
C LYS B 55 7.92 11.08 -2.78
N PRO B 56 7.44 9.88 -3.16
CA PRO B 56 8.19 8.65 -2.90
C PRO B 56 9.35 8.43 -3.87
N HIS B 57 10.50 8.07 -3.33
CA HIS B 57 11.69 7.82 -4.14
C HIS B 57 11.47 6.63 -5.07
N PRO B 58 11.88 6.75 -6.34
CA PRO B 58 11.72 5.69 -7.33
C PRO B 58 12.24 4.30 -6.94
N VAL B 59 13.37 4.24 -6.25
CA VAL B 59 13.91 2.95 -5.85
C VAL B 59 13.09 2.36 -4.70
N MET B 60 12.85 3.16 -3.66
CA MET B 60 12.08 2.70 -2.51
C MET B 60 10.66 2.28 -2.87
N GLU B 61 10.05 3.01 -3.80
CA GLU B 61 8.70 2.68 -4.23
C GLU B 61 8.77 1.32 -4.92
N THR B 62 9.73 1.18 -5.84
CA THR B 62 9.92 -0.07 -6.58
C THR B 62 10.10 -1.23 -5.62
N ILE B 63 10.66 -0.94 -4.44
CA ILE B 63 10.88 -1.96 -3.43
C ILE B 63 9.55 -2.31 -2.78
N GLU B 64 8.75 -1.28 -2.52
CA GLU B 64 7.45 -1.48 -1.90
C GLU B 64 6.48 -2.14 -2.87
N ARG B 65 6.86 -2.18 -4.15
CA ARG B 65 6.03 -2.81 -5.17
C ARG B 65 6.41 -4.28 -5.30
N LEU B 66 7.71 -4.55 -5.30
CA LEU B 66 8.21 -5.92 -5.40
C LEU B 66 7.86 -6.64 -4.11
N ARG B 67 8.13 -5.99 -2.99
CA ARG B 67 7.82 -6.56 -1.69
C ARG B 67 6.37 -7.00 -1.69
N GLN B 68 5.55 -6.27 -2.43
CA GLN B 68 4.13 -6.58 -2.53
C GLN B 68 3.90 -7.61 -3.62
N ALA B 69 4.77 -7.60 -4.63
CA ALA B 69 4.66 -8.55 -5.73
C ALA B 69 4.79 -9.98 -5.20
N TYR B 70 5.76 -10.20 -4.34
CA TYR B 70 5.98 -11.52 -3.75
C TYR B 70 4.82 -11.92 -2.86
N LEU B 71 4.47 -11.06 -1.90
CA LEU B 71 3.38 -11.34 -0.99
C LEU B 71 2.12 -11.82 -1.70
N ARG B 72 1.91 -11.36 -2.92
CA ARG B 72 0.75 -11.76 -3.68
C ARG B 72 0.96 -13.10 -4.35
N MET B 73 2.17 -13.63 -4.25
CA MET B 73 2.48 -14.95 -4.82
C MET B 73 2.56 -15.95 -3.69
N GLY B 74 2.30 -15.48 -2.47
CA GLY B 74 2.32 -16.35 -1.31
C GLY B 74 3.66 -16.43 -0.61
N PHE B 75 4.68 -15.80 -1.17
CA PHE B 75 6.00 -15.85 -0.56
C PHE B 75 6.04 -15.22 0.83
N GLU B 76 6.80 -15.85 1.73
CA GLU B 76 6.95 -15.41 3.10
C GLU B 76 8.12 -14.43 3.20
N GLU B 77 7.84 -13.24 3.74
CA GLU B 77 8.87 -12.20 3.88
C GLU B 77 9.83 -12.48 5.02
N MET B 78 11.12 -12.33 4.75
CA MET B 78 12.16 -12.58 5.75
C MET B 78 13.17 -11.44 5.81
N ILE B 79 14.14 -11.58 6.72
CA ILE B 79 15.22 -10.62 6.87
C ILE B 79 16.48 -11.41 7.17
N ASN B 80 17.28 -11.63 6.13
CA ASN B 80 18.51 -12.39 6.27
C ASN B 80 19.62 -11.53 6.86
N PRO B 81 20.57 -12.17 7.55
CA PRO B 81 21.69 -11.44 8.16
C PRO B 81 22.46 -10.67 7.10
N VAL B 82 22.77 -9.42 7.39
CA VAL B 82 23.51 -8.59 6.44
C VAL B 82 25.01 -8.84 6.54
N ILE B 83 25.49 -9.10 7.75
CA ILE B 83 26.91 -9.35 7.97
C ILE B 83 27.22 -10.82 8.24
N VAL B 84 27.97 -11.43 7.34
CA VAL B 84 28.34 -12.84 7.46
C VAL B 84 29.84 -13.00 7.63
N ASP B 85 30.25 -14.13 8.20
CA ASP B 85 31.66 -14.42 8.43
C ASP B 85 32.31 -14.99 7.16
N GLU B 86 33.57 -14.62 6.94
CA GLU B 86 34.32 -15.08 5.78
C GLU B 86 34.20 -16.57 5.52
N MET B 87 33.98 -17.34 6.58
CA MET B 87 33.86 -18.80 6.46
C MET B 87 32.56 -19.22 5.79
N GLU B 88 31.48 -18.49 6.06
CA GLU B 88 30.18 -18.80 5.49
C GLU B 88 30.18 -18.78 3.98
N ILE B 89 31.05 -17.97 3.38
CA ILE B 89 31.12 -17.87 1.94
C ILE B 89 31.92 -19.04 1.37
N TYR B 90 32.85 -19.56 2.16
CA TYR B 90 33.66 -20.69 1.76
C TYR B 90 32.79 -21.92 1.62
N LYS B 91 31.82 -22.06 2.52
CA LYS B 91 30.91 -23.19 2.48
C LYS B 91 30.04 -23.16 1.22
N GLN B 92 29.56 -21.97 0.87
CA GLN B 92 28.72 -21.79 -0.29
C GLN B 92 29.48 -21.88 -1.60
N PHE B 93 30.51 -21.04 -1.76
CA PHE B 93 31.32 -21.05 -2.97
C PHE B 93 32.36 -22.15 -2.94
N GLY B 94 33.19 -22.15 -1.90
CA GLY B 94 34.23 -23.15 -1.76
C GLY B 94 35.52 -22.69 -2.41
N PRO B 95 36.21 -23.58 -3.15
CA PRO B 95 37.46 -23.25 -3.82
C PRO B 95 37.35 -22.03 -4.74
N GLU B 96 36.13 -21.55 -4.94
CA GLU B 96 35.93 -20.39 -5.79
C GLU B 96 35.88 -19.11 -4.96
N ALA B 97 35.37 -19.21 -3.74
CA ALA B 97 35.24 -18.08 -2.84
C ALA B 97 36.53 -17.26 -2.75
N MET B 98 37.67 -17.93 -2.89
CA MET B 98 38.97 -17.27 -2.83
C MET B 98 39.11 -16.27 -3.96
N ALA B 99 38.11 -16.22 -4.84
CA ALA B 99 38.13 -15.31 -5.97
C ALA B 99 37.01 -14.27 -5.86
N VAL B 100 35.88 -14.69 -5.31
CA VAL B 100 34.73 -13.80 -5.16
C VAL B 100 34.96 -12.81 -4.03
N LEU B 101 35.67 -13.23 -2.99
CA LEU B 101 35.94 -12.34 -1.86
C LEU B 101 36.63 -11.08 -2.35
N ASP B 102 37.13 -11.13 -3.58
CA ASP B 102 37.81 -10.00 -4.19
C ASP B 102 36.87 -8.80 -4.21
N ARG B 103 35.58 -9.07 -4.08
CA ARG B 103 34.57 -8.01 -4.07
C ARG B 103 33.71 -8.07 -2.82
N CYS B 104 34.34 -7.97 -1.65
CA CYS B 104 33.62 -8.02 -0.38
C CYS B 104 34.31 -7.17 0.69
N PHE B 105 33.58 -6.20 1.23
CA PHE B 105 34.12 -5.33 2.25
C PHE B 105 34.20 -6.04 3.61
N TYR B 106 35.28 -5.77 4.35
CA TYR B 106 35.48 -6.36 5.67
C TYR B 106 35.35 -5.29 6.74
N LEU B 107 34.58 -5.57 7.78
CA LEU B 107 34.37 -4.62 8.87
C LEU B 107 35.62 -4.49 9.75
N ALA B 108 35.71 -3.36 10.46
CA ALA B 108 36.85 -3.11 11.34
C ALA B 108 36.54 -2.02 12.36
N GLY B 109 37.26 -2.02 13.48
CA GLY B 109 37.05 -1.03 14.51
C GLY B 109 38.30 -0.70 15.30
N LEU B 110 38.13 0.08 16.38
CA LEU B 110 39.24 0.48 17.25
C LEU B 110 40.00 -0.74 17.80
N PRO B 111 41.21 -0.97 17.29
CA PRO B 111 42.05 -2.10 17.73
C PRO B 111 43.01 -1.75 18.87
N ARG B 112 44.13 -2.46 18.91
CA ARG B 112 45.17 -2.26 19.91
C ARG B 112 46.53 -2.23 19.23
N PRO B 113 47.19 -1.05 19.22
CA PRO B 113 48.50 -0.88 18.59
C PRO B 113 49.64 -1.72 19.19
N ASP B 114 49.31 -2.51 20.21
CA ASP B 114 50.30 -3.37 20.86
C ASP B 114 51.50 -2.55 21.34
N VAL B 115 51.21 -1.43 22.01
CA VAL B 115 52.26 -0.53 22.52
C VAL B 115 52.72 -0.96 23.91
N GLY B 116 51.87 -1.71 24.61
CA GLY B 116 52.21 -2.17 25.95
C GLY B 116 51.39 -3.38 26.37
N LEU B 117 51.30 -3.61 27.68
CA LEU B 117 50.55 -4.73 28.22
C LEU B 117 51.14 -6.06 27.73
N GLY B 118 52.37 -5.98 27.19
CA GLY B 118 53.03 -7.17 26.70
C GLY B 118 54.45 -6.86 26.24
N ASN B 119 54.60 -5.75 25.53
CA ASN B 119 55.90 -5.32 25.02
C ASN B 119 56.46 -4.24 25.95
N GLU B 120 55.66 -3.84 26.92
CA GLU B 120 56.06 -2.80 27.88
C GLU B 120 57.00 -3.37 28.93
N LYS B 121 58.27 -3.54 28.56
CA LYS B 121 59.26 -4.08 29.47
C LYS B 121 60.49 -3.18 29.51
N VAL B 122 60.74 -2.48 28.40
CA VAL B 122 61.88 -1.58 28.30
C VAL B 122 61.45 -0.22 27.75
N GLU B 123 60.17 0.10 27.89
CA GLU B 123 59.63 1.36 27.41
C GLU B 123 58.35 1.75 28.14
N ILE B 124 58.43 2.83 28.92
CA ILE B 124 57.28 3.33 29.68
C ILE B 124 57.67 4.60 30.43
N ILE B 125 58.97 4.79 30.61
CA ILE B 125 59.48 5.97 31.31
C ILE B 125 59.87 7.08 30.33
N LYS B 126 59.05 7.26 29.30
CA LYS B 126 59.29 8.28 28.29
C LYS B 126 58.20 9.34 28.31
N ASN B 127 56.97 8.94 28.02
CA ASN B 127 55.83 9.85 28.01
C ASN B 127 55.07 9.83 29.33
N LEU B 128 55.17 10.93 30.08
CA LEU B 128 54.49 11.05 31.37
C LEU B 128 53.62 12.30 31.42
N GLY B 129 53.20 12.78 30.24
CA GLY B 129 52.37 13.96 30.17
C GLY B 129 52.75 14.84 29.00
N ILE B 130 52.21 14.53 27.82
CA ILE B 130 52.50 15.29 26.61
C ILE B 130 51.43 16.34 26.30
N ASP B 131 51.17 17.22 27.27
CA ASP B 131 50.18 18.28 27.12
C ASP B 131 50.64 19.56 27.80
N ILE B 132 49.96 20.67 27.51
CA ILE B 132 50.31 21.95 28.10
C ILE B 132 49.09 22.79 28.54
N ASP B 133 48.29 22.24 29.45
CA ASP B 133 47.11 22.92 29.94
C ASP B 133 46.87 22.67 31.43
N GLU B 134 45.61 22.58 31.83
CA GLU B 134 45.27 22.35 33.23
C GLU B 134 44.81 20.92 33.52
N GLU B 135 45.07 20.48 34.74
CA GLU B 135 44.70 19.14 35.20
C GLU B 135 44.30 19.23 36.66
N LYS B 136 43.02 19.52 36.92
CA LYS B 136 42.50 19.65 38.28
C LYS B 136 42.90 18.52 39.22
N LYS B 137 42.63 18.71 40.51
CA LYS B 137 42.97 17.74 41.54
C LYS B 137 44.47 17.46 41.54
N GLU B 138 44.86 16.31 42.06
CA GLU B 138 46.28 15.96 42.11
C GLU B 138 46.57 14.61 41.47
N ARG B 139 47.58 13.92 42.01
CA ARG B 139 48.01 12.62 41.52
C ARG B 139 46.99 11.50 41.79
N LEU B 140 45.89 11.50 41.04
CA LEU B 140 44.85 10.47 41.19
C LEU B 140 44.80 9.61 39.93
N ARG B 141 45.93 9.02 39.60
CA ARG B 141 46.07 8.17 38.42
C ARG B 141 44.88 7.25 38.16
N GLU B 142 44.21 7.48 37.03
CA GLU B 142 43.06 6.68 36.59
C GLU B 142 41.83 6.80 37.50
N VAL B 143 40.66 6.82 36.86
CA VAL B 143 39.38 6.91 37.56
C VAL B 143 38.28 6.16 36.81
N LEU B 144 38.34 6.21 35.48
CA LEU B 144 37.36 5.52 34.64
C LEU B 144 37.97 4.30 33.96
N HIS B 145 38.10 3.21 34.72
CA HIS B 145 38.66 1.97 34.20
C HIS B 145 37.57 1.25 33.40
N LEU B 146 36.89 2.01 32.54
CA LEU B 146 35.81 1.46 31.72
C LEU B 146 36.29 1.21 30.30
N TYR B 147 37.32 0.38 30.17
CA TYR B 147 37.88 0.03 28.87
C TYR B 147 37.42 -1.36 28.45
N LYS B 148 38.26 -2.35 28.75
CA LYS B 148 37.97 -3.74 28.41
C LYS B 148 37.14 -4.45 29.48
N LYS B 149 36.70 -3.68 30.48
CA LYS B 149 35.88 -4.22 31.56
C LYS B 149 34.48 -3.61 31.46
N GLY B 150 33.65 -4.18 30.58
CA GLY B 150 32.31 -3.66 30.41
C GLY B 150 32.39 -2.23 29.89
N ALA B 151 32.96 -2.08 28.70
CA ALA B 151 33.12 -0.77 28.07
C ALA B 151 31.84 0.06 28.03
N ILE B 152 31.63 0.86 29.07
CA ILE B 152 30.45 1.71 29.16
C ILE B 152 30.83 3.14 28.76
N ASP B 153 30.88 3.37 27.45
CA ASP B 153 31.23 4.69 26.91
C ASP B 153 30.55 4.93 25.57
N GLY B 154 30.91 6.04 24.93
CA GLY B 154 30.32 6.37 23.64
C GLY B 154 30.12 7.87 23.43
N ASP B 155 30.18 8.63 24.52
CA ASP B 155 30.00 10.07 24.44
C ASP B 155 31.14 10.80 25.16
N ASP B 156 31.00 12.12 25.30
CA ASP B 156 32.00 12.92 25.98
C ASP B 156 31.52 13.13 27.41
N LEU B 157 31.55 14.38 27.88
CA LEU B 157 31.11 14.69 29.24
C LEU B 157 31.77 13.70 30.20
N VAL B 158 32.95 13.25 29.82
CA VAL B 158 33.73 12.30 30.60
C VAL B 158 33.77 12.65 32.08
N PHE B 159 34.57 13.66 32.44
CA PHE B 159 34.69 14.11 33.82
C PHE B 159 34.06 15.49 33.93
N GLU B 160 33.23 15.68 34.96
CA GLU B 160 32.56 16.96 35.14
C GLU B 160 32.51 17.42 36.60
N ILE B 161 31.48 18.19 36.91
CA ILE B 161 31.27 18.74 38.25
C ILE B 161 29.79 19.06 38.41
N ALA B 162 29.31 19.11 39.65
CA ALA B 162 27.91 19.40 39.92
C ALA B 162 27.71 20.56 40.88
N LYS B 163 27.39 20.24 42.14
CA LYS B 163 27.16 21.25 43.17
C LYS B 163 28.46 21.73 43.81
N ALA B 164 28.90 22.92 43.43
CA ALA B 164 30.12 23.52 43.95
C ALA B 164 30.27 24.93 43.39
N LEU B 165 31.50 25.40 43.29
CA LEU B 165 31.77 26.74 42.76
C LEU B 165 33.19 26.83 42.21
N ASN B 166 33.35 27.58 41.12
CA ASN B 166 34.65 27.77 40.48
C ASN B 166 35.15 26.44 39.89
N VAL B 167 34.51 26.00 38.81
CA VAL B 167 34.89 24.76 38.15
C VAL B 167 34.20 24.58 36.79
N SER B 168 32.88 24.69 36.78
CA SER B 168 32.09 24.56 35.54
C SER B 168 32.18 23.18 34.90
N ASN B 169 31.20 22.88 34.04
CA ASN B 169 31.14 21.59 33.35
C ASN B 169 32.21 21.49 32.27
N GLU B 170 33.40 21.07 32.66
CA GLU B 170 34.53 20.93 31.74
C GLU B 170 35.72 20.34 32.47
N MET B 171 36.28 19.25 31.93
CA MET B 171 37.42 18.60 32.56
C MET B 171 38.05 17.53 31.67
N GLY B 172 39.24 17.82 31.14
CA GLY B 172 39.94 16.88 30.29
C GLY B 172 39.47 16.79 28.86
N LEU B 173 38.94 17.88 28.33
CA LEU B 173 38.45 17.90 26.95
C LEU B 173 39.60 18.10 25.96
N LYS B 174 40.82 17.83 26.42
CA LYS B 174 42.01 17.98 25.58
C LYS B 174 43.10 16.97 25.90
N VAL B 175 43.18 15.92 25.08
CA VAL B 175 44.19 14.88 25.26
C VAL B 175 44.79 14.47 23.93
N LEU B 176 44.67 15.36 22.94
CA LEU B 176 45.20 15.11 21.60
C LEU B 176 45.73 16.40 20.97
N GLU B 177 45.66 16.47 19.64
CA GLU B 177 46.13 17.62 18.88
C GLU B 177 47.64 17.80 19.03
N THR B 178 48.05 18.44 20.13
CA THR B 178 49.46 18.65 20.41
C THR B 178 50.06 17.43 21.11
N ALA B 179 49.48 16.26 20.83
CA ALA B 179 49.92 15.01 21.41
C ALA B 179 49.45 13.83 20.57
N PHE B 180 49.69 12.61 21.06
CA PHE B 180 49.29 11.39 20.37
C PHE B 180 49.60 11.46 18.88
N PRO B 181 50.86 11.21 18.50
CA PRO B 181 51.27 11.24 17.09
C PRO B 181 50.72 10.07 16.29
N GLU B 182 50.64 8.90 16.92
CA GLU B 182 50.15 7.70 16.27
C GLU B 182 48.73 7.34 16.74
N PHE B 183 47.81 8.29 16.58
CA PHE B 183 46.42 8.09 16.96
C PHE B 183 45.50 8.58 15.84
N LYS B 184 45.95 9.60 15.12
CA LYS B 184 45.19 10.16 14.01
C LYS B 184 45.30 9.23 12.80
N ASP B 185 46.45 8.57 12.69
CA ASP B 185 46.70 7.64 11.59
C ASP B 185 46.35 6.22 12.04
N LEU B 186 45.78 6.12 13.23
CA LEU B 186 45.39 4.83 13.81
C LEU B 186 44.71 3.98 12.74
N LYS B 187 45.08 2.70 12.67
CA LYS B 187 44.52 1.80 11.68
C LYS B 187 43.66 0.70 12.32
N PRO B 188 42.34 0.81 12.22
CA PRO B 188 41.42 -0.18 12.78
C PRO B 188 41.64 -1.54 12.13
N GLU B 189 42.08 -2.52 12.92
CA GLU B 189 42.34 -3.85 12.41
C GLU B 189 41.09 -4.51 11.85
N SER B 190 41.27 -5.25 10.75
CA SER B 190 40.17 -5.93 10.09
C SER B 190 39.61 -7.07 10.95
N THR B 191 38.63 -7.79 10.42
CA THR B 191 38.01 -8.90 11.14
C THR B 191 37.60 -9.99 10.15
N THR B 192 36.99 -11.04 10.68
CA THR B 192 36.53 -12.16 9.85
C THR B 192 35.08 -11.93 9.43
N LEU B 193 34.55 -10.77 9.82
CA LEU B 193 33.18 -10.40 9.49
C LEU B 193 33.14 -9.52 8.25
N THR B 194 32.42 -9.98 7.24
CA THR B 194 32.28 -9.24 5.99
C THR B 194 30.81 -8.98 5.68
N LEU B 195 30.55 -8.01 4.81
CA LEU B 195 29.18 -7.68 4.44
C LEU B 195 28.61 -8.82 3.59
N ARG B 196 28.19 -8.52 2.36
CA ARG B 196 27.64 -9.58 1.53
C ARG B 196 27.32 -9.18 0.09
N SER B 197 26.48 -9.98 -0.54
CA SER B 197 26.05 -9.79 -1.92
C SER B 197 24.99 -10.85 -2.23
N HIS B 198 23.78 -10.39 -2.50
CA HIS B 198 22.65 -11.29 -2.81
C HIS B 198 22.23 -11.95 -1.50
N MET B 199 20.92 -12.05 -1.28
CA MET B 199 20.40 -12.67 -0.06
C MET B 199 20.96 -14.08 0.11
N THR B 200 21.54 -14.62 -0.96
CA THR B 200 22.09 -15.97 -0.93
C THR B 200 22.98 -16.22 0.28
N SER B 201 24.08 -15.47 0.37
CA SER B 201 25.01 -15.62 1.48
C SER B 201 24.30 -15.53 2.83
N GLY B 202 23.03 -15.15 2.80
CA GLY B 202 22.25 -15.05 4.02
C GLY B 202 21.22 -16.17 4.05
N TRP B 203 20.67 -16.47 2.88
CA TRP B 203 19.66 -17.52 2.75
C TRP B 203 20.11 -18.83 3.39
N PHE B 204 21.29 -19.30 3.00
CA PHE B 204 21.81 -20.54 3.56
C PHE B 204 21.67 -20.49 5.07
N ILE B 205 22.31 -19.48 5.68
CA ILE B 205 22.25 -19.32 7.13
C ILE B 205 20.79 -19.35 7.59
N THR B 206 19.98 -18.49 7.01
CA THR B 206 18.57 -18.41 7.36
C THR B 206 17.88 -19.74 7.10
N LEU B 207 18.45 -20.56 6.23
CA LEU B 207 17.87 -21.85 5.91
C LEU B 207 18.36 -22.94 6.84
N SER B 208 19.68 -23.13 6.87
CA SER B 208 20.30 -24.14 7.71
C SER B 208 19.56 -24.40 9.02
N SER B 209 19.24 -23.33 9.73
CA SER B 209 18.52 -23.45 10.99
C SER B 209 17.06 -23.05 10.82
N LEU B 210 16.39 -23.63 9.85
CA LEU B 210 14.99 -23.32 9.59
C LEU B 210 14.24 -24.48 8.95
N ILE B 211 14.98 -25.31 8.21
CA ILE B 211 14.38 -26.45 7.53
C ILE B 211 13.75 -27.43 8.51
N LYS B 212 14.42 -27.66 9.63
CA LYS B 212 13.91 -28.59 10.63
C LYS B 212 12.94 -27.96 11.62
N LYS B 213 12.64 -26.67 11.44
CA LYS B 213 11.73 -25.98 12.33
C LYS B 213 10.36 -25.79 11.67
N ARG B 214 10.37 -25.73 10.35
CA ARG B 214 9.14 -25.56 9.58
C ARG B 214 8.81 -26.79 8.75
N LYS B 215 7.63 -26.78 8.13
CA LYS B 215 7.19 -27.90 7.31
C LYS B 215 7.18 -27.47 5.84
N LEU B 216 7.79 -28.28 4.99
CA LEU B 216 7.86 -27.97 3.56
C LEU B 216 6.56 -28.28 2.81
N PRO B 217 6.42 -27.77 1.57
CA PRO B 217 7.38 -26.95 0.82
C PRO B 217 7.58 -25.61 1.49
N LEU B 218 8.60 -24.87 1.07
CA LEU B 218 8.87 -23.59 1.68
C LEU B 218 9.21 -22.49 0.67
N LYS B 219 8.50 -21.37 0.78
CA LYS B 219 8.70 -20.23 -0.12
C LYS B 219 9.04 -19.00 0.70
N LEU B 220 10.20 -18.41 0.43
CA LEU B 220 10.66 -17.23 1.17
C LEU B 220 11.22 -16.13 0.27
N PHE B 221 11.17 -14.89 0.74
CA PHE B 221 11.69 -13.74 0.00
C PHE B 221 12.14 -12.62 0.94
N SER B 222 13.12 -11.84 0.50
CA SER B 222 13.63 -10.74 1.29
C SER B 222 14.32 -9.70 0.41
N ILE B 223 13.71 -8.54 0.29
CA ILE B 223 14.28 -7.47 -0.51
C ILE B 223 15.00 -6.52 0.41
N ASP B 224 16.33 -6.66 0.48
CA ASP B 224 17.15 -5.81 1.34
C ASP B 224 18.43 -5.37 0.65
N ARG B 225 19.26 -4.62 1.37
CA ARG B 225 20.52 -4.12 0.84
C ARG B 225 21.60 -5.19 0.76
N CYS B 226 22.65 -4.86 -0.01
CA CYS B 226 23.80 -5.72 -0.21
C CYS B 226 24.94 -4.84 -0.68
N PHE B 227 26.18 -5.27 -0.45
CA PHE B 227 27.32 -4.47 -0.86
C PHE B 227 28.30 -5.21 -1.75
N ARG B 228 28.25 -4.88 -3.05
CA ARG B 228 29.13 -5.51 -4.03
C ARG B 228 30.32 -4.60 -4.29
N ARG B 229 31.44 -4.92 -3.64
CA ARG B 229 32.67 -4.15 -3.77
C ARG B 229 33.06 -3.90 -5.22
N GLU B 230 33.09 -2.62 -5.61
CA GLU B 230 33.46 -2.21 -6.96
C GLU B 230 34.52 -1.12 -6.88
N GLN B 231 34.63 -0.51 -5.70
CA GLN B 231 35.58 0.56 -5.46
C GLN B 231 35.44 1.71 -6.45
N ARG B 232 34.67 2.73 -6.03
CA ARG B 232 34.42 3.91 -6.86
C ARG B 232 33.89 3.57 -8.25
N GLU B 233 32.58 3.67 -8.41
CA GLU B 233 31.93 3.40 -9.69
C GLU B 233 30.79 4.39 -9.93
N ASP B 234 31.09 5.44 -10.68
CA ASP B 234 30.10 6.47 -10.99
C ASP B 234 29.45 6.15 -12.34
N ARG B 235 29.95 5.10 -12.98
CA ARG B 235 29.43 4.69 -14.28
C ARG B 235 29.21 3.18 -14.32
N SER B 236 29.07 2.58 -13.15
CA SER B 236 28.84 1.15 -13.01
C SER B 236 28.35 0.82 -11.61
N HIS B 237 27.08 1.14 -11.33
CA HIS B 237 26.49 0.90 -10.02
C HIS B 237 27.33 1.52 -8.91
N LEU B 238 26.91 1.34 -7.67
CA LEU B 238 27.62 1.88 -6.53
C LEU B 238 28.29 0.79 -5.70
N MET B 239 28.26 0.96 -4.38
CA MET B 239 28.87 0.00 -3.47
C MET B 239 27.80 -0.75 -2.68
N SER B 240 26.56 -0.29 -2.80
CA SER B 240 25.44 -0.91 -2.09
C SER B 240 24.16 -0.85 -2.91
N TYR B 241 23.65 -2.02 -3.28
CA TYR B 241 22.43 -2.10 -4.07
C TYR B 241 21.38 -2.91 -3.32
N HIS B 242 20.17 -2.96 -3.87
CA HIS B 242 19.07 -3.69 -3.25
C HIS B 242 18.80 -4.95 -4.05
N SER B 243 18.80 -6.10 -3.39
CA SER B 243 18.54 -7.36 -4.05
C SER B 243 17.20 -7.95 -3.64
N ALA B 244 16.31 -8.10 -4.62
CA ALA B 244 14.98 -8.66 -4.35
C ALA B 244 15.05 -10.16 -4.57
N SER B 245 15.71 -10.85 -3.64
CA SER B 245 15.89 -12.29 -3.73
C SER B 245 14.77 -13.09 -3.06
N CYS B 246 14.79 -14.40 -3.31
CA CYS B 246 13.81 -15.32 -2.75
C CYS B 246 14.34 -16.75 -2.92
N VAL B 247 13.79 -17.66 -2.13
CA VAL B 247 14.19 -19.06 -2.19
C VAL B 247 13.01 -19.99 -2.03
N VAL B 248 13.03 -21.10 -2.77
CA VAL B 248 11.96 -22.08 -2.72
C VAL B 248 12.50 -23.44 -2.29
N VAL B 249 12.19 -23.80 -1.05
CA VAL B 249 12.62 -25.09 -0.50
C VAL B 249 11.56 -26.12 -0.82
N GLY B 250 11.90 -27.05 -1.72
CA GLY B 250 10.95 -28.08 -2.10
C GLY B 250 11.62 -29.42 -2.36
N GLU B 251 11.02 -30.48 -1.85
CA GLU B 251 11.55 -31.82 -2.03
C GLU B 251 11.62 -32.17 -3.51
N ASP B 252 10.93 -31.38 -4.33
CA ASP B 252 10.91 -31.61 -5.77
C ASP B 252 10.86 -30.29 -6.54
N VAL B 253 12.02 -29.65 -6.71
CA VAL B 253 12.09 -28.38 -7.43
C VAL B 253 13.25 -28.37 -8.42
N SER B 254 13.15 -27.52 -9.43
CA SER B 254 14.19 -27.40 -10.45
C SER B 254 14.24 -25.99 -10.99
N VAL B 255 15.09 -25.78 -11.99
CA VAL B 255 15.25 -24.46 -12.59
C VAL B 255 13.89 -23.90 -13.00
N ASP B 256 12.99 -24.77 -13.42
CA ASP B 256 11.65 -24.36 -13.84
C ASP B 256 10.97 -23.53 -12.75
N ASP B 257 11.04 -23.99 -11.52
CA ASP B 257 10.44 -23.27 -10.41
C ASP B 257 11.00 -21.87 -10.35
N GLY B 258 12.13 -21.67 -11.02
CA GLY B 258 12.76 -20.36 -11.05
C GLY B 258 12.18 -19.53 -12.17
N LYS B 259 12.05 -20.14 -13.35
CA LYS B 259 11.49 -19.44 -14.50
C LYS B 259 10.12 -18.91 -14.15
N VAL B 260 9.28 -19.77 -13.60
CA VAL B 260 7.92 -19.40 -13.23
C VAL B 260 7.90 -18.19 -12.29
N VAL B 261 8.78 -18.18 -11.30
CA VAL B 261 8.82 -17.06 -10.36
C VAL B 261 9.16 -15.78 -11.11
N ALA B 262 10.24 -15.81 -11.88
CA ALA B 262 10.66 -14.65 -12.65
C ALA B 262 9.52 -14.10 -13.48
N GLU B 263 8.66 -14.99 -13.98
CA GLU B 263 7.52 -14.56 -14.78
C GLU B 263 6.48 -13.93 -13.86
N GLY B 264 5.95 -14.74 -12.96
CA GLY B 264 4.93 -14.26 -12.04
C GLY B 264 5.36 -12.99 -11.33
N LEU B 265 6.66 -12.71 -11.33
CA LEU B 265 7.19 -11.53 -10.69
C LEU B 265 7.14 -10.36 -11.66
N LEU B 266 7.83 -10.51 -12.79
CA LEU B 266 7.85 -9.45 -13.81
C LEU B 266 6.45 -9.20 -14.37
N ALA B 267 5.67 -10.27 -14.50
CA ALA B 267 4.31 -10.18 -15.02
C ALA B 267 3.46 -9.16 -14.26
N GLN B 268 3.91 -8.79 -13.06
CA GLN B 268 3.17 -7.83 -12.25
C GLN B 268 3.64 -6.40 -12.44
N PHE B 269 4.33 -6.15 -13.55
CA PHE B 269 4.82 -4.82 -13.86
C PHE B 269 4.47 -4.47 -15.30
N GLY B 270 3.80 -5.40 -15.97
CA GLY B 270 3.42 -5.17 -17.35
C GLY B 270 4.40 -5.78 -18.33
N PHE B 271 5.28 -6.64 -17.82
CA PHE B 271 6.27 -7.29 -18.65
C PHE B 271 5.73 -8.58 -19.26
N THR B 272 5.82 -8.70 -20.58
CA THR B 272 5.34 -9.90 -21.27
C THR B 272 6.48 -10.53 -22.06
N LYS B 273 7.55 -9.77 -22.24
CA LYS B 273 8.71 -10.25 -22.98
C LYS B 273 9.96 -10.27 -22.11
N PHE B 274 10.54 -11.45 -21.92
CA PHE B 274 11.74 -11.58 -21.12
C PHE B 274 12.66 -12.74 -21.54
N LYS B 275 12.19 -13.98 -21.43
CA LYS B 275 12.98 -15.15 -21.80
C LYS B 275 14.22 -15.31 -20.92
N PHE B 276 14.80 -16.51 -20.92
CA PHE B 276 15.98 -16.79 -20.12
C PHE B 276 17.12 -17.36 -20.96
N LYS B 277 18.35 -17.18 -20.49
CA LYS B 277 19.53 -17.69 -21.18
C LYS B 277 20.60 -18.10 -20.18
N PRO B 278 21.16 -19.31 -20.33
CA PRO B 278 22.21 -19.87 -19.45
C PRO B 278 23.35 -18.91 -19.17
N ASP B 279 23.73 -18.81 -17.90
CA ASP B 279 24.82 -17.92 -17.48
C ASP B 279 26.16 -18.62 -17.62
N GLU B 280 27.11 -17.96 -18.29
CA GLU B 280 28.44 -18.51 -18.50
C GLU B 280 29.24 -18.61 -17.20
N LYS B 281 29.02 -17.67 -16.29
CA LYS B 281 29.72 -17.65 -15.02
C LYS B 281 29.72 -19.00 -14.33
N LYS B 282 28.64 -19.75 -14.49
CA LYS B 282 28.50 -21.07 -13.89
C LYS B 282 29.04 -21.11 -12.46
N SER B 283 28.51 -20.24 -11.61
CA SER B 283 28.91 -20.17 -10.21
C SER B 283 28.85 -21.56 -9.58
N LYS B 284 29.92 -21.94 -8.89
CA LYS B 284 30.00 -23.26 -8.27
C LYS B 284 29.11 -23.46 -7.05
N TYR B 285 28.37 -22.43 -6.65
CA TYR B 285 27.47 -22.58 -5.51
C TYR B 285 26.08 -22.88 -6.07
N TYR B 286 26.05 -23.12 -7.37
CA TYR B 286 24.83 -23.43 -8.11
C TYR B 286 25.05 -24.74 -8.83
N THR B 287 24.07 -25.65 -8.76
CA THR B 287 24.20 -26.92 -9.47
C THR B 287 24.49 -26.57 -10.92
N PRO B 288 25.39 -27.32 -11.57
CA PRO B 288 25.73 -27.03 -12.97
C PRO B 288 24.54 -26.95 -13.91
N GLU B 289 24.63 -26.07 -14.89
CA GLU B 289 23.61 -25.88 -15.90
C GLU B 289 22.25 -25.36 -15.41
N THR B 290 22.26 -24.59 -14.33
CA THR B 290 21.01 -24.04 -13.81
C THR B 290 21.05 -22.51 -13.78
N GLN B 291 22.22 -21.96 -13.49
CA GLN B 291 22.36 -20.51 -13.44
C GLN B 291 21.98 -19.90 -14.77
N THR B 292 20.74 -19.44 -14.85
CA THR B 292 20.21 -18.82 -16.07
C THR B 292 19.86 -17.36 -15.82
N GLU B 293 20.36 -16.48 -16.68
CA GLU B 293 20.09 -15.05 -16.56
C GLU B 293 18.65 -14.79 -16.98
N VAL B 294 18.07 -13.69 -16.54
CA VAL B 294 16.70 -13.36 -16.91
C VAL B 294 16.61 -11.95 -17.50
N TYR B 295 16.84 -11.85 -18.79
CA TYR B 295 16.78 -10.57 -19.50
C TYR B 295 15.34 -10.12 -19.61
N ALA B 296 15.13 -8.80 -19.58
CA ALA B 296 13.77 -8.26 -19.68
C ALA B 296 13.71 -7.03 -20.58
N TYR B 297 12.63 -6.94 -21.34
CA TYR B 297 12.41 -5.82 -22.25
C TYR B 297 10.95 -5.38 -22.17
N HIS B 298 10.70 -4.31 -21.41
CA HIS B 298 9.35 -3.77 -21.25
C HIS B 298 9.02 -2.95 -22.49
N PRO B 299 7.76 -3.00 -22.95
CA PRO B 299 7.31 -2.26 -24.13
C PRO B 299 7.67 -0.77 -24.07
N LYS B 300 8.94 -0.45 -24.30
CA LYS B 300 9.42 0.92 -24.27
C LYS B 300 10.94 0.94 -24.41
N LEU B 301 11.58 1.99 -23.90
CA LEU B 301 13.03 2.12 -23.98
C LEU B 301 13.73 1.10 -23.08
N GLY B 302 15.06 1.12 -23.09
CA GLY B 302 15.82 0.19 -22.27
C GLY B 302 15.95 -1.15 -22.99
N GLU B 303 16.97 -1.26 -23.83
CA GLU B 303 17.24 -2.48 -24.58
C GLU B 303 17.15 -3.71 -23.67
N TRP B 304 16.92 -4.88 -24.25
CA TRP B 304 16.82 -6.10 -23.47
C TRP B 304 17.92 -6.12 -22.41
N ILE B 305 17.55 -5.78 -21.19
CA ILE B 305 18.49 -5.73 -20.07
C ILE B 305 18.19 -6.80 -19.03
N GLU B 306 19.25 -7.34 -18.45
CA GLU B 306 19.14 -8.38 -17.43
C GLU B 306 18.57 -7.80 -16.14
N VAL B 307 17.39 -8.28 -15.75
CA VAL B 307 16.74 -7.82 -14.53
C VAL B 307 16.91 -8.82 -13.39
N ALA B 308 17.05 -10.09 -13.75
CA ALA B 308 17.21 -11.14 -12.75
C ALA B 308 18.26 -12.17 -13.12
N THR B 309 18.31 -13.23 -12.31
CA THR B 309 19.24 -14.33 -12.51
C THR B 309 18.98 -15.32 -11.38
N PHE B 310 18.71 -16.57 -11.73
CA PHE B 310 18.43 -17.59 -10.73
C PHE B 310 19.16 -18.90 -11.00
N GLY B 311 19.16 -19.76 -9.99
CA GLY B 311 19.82 -21.05 -10.11
C GLY B 311 19.39 -21.99 -8.99
N VAL B 312 20.07 -23.13 -8.90
CA VAL B 312 19.78 -24.12 -7.88
C VAL B 312 21.02 -24.36 -7.02
N TYR B 313 20.82 -24.36 -5.70
CA TYR B 313 21.92 -24.58 -4.77
C TYR B 313 22.45 -26.00 -4.88
N SER B 314 23.72 -26.14 -5.26
CA SER B 314 24.34 -27.44 -5.41
C SER B 314 24.31 -28.22 -4.10
N PRO B 315 23.86 -29.48 -4.16
CA PRO B 315 23.77 -30.34 -2.97
C PRO B 315 24.98 -30.22 -2.06
N ILE B 316 26.16 -30.10 -2.66
CA ILE B 316 27.39 -29.97 -1.91
C ILE B 316 27.29 -28.76 -0.97
N ALA B 317 26.99 -27.60 -1.54
CA ALA B 317 26.87 -26.37 -0.76
C ALA B 317 25.78 -26.54 0.29
N LEU B 318 24.61 -27.02 -0.12
CA LEU B 318 23.51 -27.22 0.80
C LEU B 318 23.88 -28.24 1.86
N ALA B 319 24.78 -29.15 1.50
CA ALA B 319 25.24 -30.18 2.42
C ALA B 319 26.00 -29.51 3.55
N LYS B 320 26.98 -28.68 3.18
CA LYS B 320 27.78 -27.99 4.17
C LYS B 320 26.94 -27.22 5.18
N TYR B 321 25.70 -26.89 4.81
CA TYR B 321 24.83 -26.17 5.73
C TYR B 321 23.80 -27.09 6.37
N ASN B 322 24.00 -28.39 6.22
CA ASN B 322 23.12 -29.39 6.81
C ASN B 322 21.70 -29.30 6.23
N ILE B 323 21.60 -29.08 4.93
CA ILE B 323 20.30 -28.98 4.26
C ILE B 323 20.08 -30.20 3.37
N ASP B 324 19.12 -31.03 3.74
CA ASP B 324 18.82 -32.25 2.99
C ASP B 324 17.73 -32.09 1.95
N VAL B 325 17.85 -31.08 1.11
CA VAL B 325 16.85 -30.83 0.06
C VAL B 325 17.25 -29.68 -0.86
N PRO B 326 17.04 -29.85 -2.17
CA PRO B 326 17.39 -28.81 -3.15
C PRO B 326 16.68 -27.48 -2.89
N VAL B 327 17.33 -26.39 -3.29
CA VAL B 327 16.78 -25.05 -3.12
C VAL B 327 16.95 -24.25 -4.39
N MET B 328 15.91 -23.50 -4.74
CA MET B 328 15.93 -22.65 -5.93
C MET B 328 16.00 -21.21 -5.46
N ASN B 329 16.91 -20.44 -6.05
CA ASN B 329 17.08 -19.05 -5.67
C ASN B 329 17.05 -18.11 -6.88
N LEU B 330 16.16 -17.13 -6.82
CA LEU B 330 16.05 -16.13 -7.89
C LEU B 330 16.35 -14.76 -7.34
N GLY B 331 17.27 -14.06 -7.99
CA GLY B 331 17.63 -12.72 -7.55
C GLY B 331 17.19 -11.70 -8.57
N LEU B 332 16.90 -10.48 -8.12
CA LEU B 332 16.47 -9.43 -9.02
C LEU B 332 16.98 -8.08 -8.53
N GLY B 333 17.78 -7.42 -9.36
CA GLY B 333 18.32 -6.13 -9.00
C GLY B 333 17.21 -5.10 -8.98
N VAL B 334 16.93 -4.55 -7.80
CA VAL B 334 15.88 -3.56 -7.67
C VAL B 334 16.20 -2.32 -8.48
N GLU B 335 17.38 -1.75 -8.25
CA GLU B 335 17.78 -0.55 -8.98
C GLU B 335 17.74 -0.82 -10.47
N ARG B 336 17.98 -2.08 -10.83
CA ARG B 336 17.98 -2.50 -12.23
C ARG B 336 16.59 -2.24 -12.82
N LEU B 337 15.61 -2.99 -12.31
CA LEU B 337 14.22 -2.87 -12.76
C LEU B 337 13.77 -1.44 -12.55
N ALA B 338 14.29 -0.81 -11.50
CA ALA B 338 13.95 0.57 -11.16
C ALA B 338 14.13 1.48 -12.36
N MET B 339 15.31 1.44 -12.96
CA MET B 339 15.62 2.28 -14.12
C MET B 339 14.68 1.99 -15.28
N ILE B 340 14.34 0.72 -15.49
CA ILE B 340 13.46 0.34 -16.57
C ILE B 340 12.10 0.95 -16.39
N ILE B 341 11.59 0.90 -15.17
CA ILE B 341 10.29 1.46 -14.85
C ILE B 341 10.22 2.96 -15.11
N TYR B 342 10.98 3.73 -14.32
CA TYR B 342 10.98 5.18 -14.46
C TYR B 342 11.86 5.70 -15.59
N GLY B 343 12.31 4.80 -16.47
CA GLY B 343 13.14 5.21 -17.58
C GLY B 343 14.35 6.04 -17.19
N TYR B 344 15.23 5.46 -16.38
CA TYR B 344 16.44 6.16 -15.96
C TYR B 344 17.67 5.55 -16.63
N GLU B 345 18.61 6.40 -17.00
CA GLU B 345 19.84 5.94 -17.63
C GLU B 345 20.91 5.80 -16.55
N ASP B 346 21.39 6.93 -16.06
CA ASP B 346 22.41 6.94 -15.02
C ASP B 346 21.84 6.43 -13.71
N VAL B 347 22.37 5.31 -13.22
CA VAL B 347 21.90 4.73 -11.96
C VAL B 347 22.01 5.73 -10.83
N ARG B 348 23.19 6.34 -10.70
CA ARG B 348 23.46 7.33 -9.66
C ARG B 348 22.40 8.43 -9.66
N ALA B 349 22.13 8.97 -10.85
CA ALA B 349 21.14 10.02 -10.98
C ALA B 349 19.77 9.58 -10.48
N MET B 350 19.61 8.29 -10.22
CA MET B 350 18.34 7.75 -9.73
C MET B 350 18.40 7.47 -8.23
N VAL B 351 19.39 6.68 -7.83
CA VAL B 351 19.54 6.32 -6.43
C VAL B 351 19.61 7.58 -5.57
N TYR B 352 20.22 8.62 -6.12
CA TYR B 352 20.35 9.90 -5.40
C TYR B 352 19.84 11.05 -6.28
N PRO B 353 18.52 11.07 -6.54
CA PRO B 353 17.83 12.07 -7.36
C PRO B 353 18.45 13.45 -7.35
N GLN B 354 18.58 14.03 -6.16
CA GLN B 354 19.17 15.36 -6.04
C GLN B 354 20.64 15.27 -5.65
N PHE B 355 21.48 15.40 -6.67
CA PHE B 355 22.93 15.35 -6.52
C PHE B 355 23.51 15.88 -7.82
N TYR B 356 22.63 16.34 -8.71
CA TYR B 356 23.04 16.89 -9.99
C TYR B 356 21.91 17.68 -10.66
N GLU B 357 21.05 16.99 -11.38
CA GLU B 357 19.94 17.62 -12.09
C GLU B 357 18.90 18.24 -11.14
N TYR B 358 17.96 18.99 -11.73
CA TYR B 358 16.90 19.66 -10.99
C TYR B 358 16.07 20.49 -11.95
N ARG B 359 16.14 20.14 -13.24
CA ARG B 359 15.42 20.86 -14.29
C ARG B 359 14.03 21.33 -13.88
N LEU B 360 13.76 22.61 -14.14
CA LEU B 360 12.48 23.21 -13.83
C LEU B 360 11.57 23.21 -15.05
N SER B 361 10.48 22.45 -14.96
CA SER B 361 9.52 22.36 -16.06
C SER B 361 8.76 23.66 -16.22
N ASP B 362 8.26 23.91 -17.43
CA ASP B 362 7.52 25.12 -17.73
C ASP B 362 6.49 25.43 -16.63
N ARG B 363 5.79 24.38 -16.18
CA ARG B 363 4.78 24.54 -15.14
C ARG B 363 5.36 25.20 -13.89
N ASP B 364 6.66 25.04 -13.70
CA ASP B 364 7.35 25.63 -12.54
C ASP B 364 7.70 27.09 -12.80
N ILE B 365 8.26 27.36 -13.97
CA ILE B 365 8.65 28.71 -14.34
C ILE B 365 7.49 29.69 -14.13
N ALA B 366 6.32 29.32 -14.62
CA ALA B 366 5.14 30.17 -14.48
C ALA B 366 4.95 30.58 -13.02
N GLY B 367 5.14 29.62 -12.12
CA GLY B 367 4.99 29.90 -10.71
C GLY B 367 6.22 30.55 -10.09
N MET B 368 7.15 30.95 -10.93
CA MET B 368 8.36 31.60 -10.46
C MET B 368 8.53 32.99 -11.08
N ILE B 369 7.54 33.41 -11.85
CA ILE B 369 7.53 34.72 -12.48
C ILE B 369 6.65 35.61 -11.62
N ARG B 370 7.17 36.00 -10.46
CA ARG B 370 6.42 36.83 -9.52
C ARG B 370 6.32 38.30 -9.94
N VAL B 371 5.63 39.10 -9.15
CA VAL B 371 5.45 40.52 -9.42
C VAL B 371 6.45 41.35 -8.62
N ASP B 372 7.16 42.24 -9.31
CA ASP B 372 8.16 43.09 -8.68
C ASP B 372 7.67 43.87 -7.47
N LYS B 373 6.96 44.97 -7.72
CA LYS B 373 6.44 45.80 -6.64
C LYS B 373 4.92 45.86 -6.66
N VAL B 374 4.33 45.91 -5.47
CA VAL B 374 2.88 45.98 -5.34
C VAL B 374 2.50 46.76 -4.09
N PRO B 375 1.30 47.35 -4.08
CA PRO B 375 0.83 48.12 -2.92
C PRO B 375 0.81 47.24 -1.68
N ILE B 376 1.31 47.77 -0.56
CA ILE B 376 1.33 47.03 0.68
C ILE B 376 0.18 47.44 1.57
N LEU B 377 -0.82 48.09 0.96
CA LEU B 377 -2.02 48.53 1.66
C LEU B 377 -3.25 47.99 0.98
N ASP B 378 -3.97 47.11 1.67
CA ASP B 378 -5.18 46.48 1.15
C ASP B 378 -6.04 47.48 0.38
N GLU B 379 -6.14 48.70 0.90
CA GLU B 379 -6.93 49.73 0.25
C GLU B 379 -6.37 50.05 -1.15
N PHE B 380 -5.10 50.40 -1.22
CA PHE B 380 -4.47 50.72 -2.50
C PHE B 380 -4.49 49.51 -3.41
N TYR B 381 -4.11 48.36 -2.87
CA TYR B 381 -4.10 47.13 -3.65
C TYR B 381 -5.44 47.02 -4.36
N ASN B 382 -6.52 47.14 -3.61
CA ASN B 382 -7.86 47.06 -4.17
C ASN B 382 -8.00 48.13 -5.26
N PHE B 383 -7.47 49.31 -5.00
CA PHE B 383 -7.53 50.41 -5.96
C PHE B 383 -6.89 50.00 -7.27
N ALA B 384 -5.77 49.29 -7.19
CA ALA B 384 -5.07 48.83 -8.37
C ALA B 384 -6.04 48.05 -9.26
N ASN B 385 -6.46 46.89 -8.77
CA ASN B 385 -7.38 46.04 -9.50
C ASN B 385 -8.50 46.86 -10.12
N GLU B 386 -9.06 47.76 -9.32
CA GLU B 386 -10.15 48.61 -9.81
C GLU B 386 -9.63 49.52 -10.91
N LEU B 387 -8.46 50.10 -10.69
CA LEU B 387 -7.84 51.02 -11.64
C LEU B 387 -7.46 50.28 -12.92
N ILE B 388 -7.18 49.00 -12.80
CA ILE B 388 -6.80 48.17 -13.94
C ILE B 388 -7.96 47.91 -14.91
N ASP B 389 -9.10 47.54 -14.36
CA ASP B 389 -10.28 47.27 -15.19
C ASP B 389 -10.70 48.55 -15.91
N ILE B 390 -10.37 49.69 -15.31
CA ILE B 390 -10.70 50.99 -15.89
C ILE B 390 -9.89 51.25 -17.16
N CYS B 391 -8.57 51.10 -17.05
CA CYS B 391 -7.67 51.32 -18.16
C CYS B 391 -8.08 50.55 -19.40
N ILE B 392 -8.91 49.52 -19.20
CA ILE B 392 -9.39 48.74 -20.33
C ILE B 392 -10.43 49.60 -21.06
N ALA B 393 -9.95 50.51 -21.90
CA ALA B 393 -10.82 51.41 -22.65
C ALA B 393 -10.09 52.11 -23.81
N ASN B 394 -10.88 52.58 -24.77
CA ASN B 394 -10.39 53.31 -25.94
C ASN B 394 -9.16 52.76 -26.68
N LYS B 395 -8.69 53.57 -27.63
CA LYS B 395 -7.52 53.24 -28.45
C LYS B 395 -6.65 54.48 -28.69
N ASP B 396 -6.16 54.65 -29.91
CA ASP B 396 -5.30 55.78 -30.28
C ASP B 396 -6.06 57.11 -30.23
N LYS B 397 -5.30 58.21 -30.22
CA LYS B 397 -5.87 59.55 -30.19
C LYS B 397 -4.78 60.59 -29.96
N GLU B 398 -3.52 60.17 -30.03
CA GLU B 398 -2.37 61.04 -29.83
C GLU B 398 -2.59 61.92 -28.60
N SER B 399 -3.39 61.44 -27.66
CA SER B 399 -3.73 62.15 -26.43
C SER B 399 -4.49 63.44 -26.74
N PRO B 400 -5.31 63.92 -25.78
CA PRO B 400 -5.55 63.35 -24.45
C PRO B 400 -6.85 62.56 -24.36
N CYS B 401 -7.65 62.86 -23.35
CA CYS B 401 -8.93 62.19 -23.13
C CYS B 401 -9.73 62.92 -22.06
N SER B 402 -10.39 62.15 -21.20
CA SER B 402 -11.19 62.68 -20.10
C SER B 402 -11.25 61.63 -18.99
N VAL B 403 -10.10 61.17 -18.55
CA VAL B 403 -10.02 60.16 -17.49
C VAL B 403 -9.09 60.61 -16.37
N GLU B 404 -9.47 61.67 -15.67
CA GLU B 404 -8.66 62.21 -14.58
C GLU B 404 -9.27 62.03 -13.19
N VAL B 405 -10.44 62.64 -12.97
CA VAL B 405 -11.12 62.56 -11.68
C VAL B 405 -11.07 61.15 -11.10
N LYS B 406 -10.43 61.01 -9.94
CA LYS B 406 -10.30 59.71 -9.30
C LYS B 406 -10.55 59.67 -7.79
N ARG B 407 -10.56 58.46 -7.24
CA ARG B 407 -10.80 58.19 -5.83
C ARG B 407 -10.15 59.19 -4.88
N GLU B 408 -10.59 59.16 -3.63
CA GLU B 408 -10.09 60.06 -2.59
C GLU B 408 -10.10 59.42 -1.20
N PHE B 409 -9.40 58.31 -1.04
CA PHE B 409 -9.36 57.60 0.24
C PHE B 409 -8.31 58.18 1.18
N ASN B 410 -8.48 57.93 2.47
CA ASN B 410 -7.57 58.43 3.49
C ASN B 410 -6.29 57.61 3.64
N PHE B 411 -5.27 58.24 4.21
CA PHE B 411 -3.97 57.61 4.42
C PHE B 411 -3.77 57.43 5.92
N ASN B 412 -3.32 58.48 6.59
CA ASN B 412 -3.10 58.45 8.03
C ASN B 412 -3.92 59.54 8.70
N GLY B 413 -4.54 60.39 7.89
CA GLY B 413 -5.34 61.47 8.43
C GLY B 413 -5.77 62.48 7.38
N GLU B 414 -7.01 62.35 6.90
CA GLU B 414 -7.57 63.25 5.90
C GLU B 414 -6.86 63.20 4.55
N ARG B 415 -5.65 62.63 4.53
CA ARG B 415 -4.89 62.54 3.28
C ARG B 415 -5.66 61.75 2.23
N ARG B 416 -6.15 62.47 1.23
CA ARG B 416 -6.90 61.84 0.15
C ARG B 416 -6.83 62.67 -1.13
N VAL B 417 -7.90 62.61 -1.92
CA VAL B 417 -7.96 63.35 -3.18
C VAL B 417 -6.71 63.04 -4.00
N ILE B 418 -6.69 61.84 -4.58
CA ILE B 418 -5.56 61.40 -5.40
C ILE B 418 -6.01 61.28 -6.85
N LYS B 419 -5.90 62.38 -7.59
CA LYS B 419 -6.29 62.40 -8.99
C LYS B 419 -5.30 61.64 -9.84
N VAL B 420 -5.78 60.60 -10.51
CA VAL B 420 -4.93 59.80 -11.37
C VAL B 420 -5.41 59.88 -12.82
N GLU B 421 -4.63 60.56 -13.65
CA GLU B 421 -4.99 60.70 -15.05
C GLU B 421 -4.28 59.63 -15.85
N ILE B 422 -5.01 58.98 -16.76
CA ILE B 422 -4.44 57.92 -17.58
C ILE B 422 -4.58 58.20 -19.07
N PHE B 423 -3.49 58.03 -19.81
CA PHE B 423 -3.46 58.26 -21.25
C PHE B 423 -2.10 57.91 -21.83
N GLU B 424 -2.01 57.87 -23.16
CA GLU B 424 -0.77 57.55 -23.84
C GLU B 424 -0.43 58.73 -24.77
N ASN B 425 0.48 59.59 -24.32
CA ASN B 425 0.87 60.77 -25.10
C ASN B 425 1.40 60.42 -26.48
N GLU B 426 2.41 59.55 -26.54
CA GLU B 426 3.00 59.15 -27.81
C GLU B 426 1.96 58.49 -28.71
N PRO B 427 1.85 58.97 -29.96
CA PRO B 427 0.90 58.44 -30.95
C PRO B 427 1.19 57.01 -31.41
N ASN B 428 0.19 56.39 -32.02
CA ASN B 428 0.30 55.02 -32.53
C ASN B 428 0.46 53.98 -31.42
N LYS B 429 0.10 54.35 -30.20
CA LYS B 429 0.19 53.44 -29.06
C LYS B 429 -1.14 53.38 -28.31
N LYS B 430 -2.23 53.55 -29.05
CA LYS B 430 -3.58 53.52 -28.47
C LYS B 430 -3.65 54.39 -27.21
N LEU B 431 -4.59 54.06 -26.33
CA LEU B 431 -4.75 54.82 -25.09
C LEU B 431 -3.68 54.32 -24.12
N LEU B 432 -3.16 53.12 -24.40
CA LEU B 432 -2.13 52.52 -23.55
C LEU B 432 -1.14 51.73 -24.41
N GLY B 433 -1.64 51.14 -25.49
CA GLY B 433 -0.79 50.36 -26.37
C GLY B 433 -1.59 49.34 -27.16
N PRO B 434 -1.00 48.74 -28.22
CA PRO B 434 -1.68 47.75 -29.05
C PRO B 434 -1.67 46.36 -28.42
N SER B 435 -1.39 46.32 -27.12
CA SER B 435 -1.32 45.06 -26.40
C SER B 435 -1.80 45.18 -24.95
N VAL B 436 -0.88 45.51 -24.06
CA VAL B 436 -1.15 45.66 -22.63
C VAL B 436 -2.07 44.58 -22.08
N LEU B 437 -2.18 43.48 -22.82
CA LEU B 437 -3.02 42.37 -22.40
C LEU B 437 -2.31 41.05 -22.67
N ASN B 438 -0.99 41.13 -22.81
CA ASN B 438 -0.15 39.96 -23.05
C ASN B 438 -0.11 39.05 -21.83
N GLU B 439 -0.51 37.81 -22.01
CA GLU B 439 -0.57 36.84 -20.91
C GLU B 439 0.78 36.47 -20.30
N VAL B 440 1.85 36.55 -21.09
CA VAL B 440 3.17 36.19 -20.60
C VAL B 440 3.21 34.69 -20.27
N TYR B 441 3.22 33.86 -21.31
CA TYR B 441 3.26 32.41 -21.14
C TYR B 441 4.69 31.92 -21.01
N VAL B 442 4.82 30.60 -20.90
CA VAL B 442 6.12 29.94 -20.79
C VAL B 442 6.08 28.66 -21.60
N TYR B 443 7.02 28.51 -22.53
CA TYR B 443 7.08 27.31 -23.37
C TYR B 443 8.52 26.89 -23.64
N ASP B 444 8.74 25.59 -23.73
CA ASP B 444 10.07 25.03 -23.99
C ASP B 444 11.13 25.79 -23.19
N GLY B 445 10.79 26.16 -21.97
CA GLY B 445 11.72 26.86 -21.11
C GLY B 445 11.89 28.34 -21.44
N ASN B 446 11.14 28.82 -22.42
CA ASN B 446 11.20 30.22 -22.82
C ASN B 446 10.02 31.01 -22.27
N ILE B 447 10.20 32.33 -22.17
CA ILE B 447 9.16 33.22 -21.69
C ILE B 447 8.72 34.13 -22.83
N TYR B 448 7.47 34.00 -23.24
CA TYR B 448 6.92 34.80 -24.32
C TYR B 448 5.83 35.76 -23.87
N GLY B 449 4.60 35.45 -24.24
CA GLY B 449 3.48 36.31 -23.87
C GLY B 449 3.07 37.22 -25.00
N ILE B 450 1.92 36.93 -25.61
CA ILE B 450 1.42 37.73 -26.70
C ILE B 450 -0.09 37.94 -26.57
N PRO B 451 -0.60 39.08 -27.04
CA PRO B 451 -2.04 39.38 -26.97
C PRO B 451 -2.81 38.47 -27.90
N PRO B 452 -4.10 38.23 -27.59
CA PRO B 452 -4.98 37.38 -28.40
C PRO B 452 -5.31 37.93 -29.79
N THR B 453 -4.57 38.94 -30.23
CA THR B 453 -4.81 39.55 -31.53
C THR B 453 -4.08 38.78 -32.63
N PHE B 454 -3.45 39.52 -33.54
CA PHE B 454 -2.73 38.89 -34.65
C PHE B 454 -1.77 39.86 -35.35
N GLU B 455 -0.79 39.30 -36.05
CA GLU B 455 0.19 40.08 -36.78
C GLU B 455 0.47 39.46 -38.14
N GLY B 456 1.44 38.55 -38.21
CA GLY B 456 1.76 37.91 -39.46
C GLY B 456 3.18 37.38 -39.55
N VAL B 457 4.10 38.04 -38.87
CA VAL B 457 5.50 37.64 -38.88
C VAL B 457 5.78 36.43 -37.98
N LYS B 458 5.79 36.67 -36.68
CA LYS B 458 6.06 35.61 -35.70
C LYS B 458 4.81 34.86 -35.23
N GLU B 459 3.67 35.12 -35.87
CA GLU B 459 2.44 34.45 -35.50
C GLU B 459 2.49 32.97 -35.87
N GLN B 460 3.67 32.38 -35.68
CA GLN B 460 3.88 30.97 -35.96
C GLN B 460 3.93 30.22 -34.64
N TYR B 461 4.07 30.99 -33.57
CA TYR B 461 4.12 30.45 -32.22
C TYR B 461 2.72 30.22 -31.68
N ILE B 462 1.84 29.73 -32.55
CA ILE B 462 0.47 29.44 -32.17
C ILE B 462 0.48 28.17 -31.31
N PRO B 463 1.07 27.07 -31.83
CA PRO B 463 1.12 25.85 -31.03
C PRO B 463 1.78 26.15 -29.69
N ILE B 464 2.57 27.21 -29.70
CA ILE B 464 3.27 27.68 -28.50
C ILE B 464 2.34 28.63 -27.76
N LEU B 465 2.41 28.61 -26.44
CA LEU B 465 1.57 29.46 -25.60
C LEU B 465 0.10 29.41 -25.98
N LYS B 466 -0.67 30.34 -25.44
CA LYS B 466 -2.11 30.43 -25.70
C LYS B 466 -2.83 29.16 -25.24
N LYS B 467 -3.95 29.36 -24.55
CA LYS B 467 -4.75 28.25 -24.03
C LYS B 467 -5.39 27.41 -25.13
N ALA B 468 -6.47 26.70 -24.78
CA ALA B 468 -7.19 25.84 -25.72
C ALA B 468 -6.37 24.61 -26.08
N LYS B 469 -6.09 24.45 -27.38
CA LYS B 469 -5.30 23.31 -27.85
C LYS B 469 -3.95 23.80 -28.36
N GLU B 470 -3.21 24.50 -27.51
CA GLU B 470 -1.90 25.02 -27.87
C GLU B 470 -0.97 25.01 -26.66
N GLU B 471 -0.06 24.04 -26.65
CA GLU B 471 0.91 23.86 -25.57
C GLU B 471 1.44 25.15 -24.96
N GLY B 472 2.05 25.02 -23.78
CA GLY B 472 2.59 26.18 -23.10
C GLY B 472 1.78 26.55 -21.87
N VAL B 473 2.46 26.89 -20.78
CA VAL B 473 1.79 27.26 -19.53
C VAL B 473 1.75 28.77 -19.34
N SER B 474 0.60 29.26 -18.87
CA SER B 474 0.43 30.69 -18.64
C SER B 474 0.73 31.11 -17.20
N THR B 475 1.03 32.38 -17.03
CA THR B 475 1.32 32.93 -15.71
C THR B 475 0.10 33.68 -15.20
N ASN B 476 -0.90 33.83 -16.06
CA ASN B 476 -2.12 34.55 -15.73
C ASN B 476 -1.79 35.94 -15.22
N ILE B 477 -0.96 36.64 -15.98
CA ILE B 477 -0.57 38.01 -15.65
C ILE B 477 -0.45 38.78 -16.95
N ARG B 478 -1.26 39.83 -17.10
CA ARG B 478 -1.20 40.65 -18.30
C ARG B 478 -0.25 41.82 -18.03
N TYR B 479 0.10 42.54 -19.07
CA TYR B 479 1.00 43.69 -18.91
C TYR B 479 0.44 44.68 -17.91
N ILE B 480 -0.66 45.34 -18.29
CA ILE B 480 -1.29 46.34 -17.44
C ILE B 480 -1.26 45.97 -15.97
N ASP B 481 -1.48 44.70 -15.67
CA ASP B 481 -1.46 44.22 -14.29
C ASP B 481 -0.19 44.73 -13.59
N GLY B 482 0.96 44.15 -13.95
CA GLY B 482 2.20 44.58 -13.35
C GLY B 482 2.37 46.07 -13.47
N ILE B 483 2.06 46.60 -14.65
CA ILE B 483 2.19 48.01 -14.91
C ILE B 483 1.42 48.86 -13.91
N ILE B 484 0.12 48.60 -13.78
CA ILE B 484 -0.72 49.36 -12.86
C ILE B 484 -0.24 49.15 -11.42
N TYR B 485 0.02 47.91 -11.04
CA TYR B 485 0.50 47.62 -9.70
C TYR B 485 1.72 48.47 -9.43
N LYS B 486 2.52 48.67 -10.47
CA LYS B 486 3.74 49.47 -10.36
C LYS B 486 3.31 50.90 -10.04
N LEU B 487 2.32 51.40 -10.78
CA LEU B 487 1.83 52.75 -10.57
C LEU B 487 1.29 52.91 -9.17
N VAL B 488 0.18 52.23 -8.90
CA VAL B 488 -0.46 52.29 -7.59
C VAL B 488 0.58 52.14 -6.49
N ALA B 489 1.56 51.28 -6.73
CA ALA B 489 2.63 51.05 -5.77
C ALA B 489 3.27 52.39 -5.46
N LYS B 490 3.67 53.09 -6.52
CA LYS B 490 4.29 54.39 -6.37
C LYS B 490 3.43 55.34 -5.56
N ILE B 491 2.17 55.52 -5.99
CA ILE B 491 1.24 56.39 -5.29
C ILE B 491 1.45 56.19 -3.80
N GLU B 492 1.45 54.93 -3.38
CA GLU B 492 1.64 54.57 -2.00
C GLU B 492 3.00 55.07 -1.52
N GLU B 493 4.06 54.64 -2.19
CA GLU B 493 5.42 55.04 -1.84
C GLU B 493 5.57 56.55 -1.77
N ALA B 494 4.62 57.28 -2.36
CA ALA B 494 4.66 58.73 -2.37
C ALA B 494 3.97 59.35 -1.16
N LEU B 495 2.80 58.84 -0.81
CA LEU B 495 2.07 59.37 0.33
C LEU B 495 2.90 59.38 1.59
N VAL B 496 4.05 58.71 1.54
CA VAL B 496 4.94 58.64 2.68
C VAL B 496 6.21 59.44 2.44
N SER B 497 6.49 59.72 1.17
CA SER B 497 7.67 60.47 0.80
C SER B 497 7.37 61.95 0.57
N ASN B 498 6.09 62.31 0.61
CA ASN B 498 5.66 63.69 0.39
C ASN B 498 5.94 64.14 -1.03
N VAL B 499 5.29 63.49 -1.99
CA VAL B 499 5.45 63.83 -3.39
C VAL B 499 4.12 64.36 -3.90
N ASP B 500 4.16 65.25 -4.89
CA ASP B 500 2.95 65.84 -5.44
C ASP B 500 2.61 65.35 -6.85
N GLU B 501 3.62 65.16 -7.68
CA GLU B 501 3.38 64.69 -9.04
C GLU B 501 4.14 63.41 -9.36
N PHE B 502 3.86 62.82 -10.51
CA PHE B 502 4.53 61.59 -10.91
C PHE B 502 5.06 61.57 -12.34
N LYS B 503 4.87 60.44 -13.02
CA LYS B 503 5.33 60.23 -14.39
C LYS B 503 6.82 59.89 -14.38
N PHE B 504 7.15 58.60 -14.52
CA PHE B 504 8.54 58.17 -14.52
C PHE B 504 8.92 57.25 -15.68
N ARG B 505 10.20 56.91 -15.75
CA ARG B 505 10.75 56.06 -16.80
C ARG B 505 12.09 55.49 -16.35
N VAL B 506 12.41 54.28 -16.79
CA VAL B 506 13.68 53.63 -16.43
C VAL B 506 14.09 52.44 -17.31
N PRO B 507 13.13 51.62 -17.73
CA PRO B 507 13.47 50.46 -18.58
C PRO B 507 13.88 50.79 -20.02
N ILE B 508 14.65 49.90 -20.62
CA ILE B 508 15.11 50.03 -22.01
C ILE B 508 15.36 48.63 -22.55
N VAL B 509 15.22 48.46 -23.86
CA VAL B 509 15.41 47.16 -24.51
C VAL B 509 16.28 46.19 -23.70
N ARG B 510 15.61 45.24 -23.05
CA ARG B 510 16.30 44.24 -22.24
C ARG B 510 15.47 42.96 -22.12
N SER B 511 14.43 43.02 -21.28
CA SER B 511 13.56 41.87 -21.07
C SER B 511 12.17 42.26 -20.60
N LEU B 512 11.62 41.48 -19.68
CA LEU B 512 10.29 41.71 -19.13
C LEU B 512 10.30 42.62 -17.92
N SER B 513 11.42 43.27 -17.65
CA SER B 513 11.48 44.18 -16.52
C SER B 513 10.38 45.18 -16.86
N ASP B 514 10.02 46.05 -15.92
CA ASP B 514 8.93 46.99 -16.19
C ASP B 514 7.71 46.08 -16.30
N ILE B 515 6.51 46.63 -16.16
CA ILE B 515 5.32 45.78 -16.20
C ILE B 515 5.54 44.87 -14.99
N ASN B 516 6.49 45.27 -14.16
CA ASN B 516 6.88 44.53 -12.98
C ASN B 516 7.27 43.12 -13.36
N LEU B 517 7.06 42.18 -12.45
CA LEU B 517 7.40 40.78 -12.67
C LEU B 517 8.91 40.58 -12.61
N LYS B 518 9.36 39.99 -11.51
CA LYS B 518 10.77 39.72 -11.31
C LYS B 518 10.91 38.21 -11.42
N ILE B 519 12.07 37.67 -11.04
CA ILE B 519 12.25 36.23 -11.11
C ILE B 519 13.18 35.68 -10.04
N ASP B 520 12.85 34.50 -9.54
CA ASP B 520 13.65 33.84 -8.51
C ASP B 520 15.00 33.50 -9.11
N GLU B 521 16.02 33.37 -8.28
CA GLU B 521 17.36 33.05 -8.76
C GLU B 521 17.30 31.86 -9.70
N LEU B 522 16.88 30.71 -9.18
CA LEU B 522 16.77 29.51 -10.00
C LEU B 522 15.86 29.85 -11.16
N ALA B 523 15.79 28.96 -12.15
CA ALA B 523 14.98 29.21 -13.33
C ALA B 523 15.68 30.29 -14.13
N LEU B 524 15.88 31.45 -13.51
CA LEU B 524 16.57 32.54 -14.16
C LEU B 524 18.00 32.08 -14.39
N LYS B 525 18.42 31.11 -13.58
CA LYS B 525 19.77 30.53 -13.69
C LYS B 525 19.75 29.52 -14.83
N GLN B 526 18.57 29.02 -15.15
CA GLN B 526 18.39 28.06 -16.21
C GLN B 526 18.09 28.77 -17.52
N ILE B 527 17.12 29.68 -17.48
CA ILE B 527 16.73 30.44 -18.66
C ILE B 527 17.96 30.84 -19.46
N MET B 528 18.94 31.44 -18.78
CA MET B 528 20.17 31.87 -19.44
C MET B 528 21.20 30.74 -19.52
N GLY B 529 21.16 29.85 -18.54
CA GLY B 529 22.11 28.75 -18.52
C GLY B 529 21.90 27.75 -19.64
N GLU B 530 20.75 27.83 -20.32
CA GLU B 530 20.43 26.92 -21.41
C GLU B 530 19.98 27.68 -22.65
N ASN B 531 20.49 28.90 -22.83
CA ASN B 531 20.15 29.72 -23.98
C ASN B 531 18.65 29.83 -24.27
N LYS B 532 17.88 30.18 -23.25
CA LYS B 532 16.44 30.36 -23.43
C LYS B 532 16.17 31.84 -23.67
N VAL B 533 15.18 32.14 -24.50
CA VAL B 533 14.86 33.53 -24.81
C VAL B 533 13.69 34.06 -23.99
N ILE B 534 13.73 35.35 -23.69
CA ILE B 534 12.68 36.01 -22.94
C ILE B 534 12.15 37.16 -23.79
N ASP B 535 11.28 36.83 -24.73
CA ASP B 535 10.70 37.81 -25.65
C ASP B 535 9.38 38.42 -25.17
N VAL B 536 9.43 39.69 -24.76
CA VAL B 536 8.24 40.42 -24.30
C VAL B 536 8.11 41.73 -25.07
N ARG B 537 9.14 42.57 -24.98
CA ARG B 537 9.15 43.86 -25.68
C ARG B 537 8.00 44.75 -25.25
N GLY B 538 8.31 45.87 -24.58
CA GLY B 538 7.25 46.76 -24.14
C GLY B 538 7.62 48.21 -23.90
N PRO B 539 7.25 49.13 -24.81
CA PRO B 539 7.54 50.57 -24.68
C PRO B 539 6.48 51.27 -23.80
N VAL B 540 6.05 50.57 -22.75
CA VAL B 540 5.03 51.07 -21.81
C VAL B 540 5.05 52.58 -21.58
N PHE B 541 5.91 53.00 -20.66
CA PHE B 541 6.04 54.40 -20.31
C PHE B 541 4.87 54.89 -19.45
N LEU B 542 3.68 54.92 -20.07
CA LEU B 542 2.46 55.38 -19.39
C LEU B 542 2.74 56.22 -18.15
N ASN B 543 3.57 57.25 -18.33
CA ASN B 543 3.93 58.14 -17.24
C ASN B 543 2.65 58.51 -16.50
N ALA B 544 1.62 58.84 -17.27
CA ALA B 544 0.30 59.23 -16.76
C ALA B 544 0.39 60.09 -15.50
N LYS B 545 0.11 61.37 -15.66
CA LYS B 545 0.16 62.31 -14.56
C LYS B 545 -0.82 61.96 -13.45
N VAL B 546 -0.34 62.02 -12.21
CA VAL B 546 -1.16 61.72 -11.04
C VAL B 546 -0.74 62.58 -9.85
N GLU B 547 -1.60 63.52 -9.49
CA GLU B 547 -1.35 64.43 -8.37
C GLU B 547 -2.13 63.99 -7.14
N ILE B 548 -1.82 64.57 -5.99
CA ILE B 548 -2.51 64.19 -4.76
C ILE B 548 -3.14 65.40 -4.04
N LYS B 549 -3.67 66.33 -4.82
CA LYS B 549 -4.32 67.52 -4.27
C LYS B 549 -5.48 67.98 -5.13
N MET C 11 13.37 -36.92 -4.58
CA MET C 11 14.05 -37.77 -3.56
C MET C 11 15.19 -37.00 -2.90
N ARG C 12 15.18 -36.97 -1.57
CA ARG C 12 16.22 -36.28 -0.81
C ARG C 12 17.52 -37.06 -0.83
N PHE C 13 18.63 -36.34 -0.94
CA PHE C 13 19.95 -36.97 -0.97
C PHE C 13 20.63 -36.95 0.39
N ASP C 14 21.70 -37.72 0.53
CA ASP C 14 22.44 -37.79 1.78
C ASP C 14 23.57 -36.77 1.85
N ILE C 15 23.82 -36.27 3.05
CA ILE C 15 24.87 -35.28 3.28
C ILE C 15 26.25 -35.83 2.95
N LYS C 16 26.83 -36.55 3.91
CA LYS C 16 28.15 -37.13 3.76
C LYS C 16 28.31 -37.86 2.43
N LYS C 17 27.26 -38.56 2.01
CA LYS C 17 27.28 -39.30 0.76
C LYS C 17 27.85 -38.43 -0.36
N VAL C 18 27.44 -37.17 -0.38
CA VAL C 18 27.90 -36.22 -1.39
C VAL C 18 29.08 -35.40 -0.87
N LEU C 19 29.00 -35.02 0.41
CA LEU C 19 30.04 -34.22 1.05
C LEU C 19 31.42 -34.87 0.94
N GLU C 20 31.45 -36.20 0.97
CA GLU C 20 32.71 -36.93 0.88
C GLU C 20 33.43 -36.62 -0.43
N LEU C 21 32.66 -36.43 -1.50
CA LEU C 21 33.25 -36.12 -2.81
C LEU C 21 34.04 -34.82 -2.74
N ALA C 22 34.04 -34.21 -1.56
CA ALA C 22 34.75 -32.96 -1.33
C ALA C 22 35.86 -33.19 -0.31
N GLU C 23 35.88 -32.35 0.73
CA GLU C 23 36.88 -32.44 1.78
C GLU C 23 38.30 -32.45 1.21
N LYS C 24 38.85 -33.65 1.01
CA LYS C 24 40.19 -33.81 0.47
C LYS C 24 40.14 -34.65 -0.80
N ASP C 25 39.09 -35.46 -0.93
CA ASP C 25 38.92 -36.30 -2.11
C ASP C 25 37.97 -35.62 -3.08
N PHE C 26 38.46 -34.56 -3.73
CA PHE C 26 37.65 -33.80 -4.67
C PHE C 26 37.96 -34.16 -6.12
N GLU C 27 37.16 -35.05 -6.70
CA GLU C 27 37.35 -35.47 -8.08
C GLU C 27 36.08 -35.23 -8.89
N THR C 28 36.07 -34.15 -9.66
CA THR C 28 34.92 -33.80 -10.50
C THR C 28 33.61 -33.79 -9.72
N ALA C 29 33.68 -33.56 -8.41
CA ALA C 29 32.50 -33.55 -7.56
C ALA C 29 31.40 -32.62 -8.06
N TRP C 30 31.68 -31.31 -8.03
CA TRP C 30 30.71 -30.31 -8.47
C TRP C 30 30.14 -30.65 -9.85
N ARG C 31 31.03 -30.70 -10.85
CA ARG C 31 30.65 -31.01 -12.22
C ARG C 31 29.73 -32.23 -12.29
N GLU C 32 29.86 -33.12 -11.31
CA GLU C 32 29.02 -34.31 -11.24
C GLU C 32 27.82 -33.93 -10.38
N THR C 33 27.28 -34.91 -9.64
CA THR C 33 26.13 -34.70 -8.77
C THR C 33 25.06 -33.79 -9.36
N ARG C 34 25.12 -33.57 -10.67
CA ARG C 34 24.15 -32.72 -11.34
C ARG C 34 22.75 -33.28 -11.15
N ALA C 35 22.68 -34.60 -10.97
CA ALA C 35 21.39 -35.26 -10.76
C ALA C 35 20.86 -34.93 -9.37
N LEU C 36 20.21 -35.90 -8.74
CA LEU C 36 19.64 -35.70 -7.40
C LEU C 36 18.53 -34.66 -7.49
N ILE C 37 18.39 -34.06 -8.68
CA ILE C 37 17.38 -33.05 -8.94
C ILE C 37 16.86 -33.17 -10.37
N LYS C 38 16.02 -34.18 -10.61
CA LYS C 38 15.47 -34.42 -11.94
C LYS C 38 14.29 -33.52 -12.28
N ASP C 39 14.14 -33.22 -13.56
CA ASP C 39 13.05 -32.38 -14.05
C ASP C 39 11.71 -33.08 -13.85
N LYS C 40 10.86 -32.50 -13.02
CA LYS C 40 9.56 -33.09 -12.73
C LYS C 40 8.71 -33.26 -13.98
N HIS C 41 8.81 -34.45 -14.60
CA HIS C 41 8.06 -34.78 -15.80
C HIS C 41 8.20 -33.69 -16.86
N ILE C 42 7.40 -33.80 -17.92
CA ILE C 42 7.43 -32.83 -19.01
C ILE C 42 6.14 -32.03 -19.01
N ASP C 43 5.12 -32.56 -18.35
CA ASP C 43 3.83 -31.90 -18.28
C ASP C 43 3.86 -30.70 -17.34
N ASN C 44 4.98 -30.55 -16.63
CA ASN C 44 5.13 -29.43 -15.70
C ASN C 44 6.52 -28.83 -15.83
N LYS C 45 6.92 -28.50 -17.05
CA LYS C 45 8.26 -27.96 -17.26
C LYS C 45 8.33 -26.53 -17.78
N TYR C 46 7.18 -25.86 -17.89
CA TYR C 46 7.15 -24.47 -18.37
C TYR C 46 7.65 -24.37 -19.80
N PRO C 47 6.97 -23.57 -20.64
CA PRO C 47 5.79 -22.73 -20.44
C PRO C 47 4.53 -23.41 -19.89
N ARG C 48 4.52 -24.74 -19.87
CA ARG C 48 3.36 -25.46 -19.36
C ARG C 48 3.12 -25.15 -17.89
N LEU C 49 4.17 -24.72 -17.20
CA LEU C 49 4.10 -24.40 -15.78
C LEU C 49 3.96 -22.88 -15.60
N LYS C 50 2.73 -22.42 -15.39
CA LYS C 50 2.48 -20.99 -15.22
C LYS C 50 2.42 -20.58 -13.75
N PRO C 51 2.72 -19.30 -13.47
CA PRO C 51 2.71 -18.74 -12.11
C PRO C 51 1.35 -18.16 -11.74
N VAL C 52 1.07 -18.09 -10.44
CA VAL C 52 -0.20 -17.55 -9.96
C VAL C 52 0.00 -16.44 -8.93
N TYR C 53 -0.77 -15.37 -9.06
CA TYR C 53 -0.67 -14.24 -8.15
C TYR C 53 -1.93 -13.40 -8.23
N GLY C 54 -2.39 -12.88 -7.09
CA GLY C 54 -3.58 -12.05 -7.08
C GLY C 54 -3.50 -10.90 -8.08
N LYS C 55 -4.52 -10.76 -8.90
CA LYS C 55 -4.55 -9.70 -9.90
C LYS C 55 -5.56 -8.63 -9.53
N PRO C 56 -5.09 -7.42 -9.22
CA PRO C 56 -5.96 -6.32 -8.83
C PRO C 56 -6.68 -5.68 -10.03
N HIS C 57 -7.99 -5.46 -9.88
CA HIS C 57 -8.80 -4.84 -10.94
C HIS C 57 -8.33 -3.41 -11.21
N PRO C 58 -8.21 -3.04 -12.49
CA PRO C 58 -7.76 -1.69 -12.87
C PRO C 58 -8.50 -0.51 -12.22
N VAL C 59 -9.81 -0.64 -12.06
CA VAL C 59 -10.59 0.44 -11.45
C VAL C 59 -10.32 0.52 -9.95
N MET C 60 -10.41 -0.62 -9.27
CA MET C 60 -10.20 -0.67 -7.83
C MET C 60 -8.79 -0.25 -7.44
N GLU C 61 -7.81 -0.63 -8.25
CA GLU C 61 -6.43 -0.26 -7.98
C GLU C 61 -6.34 1.27 -8.10
N THR C 62 -6.89 1.81 -9.19
CA THR C 62 -6.88 3.24 -9.42
C THR C 62 -7.52 3.98 -8.25
N ILE C 63 -8.46 3.31 -7.59
CA ILE C 63 -9.13 3.90 -6.43
C ILE C 63 -8.17 3.88 -5.25
N GLU C 64 -7.45 2.78 -5.08
CA GLU C 64 -6.52 2.64 -3.99
C GLU C 64 -5.31 3.55 -4.20
N ARG C 65 -5.18 4.09 -5.41
CA ARG C 65 -4.07 5.00 -5.72
C ARG C 65 -4.49 6.43 -5.44
N LEU C 66 -5.72 6.77 -5.84
CA LEU C 66 -6.25 8.11 -5.62
C LEU C 66 -6.48 8.28 -4.13
N ARG C 67 -7.10 7.27 -3.52
CA ARG C 67 -7.37 7.31 -2.10
C ARG C 67 -6.07 7.62 -1.37
N GLN C 68 -4.97 7.16 -1.95
CA GLN C 68 -3.65 7.37 -1.37
C GLN C 68 -3.11 8.72 -1.83
N ALA C 69 -3.53 9.14 -3.02
CA ALA C 69 -3.08 10.42 -3.57
C ALA C 69 -3.51 11.55 -2.64
N TYR C 70 -4.77 11.51 -2.20
CA TYR C 70 -5.30 12.53 -1.31
C TYR C 70 -4.60 12.49 0.04
N LEU C 71 -4.58 11.31 0.67
CA LEU C 71 -3.95 11.16 1.97
C LEU C 71 -2.56 11.79 2.03
N ARG C 72 -1.87 11.79 0.91
CA ARG C 72 -0.54 12.36 0.86
C ARG C 72 -0.58 13.87 0.71
N MET C 73 -1.79 14.41 0.52
CA MET C 73 -1.96 15.86 0.40
C MET C 73 -2.56 16.38 1.70
N GLY C 74 -2.74 15.47 2.66
CA GLY C 74 -3.28 15.84 3.95
C GLY C 74 -4.78 15.77 4.05
N PHE C 75 -5.45 15.45 2.95
CA PHE C 75 -6.91 15.36 2.97
C PHE C 75 -7.43 14.28 3.91
N GLU C 76 -8.52 14.59 4.59
CA GLU C 76 -9.15 13.67 5.54
C GLU C 76 -10.18 12.80 4.81
N GLU C 77 -10.05 11.49 4.93
CA GLU C 77 -10.95 10.54 4.28
C GLU C 77 -12.29 10.44 4.98
N MET C 78 -13.36 10.50 4.20
CA MET C 78 -14.72 10.43 4.73
C MET C 78 -15.58 9.44 3.97
N ILE C 79 -16.82 9.29 4.43
CA ILE C 79 -17.79 8.42 3.78
C ILE C 79 -19.14 9.13 3.83
N ASN C 80 -19.50 9.77 2.74
CA ASN C 80 -20.75 10.50 2.65
C ASN C 80 -21.93 9.57 2.41
N PRO C 81 -23.12 9.98 2.85
CA PRO C 81 -24.31 9.15 2.67
C PRO C 81 -24.56 8.88 1.19
N VAL C 82 -24.84 7.65 0.85
CA VAL C 82 -25.09 7.28 -0.54
C VAL C 82 -26.53 7.58 -0.93
N ILE C 83 -27.45 7.40 0.00
CA ILE C 83 -28.86 7.65 -0.28
C ILE C 83 -29.36 8.93 0.37
N VAL C 84 -29.78 9.88 -0.45
CA VAL C 84 -30.28 11.16 0.02
C VAL C 84 -31.75 11.36 -0.37
N ASP C 85 -32.42 12.23 0.37
CA ASP C 85 -33.83 12.52 0.12
C ASP C 85 -33.99 13.56 -0.98
N GLU C 86 -35.04 13.38 -1.79
CA GLU C 86 -35.32 14.29 -2.90
C GLU C 86 -35.24 15.76 -2.52
N MET C 87 -35.51 16.06 -1.26
CA MET C 87 -35.47 17.44 -0.78
C MET C 87 -34.05 18.00 -0.69
N GLU C 88 -33.10 17.14 -0.32
CA GLU C 88 -31.72 17.55 -0.17
C GLU C 88 -31.13 18.09 -1.46
N ILE C 89 -31.64 17.61 -2.60
CA ILE C 89 -31.14 18.06 -3.89
C ILE C 89 -31.75 19.42 -4.25
N TYR C 90 -32.95 19.67 -3.75
CA TYR C 90 -33.64 20.93 -4.00
C TYR C 90 -32.89 22.06 -3.31
N LYS C 91 -32.35 21.78 -2.14
CA LYS C 91 -31.60 22.78 -1.39
C LYS C 91 -30.32 23.16 -2.14
N GLN C 92 -29.64 22.15 -2.67
CA GLN C 92 -28.40 22.36 -3.40
C GLN C 92 -28.61 22.98 -4.78
N PHE C 93 -29.41 22.33 -5.61
CA PHE C 93 -29.70 22.84 -6.94
C PHE C 93 -30.77 23.92 -6.91
N GLY C 94 -31.93 23.59 -6.35
CA GLY C 94 -33.02 24.54 -6.28
C GLY C 94 -33.92 24.44 -7.50
N PRO C 95 -34.35 25.59 -8.06
CA PRO C 95 -35.22 25.62 -9.23
C PRO C 95 -34.66 24.83 -10.41
N GLU C 96 -33.42 24.36 -10.28
CA GLU C 96 -32.81 23.59 -11.35
C GLU C 96 -32.98 22.10 -11.11
N ALA C 97 -32.97 21.71 -9.84
CA ALA C 97 -33.12 20.31 -9.45
C ALA C 97 -34.27 19.61 -10.17
N MET C 98 -35.31 20.38 -10.48
CA MET C 98 -36.47 19.82 -11.17
C MET C 98 -36.09 19.32 -12.55
N ALA C 99 -34.82 19.54 -12.92
CA ALA C 99 -34.33 19.11 -14.22
C ALA C 99 -33.25 18.03 -14.08
N VAL C 100 -32.46 18.14 -13.03
CA VAL C 100 -31.40 17.17 -12.78
C VAL C 100 -31.95 15.85 -12.26
N LEU C 101 -33.05 15.90 -11.51
CA LEU C 101 -33.65 14.69 -10.98
C LEU C 101 -33.99 13.74 -12.13
N ASP C 102 -33.98 14.28 -13.35
CA ASP C 102 -34.27 13.52 -14.55
C ASP C 102 -33.30 12.34 -14.64
N ARG C 103 -32.19 12.45 -13.93
CA ARG C 103 -31.18 11.39 -13.92
C ARG C 103 -30.87 10.94 -12.50
N CYS C 104 -31.89 10.45 -11.80
CA CYS C 104 -31.73 9.98 -10.43
C CYS C 104 -32.70 8.85 -10.11
N PHE C 105 -32.15 7.70 -9.71
CA PHE C 105 -32.97 6.54 -9.37
C PHE C 105 -33.62 6.70 -8.00
N TYR C 106 -34.87 6.26 -7.89
CA TYR C 106 -35.61 6.33 -6.64
C TYR C 106 -35.81 4.94 -6.06
N LEU C 107 -35.52 4.76 -4.79
CA LEU C 107 -35.68 3.46 -4.13
C LEU C 107 -37.14 3.09 -3.92
N ALA C 108 -37.42 1.80 -3.76
CA ALA C 108 -38.78 1.32 -3.55
C ALA C 108 -38.79 -0.10 -2.98
N GLY C 109 -39.89 -0.45 -2.32
CA GLY C 109 -40.00 -1.78 -1.72
C GLY C 109 -41.43 -2.29 -1.65
N LEU C 110 -41.62 -3.41 -0.95
CA LEU C 110 -42.93 -4.03 -0.80
C LEU C 110 -43.94 -3.06 -0.18
N PRO C 111 -44.90 -2.56 -1.00
CA PRO C 111 -45.92 -1.63 -0.53
C PRO C 111 -47.22 -2.30 -0.07
N ARG C 112 -48.32 -1.59 -0.21
CA ARG C 112 -49.65 -2.07 0.17
C ARG C 112 -50.63 -1.74 -0.96
N PRO C 113 -51.15 -2.79 -1.64
CA PRO C 113 -52.09 -2.62 -2.75
C PRO C 113 -53.43 -1.98 -2.38
N ASP C 114 -53.59 -1.65 -1.09
CA ASP C 114 -54.82 -1.04 -0.61
C ASP C 114 -56.04 -1.89 -0.97
N VAL C 115 -55.94 -3.19 -0.71
CA VAL C 115 -57.02 -4.13 -1.00
C VAL C 115 -58.01 -4.22 0.15
N GLY C 116 -57.57 -3.84 1.34
CA GLY C 116 -58.43 -3.90 2.51
C GLY C 116 -57.94 -2.99 3.63
N LEU C 117 -58.38 -3.26 4.85
CA LEU C 117 -57.99 -2.48 6.01
C LEU C 117 -58.46 -1.03 5.86
N GLY C 118 -59.37 -0.81 4.92
CA GLY C 118 -59.90 0.52 4.66
C GLY C 118 -61.00 0.50 3.62
N ASN C 119 -60.77 -0.25 2.54
CA ASN C 119 -61.73 -0.37 1.46
C ASN C 119 -62.51 -1.68 1.62
N GLU C 120 -62.12 -2.47 2.61
CA GLU C 120 -62.76 -3.74 2.89
C GLU C 120 -64.07 -3.54 3.63
N LYS C 121 -65.12 -3.16 2.89
CA LYS C 121 -66.43 -2.93 3.46
C LYS C 121 -67.49 -3.70 2.69
N VAL C 122 -67.24 -3.92 1.41
CA VAL C 122 -68.18 -4.63 0.55
C VAL C 122 -67.46 -5.72 -0.24
N GLU C 123 -66.31 -6.16 0.26
CA GLU C 123 -65.53 -7.19 -0.42
C GLU C 123 -64.59 -7.91 0.55
N ILE C 124 -64.87 -9.18 0.79
CA ILE C 124 -64.06 -10.01 1.68
C ILE C 124 -64.60 -11.44 1.71
N ILE C 125 -65.84 -11.60 1.29
CA ILE C 125 -66.50 -12.91 1.25
C ILE C 125 -66.38 -13.55 -0.13
N LYS C 126 -65.22 -13.38 -0.75
CA LYS C 126 -64.96 -13.94 -2.08
C LYS C 126 -63.88 -15.01 -2.03
N ASN C 127 -62.67 -14.61 -1.65
CA ASN C 127 -61.54 -15.54 -1.56
C ASN C 127 -61.35 -16.05 -0.13
N LEU C 128 -61.63 -17.34 0.06
CA LEU C 128 -61.49 -17.98 1.37
C LEU C 128 -60.60 -19.22 1.28
N GLY C 129 -59.73 -19.26 0.27
CA GLY C 129 -58.84 -20.39 0.10
C GLY C 129 -58.66 -20.74 -1.37
N ILE C 130 -57.74 -20.06 -2.03
CA ILE C 130 -57.48 -20.30 -3.45
C ILE C 130 -56.29 -21.23 -3.67
N ASP C 131 -56.36 -22.41 -3.08
CA ASP C 131 -55.29 -23.40 -3.22
C ASP C 131 -55.87 -24.81 -3.29
N ILE C 132 -55.04 -25.79 -3.67
CA ILE C 132 -55.48 -27.18 -3.78
C ILE C 132 -54.45 -28.18 -3.26
N ASP C 133 -54.12 -28.07 -1.98
CA ASP C 133 -53.16 -28.97 -1.35
C ASP C 133 -53.54 -29.31 0.10
N GLU C 134 -52.54 -29.45 0.96
CA GLU C 134 -52.78 -29.79 2.36
C GLU C 134 -52.58 -28.60 3.31
N GLU C 135 -53.33 -28.62 4.41
CA GLU C 135 -53.28 -27.58 5.42
C GLU C 135 -53.47 -28.24 6.78
N LYS C 136 -52.36 -28.68 7.39
CA LYS C 136 -52.40 -29.35 8.69
C LYS C 136 -53.23 -28.62 9.75
N LYS C 137 -53.46 -29.29 10.88
CA LYS C 137 -54.23 -28.75 11.98
C LYS C 137 -55.64 -28.39 11.50
N GLU C 138 -56.31 -27.48 12.21
CA GLU C 138 -57.65 -27.07 11.83
C GLU C 138 -57.79 -25.56 11.67
N ARG C 139 -58.97 -25.06 11.99
CA ARG C 139 -59.30 -23.64 11.89
C ARG C 139 -58.57 -22.78 12.92
N LEU C 140 -57.26 -22.59 12.71
CA LEU C 140 -56.45 -21.76 13.62
C LEU C 140 -55.99 -20.51 12.89
N ARG C 141 -56.96 -19.74 12.39
CA ARG C 141 -56.70 -18.51 11.64
C ARG C 141 -55.59 -17.64 12.22
N GLU C 142 -54.52 -17.49 11.44
CA GLU C 142 -53.37 -16.67 11.81
C GLU C 142 -52.56 -17.20 13.00
N VAL C 143 -51.24 -17.06 12.91
CA VAL C 143 -50.33 -17.50 13.97
C VAL C 143 -49.09 -16.60 14.03
N LEU C 144 -48.62 -16.15 12.87
CA LEU C 144 -47.46 -15.27 12.79
C LEU C 144 -47.87 -13.85 12.43
N HIS C 145 -48.37 -13.10 13.41
CA HIS C 145 -48.78 -11.73 13.21
C HIS C 145 -47.54 -10.84 13.22
N LEU C 146 -46.53 -11.28 12.49
CA LEU C 146 -45.26 -10.54 12.40
C LEU C 146 -45.17 -9.74 11.11
N TYR C 147 -46.14 -8.85 10.91
CA TYR C 147 -46.18 -8.01 9.72
C TYR C 147 -45.72 -6.60 10.05
N LYS C 148 -46.69 -5.73 10.34
CA LYS C 148 -46.41 -4.34 10.68
C LYS C 148 -46.12 -4.14 12.17
N LYS C 149 -46.03 -5.25 12.90
CA LYS C 149 -45.73 -5.20 14.33
C LYS C 149 -44.36 -5.83 14.56
N GLY C 150 -43.32 -5.03 14.35
CA GLY C 150 -41.97 -5.55 14.52
C GLY C 150 -41.72 -6.67 13.53
N ALA C 151 -41.78 -6.34 12.25
CA ALA C 151 -41.57 -7.31 11.17
C ALA C 151 -40.31 -8.14 11.34
N ILE C 152 -40.45 -9.29 12.01
CA ILE C 152 -39.32 -10.19 12.22
C ILE C 152 -39.40 -11.34 11.21
N ASP C 153 -38.93 -11.08 9.99
CA ASP C 153 -38.93 -12.06 8.93
C ASP C 153 -37.77 -11.84 7.97
N GLY C 154 -37.75 -12.61 6.88
CA GLY C 154 -36.69 -12.48 5.90
C GLY C 154 -36.31 -13.80 5.25
N ASP C 155 -36.72 -14.90 5.86
CA ASP C 155 -36.41 -16.23 5.33
C ASP C 155 -37.66 -17.08 5.24
N ASP C 156 -37.48 -18.37 4.92
CA ASP C 156 -38.59 -19.30 4.82
C ASP C 156 -38.68 -20.05 6.14
N LEU C 157 -38.77 -21.38 6.07
CA LEU C 157 -38.87 -22.19 7.27
C LEU C 157 -39.93 -21.60 8.19
N VAL C 158 -40.91 -20.95 7.57
CA VAL C 158 -42.01 -20.30 8.28
C VAL C 158 -42.59 -21.18 9.40
N PHE C 159 -43.37 -22.18 9.01
CA PHE C 159 -43.97 -23.10 9.97
C PHE C 159 -43.31 -24.47 9.81
N GLU C 160 -42.93 -25.08 10.93
CA GLU C 160 -42.27 -26.38 10.88
C GLU C 160 -42.76 -27.35 11.94
N ILE C 161 -41.86 -28.27 12.33
CA ILE C 161 -42.13 -29.28 13.34
C ILE C 161 -40.80 -29.74 13.94
N ALA C 162 -40.85 -30.27 15.15
CA ALA C 162 -39.63 -30.73 15.81
C ALA C 162 -39.73 -32.19 16.28
N LYS C 163 -39.93 -32.38 17.58
CA LYS C 163 -40.04 -33.71 18.17
C LYS C 163 -41.43 -34.30 18.04
N ALA C 164 -41.59 -35.23 17.10
CA ALA C 164 -42.86 -35.89 16.87
C ALA C 164 -42.67 -36.98 15.80
N LEU C 165 -43.73 -37.30 15.07
CA LEU C 165 -43.66 -38.32 14.04
C LEU C 165 -44.74 -38.10 12.99
N ASN C 166 -44.40 -38.38 11.73
CA ASN C 166 -45.34 -38.22 10.61
C ASN C 166 -45.68 -36.75 10.41
N VAL C 167 -44.72 -35.98 9.89
CA VAL C 167 -44.93 -34.56 9.65
C VAL C 167 -43.78 -33.93 8.84
N SER C 168 -42.55 -34.14 9.29
CA SER C 168 -41.36 -33.62 8.61
C SER C 168 -41.32 -32.09 8.53
N ASN C 169 -40.12 -31.55 8.30
CA ASN C 169 -39.89 -30.11 8.20
C ASN C 169 -40.48 -29.54 6.91
N GLU C 170 -41.77 -29.22 6.93
CA GLU C 170 -42.45 -28.66 5.77
C GLU C 170 -43.88 -28.31 6.14
N MET C 171 -44.27 -27.06 5.88
CA MET C 171 -45.63 -26.61 6.20
C MET C 171 -45.95 -25.24 5.60
N GLY C 172 -46.81 -25.24 4.59
CA GLY C 172 -47.21 -24.00 3.95
C GLY C 172 -46.22 -23.42 2.95
N LEU C 173 -45.45 -24.28 2.30
CA LEU C 173 -44.48 -23.82 1.32
C LEU C 173 -45.14 -23.56 -0.03
N LYS C 174 -46.46 -23.39 -0.03
CA LYS C 174 -47.20 -23.14 -1.25
C LYS C 174 -48.42 -22.24 -1.04
N VAL C 175 -48.28 -20.95 -1.37
CA VAL C 175 -49.37 -20.00 -1.22
C VAL C 175 -49.43 -19.07 -2.44
N LEU C 176 -48.86 -19.54 -3.56
CA LEU C 176 -48.86 -18.78 -4.80
C LEU C 176 -49.00 -19.70 -6.01
N GLU C 177 -48.42 -19.28 -7.13
CA GLU C 177 -48.46 -20.04 -8.38
C GLU C 177 -49.90 -20.15 -8.90
N THR C 178 -50.64 -21.12 -8.36
CA THR C 178 -52.03 -21.33 -8.76
C THR C 178 -52.94 -20.41 -7.95
N ALA C 179 -52.40 -19.27 -7.53
CA ALA C 179 -53.14 -18.29 -6.75
C ALA C 179 -52.49 -16.92 -6.84
N PHE C 180 -53.00 -15.96 -6.07
CA PHE C 180 -52.46 -14.60 -6.05
C PHE C 180 -52.17 -14.09 -7.47
N PRO C 181 -53.21 -13.62 -8.18
CA PRO C 181 -53.04 -13.11 -9.54
C PRO C 181 -52.33 -11.75 -9.58
N GLU C 182 -52.60 -10.92 -8.59
CA GLU C 182 -51.99 -9.60 -8.49
C GLU C 182 -50.90 -9.54 -7.43
N PHE C 183 -49.91 -10.41 -7.56
CA PHE C 183 -48.79 -10.47 -6.62
C PHE C 183 -47.48 -10.57 -7.39
N LYS C 184 -47.53 -11.22 -8.56
CA LYS C 184 -46.35 -11.38 -9.40
C LYS C 184 -46.08 -10.07 -10.13
N ASP C 185 -47.14 -9.33 -10.42
CA ASP C 185 -47.04 -8.05 -11.10
C ASP C 185 -47.00 -6.93 -10.07
N LEU C 186 -46.94 -7.31 -8.80
CA LEU C 186 -46.91 -6.36 -7.70
C LEU C 186 -45.94 -5.23 -8.02
N LYS C 187 -46.37 -3.99 -7.75
CA LYS C 187 -45.54 -2.83 -8.03
C LYS C 187 -45.10 -2.10 -6.76
N PRO C 188 -43.82 -2.26 -6.38
CA PRO C 188 -43.28 -1.62 -5.18
C PRO C 188 -43.35 -0.10 -5.31
N GLU C 189 -44.14 0.54 -4.46
CA GLU C 189 -44.31 1.98 -4.50
C GLU C 189 -43.00 2.72 -4.25
N SER C 190 -42.80 3.81 -4.98
CA SER C 190 -41.59 4.63 -4.87
C SER C 190 -41.51 5.32 -3.50
N THR C 191 -40.45 6.10 -3.31
CA THR C 191 -40.25 6.83 -2.06
C THR C 191 -39.59 8.18 -2.33
N THR C 192 -39.32 8.93 -1.26
CA THR C 192 -38.67 10.22 -1.39
C THR C 192 -37.17 10.05 -1.26
N LEU C 193 -36.72 8.81 -1.15
CA LEU C 193 -35.30 8.50 -1.03
C LEU C 193 -34.72 8.13 -2.40
N THR C 194 -33.70 8.88 -2.80
CA THR C 194 -33.03 8.65 -4.08
C THR C 194 -31.54 8.43 -3.86
N LEU C 195 -30.89 7.82 -4.86
CA LEU C 195 -29.46 7.57 -4.76
C LEU C 195 -28.70 8.89 -4.84
N ARG C 196 -27.82 9.04 -5.81
CA ARG C 196 -27.08 10.29 -5.92
C ARG C 196 -26.21 10.44 -7.17
N SER C 197 -25.25 11.35 -7.08
CA SER C 197 -24.32 11.65 -8.16
C SER C 197 -23.31 12.67 -7.62
N HIS C 198 -22.05 12.27 -7.54
CA HIS C 198 -20.98 13.12 -7.04
C HIS C 198 -21.14 13.24 -5.52
N MET C 199 -20.04 13.14 -4.80
CA MET C 199 -20.08 13.23 -3.34
C MET C 199 -20.77 14.52 -2.90
N THR C 200 -20.94 15.46 -3.81
CA THR C 200 -21.57 16.74 -3.51
C THR C 200 -22.88 16.58 -2.74
N SER C 201 -23.87 15.93 -3.36
CA SER C 201 -25.16 15.73 -2.73
C SER C 201 -25.01 15.10 -1.35
N GLY C 202 -23.80 14.67 -1.02
CA GLY C 202 -23.55 14.09 0.27
C GLY C 202 -22.71 15.03 1.10
N TRP C 203 -21.76 15.70 0.44
CA TRP C 203 -20.89 16.64 1.11
C TRP C 203 -21.65 17.65 1.95
N PHE C 204 -22.63 18.32 1.34
CA PHE C 204 -23.42 19.30 2.08
C PHE C 204 -23.88 18.68 3.38
N ILE C 205 -24.61 17.56 3.30
CA ILE C 205 -25.10 16.87 4.49
C ILE C 205 -23.93 16.64 5.44
N THR C 206 -22.90 15.99 4.94
CA THR C 206 -21.73 15.69 5.75
C THR C 206 -21.09 16.96 6.29
N LEU C 207 -21.36 18.08 5.63
CA LEU C 207 -20.81 19.36 6.07
C LEU C 207 -21.71 20.06 7.07
N SER C 208 -22.95 20.32 6.65
CA SER C 208 -23.94 20.99 7.49
C SER C 208 -23.77 20.69 8.97
N SER C 209 -23.66 19.41 9.31
CA SER C 209 -23.50 19.01 10.70
C SER C 209 -22.06 18.60 10.98
N LEU C 210 -21.12 19.46 10.62
CA LEU C 210 -19.70 19.16 10.84
C LEU C 210 -18.86 20.42 11.00
N ILE C 211 -19.33 21.51 10.39
CA ILE C 211 -18.62 22.78 10.46
C ILE C 211 -18.49 23.29 11.89
N LYS C 212 -19.56 23.13 12.68
CA LYS C 212 -19.55 23.58 14.06
C LYS C 212 -18.99 22.57 15.04
N LYS C 213 -18.54 21.42 14.54
CA LYS C 213 -17.98 20.38 15.39
C LYS C 213 -16.45 20.35 15.28
N ARG C 214 -15.93 20.81 14.14
CA ARG C 214 -14.50 20.82 13.90
C ARG C 214 -13.99 22.25 13.79
N LYS C 215 -12.67 22.39 13.72
CA LYS C 215 -12.04 23.71 13.61
C LYS C 215 -11.43 23.85 12.21
N LEU C 216 -11.72 24.96 11.54
CA LEU C 216 -11.22 25.21 10.19
C LEU C 216 -9.76 25.68 10.17
N PRO C 217 -9.12 25.66 8.99
CA PRO C 217 -9.64 25.25 7.68
C PRO C 217 -9.96 23.77 7.67
N LEU C 218 -10.68 23.30 6.66
CA LEU C 218 -11.06 21.90 6.60
C LEU C 218 -10.89 21.29 5.21
N LYS C 219 -10.18 20.16 5.16
CA LYS C 219 -9.94 19.46 3.90
C LYS C 219 -10.46 18.02 4.01
N LEU C 220 -11.37 17.66 3.12
CA LEU C 220 -11.96 16.33 3.14
C LEU C 220 -12.05 15.68 1.76
N PHE C 221 -12.09 14.35 1.73
CA PHE C 221 -12.18 13.61 0.49
C PHE C 221 -12.87 12.25 0.69
N SER C 222 -13.53 11.76 -0.35
CA SER C 222 -14.21 10.48 -0.28
C SER C 222 -14.42 9.89 -1.67
N ILE C 223 -13.71 8.82 -1.96
CA ILE C 223 -13.84 8.16 -3.25
C ILE C 223 -14.79 6.98 -3.10
N ASP C 224 -16.04 7.19 -3.50
CA ASP C 224 -17.05 6.14 -3.40
C ASP C 224 -17.93 6.08 -4.65
N ARG C 225 -18.90 5.17 -4.64
CA ARG C 225 -19.81 5.00 -5.76
C ARG C 225 -20.88 6.08 -5.86
N CYS C 226 -21.51 6.14 -7.02
CA CYS C 226 -22.57 7.09 -7.32
C CYS C 226 -23.36 6.52 -8.48
N PHE C 227 -24.61 6.93 -8.62
CA PHE C 227 -25.45 6.41 -9.69
C PHE C 227 -26.06 7.51 -10.56
N ARG C 228 -25.50 7.67 -11.76
CA ARG C 228 -25.98 8.68 -12.70
C ARG C 228 -26.90 8.02 -13.71
N ARG C 229 -28.20 8.16 -13.48
CA ARG C 229 -29.22 7.57 -14.35
C ARG C 229 -29.00 7.90 -15.83
N GLU C 230 -28.77 6.86 -16.62
CA GLU C 230 -28.56 7.02 -18.06
C GLU C 230 -29.47 6.05 -18.80
N GLN C 231 -29.96 5.05 -18.07
CA GLN C 231 -30.86 4.03 -18.63
C GLN C 231 -30.23 3.32 -19.83
N ARG C 232 -29.62 2.18 -19.56
CA ARG C 232 -28.96 1.37 -20.60
C ARG C 232 -27.98 2.16 -21.45
N GLU C 233 -26.70 2.03 -21.11
CA GLU C 233 -25.63 2.71 -21.84
C GLU C 233 -24.42 1.80 -21.97
N ASP C 234 -24.31 1.13 -23.10
CA ASP C 234 -23.19 0.23 -23.36
C ASP C 234 -22.11 0.97 -24.13
N ARG C 235 -22.40 2.23 -24.49
CA ARG C 235 -21.46 3.05 -25.23
C ARG C 235 -21.37 4.45 -24.63
N SER C 236 -21.75 4.56 -23.35
CA SER C 236 -21.70 5.83 -22.63
C SER C 236 -21.82 5.57 -21.12
N HIS C 237 -20.74 5.08 -20.53
CA HIS C 237 -20.71 4.78 -19.11
C HIS C 237 -21.86 3.85 -18.72
N LEU C 238 -21.96 3.54 -17.43
CA LEU C 238 -23.02 2.66 -16.95
C LEU C 238 -24.03 3.41 -16.10
N MET C 239 -24.51 2.76 -15.04
CA MET C 239 -25.48 3.36 -14.15
C MET C 239 -24.87 3.68 -12.78
N SER C 240 -23.65 3.21 -12.57
CA SER C 240 -22.95 3.45 -11.32
C SER C 240 -21.45 3.61 -11.55
N TYR C 241 -20.93 4.79 -11.23
CA TYR C 241 -19.52 5.08 -11.39
C TYR C 241 -18.91 5.47 -10.04
N HIS C 242 -17.58 5.63 -10.02
CA HIS C 242 -16.88 6.01 -8.81
C HIS C 242 -16.42 7.45 -8.93
N SER C 243 -16.78 8.27 -7.94
CA SER C 243 -16.40 9.68 -7.95
C SER C 243 -15.36 9.97 -6.87
N ALA C 244 -14.18 10.42 -7.29
CA ALA C 244 -13.11 10.74 -6.36
C ALA C 244 -13.22 12.22 -6.01
N SER C 245 -14.24 12.55 -5.22
CA SER C 245 -14.49 13.94 -4.83
C SER C 245 -13.78 14.35 -3.55
N CYS C 246 -13.82 15.65 -3.28
CA CYS C 246 -13.22 16.24 -2.10
C CYS C 246 -13.74 17.65 -1.92
N VAL C 247 -13.62 18.17 -0.71
CA VAL C 247 -14.10 19.53 -0.40
C VAL C 247 -13.14 20.25 0.54
N VAL C 248 -12.97 21.55 0.30
CA VAL C 248 -12.09 22.34 1.13
C VAL C 248 -12.85 23.49 1.78
N VAL C 249 -13.08 23.35 3.09
CA VAL C 249 -13.79 24.36 3.85
C VAL C 249 -12.78 25.38 4.37
N GLY C 250 -12.82 26.58 3.83
CA GLY C 250 -11.90 27.61 4.25
C GLY C 250 -12.52 29.00 4.25
N GLU C 251 -12.26 29.75 5.31
CA GLU C 251 -12.80 31.09 5.45
C GLU C 251 -12.32 31.97 4.29
N ASP C 252 -11.30 31.50 3.58
CA ASP C 252 -10.75 32.24 2.44
C ASP C 252 -10.30 31.30 1.33
N VAL C 253 -11.24 30.85 0.51
CA VAL C 253 -10.92 29.95 -0.60
C VAL C 253 -11.61 30.39 -1.88
N SER C 254 -11.05 29.97 -3.02
CA SER C 254 -11.61 30.31 -4.32
C SER C 254 -11.33 29.19 -5.32
N VAL C 255 -11.72 29.41 -6.57
CA VAL C 255 -11.52 28.43 -7.63
C VAL C 255 -10.06 27.97 -7.67
N ASP C 256 -9.14 28.87 -7.33
CA ASP C 256 -7.72 28.55 -7.33
C ASP C 256 -7.45 27.34 -6.45
N ASP C 257 -8.03 27.31 -5.26
CA ASP C 257 -7.83 26.20 -4.35
C ASP C 257 -8.26 24.91 -5.03
N GLY C 258 -9.02 25.05 -6.11
CA GLY C 258 -9.47 23.89 -6.86
C GLY C 258 -8.45 23.50 -7.90
N LYS C 259 -7.93 24.49 -8.61
CA LYS C 259 -6.92 24.24 -9.63
C LYS C 259 -5.74 23.50 -9.00
N VAL C 260 -5.24 24.05 -7.90
CA VAL C 260 -4.11 23.47 -7.18
C VAL C 260 -4.35 22.00 -6.83
N VAL C 261 -5.54 21.69 -6.33
CA VAL C 261 -5.86 20.31 -5.97
C VAL C 261 -5.76 19.43 -7.20
N ALA C 262 -6.47 19.81 -8.26
CA ALA C 262 -6.47 19.06 -9.50
C ALA C 262 -5.05 18.77 -9.97
N GLU C 263 -4.14 19.71 -9.74
CA GLU C 263 -2.74 19.54 -10.14
C GLU C 263 -2.08 18.55 -9.19
N GLY C 264 -2.01 18.92 -7.91
CA GLY C 264 -1.40 18.06 -6.90
C GLY C 264 -1.95 16.65 -6.93
N LEU C 265 -3.12 16.49 -7.54
CA LEU C 265 -3.76 15.19 -7.64
C LEU C 265 -3.23 14.47 -8.88
N LEU C 266 -3.45 15.06 -10.05
CA LEU C 266 -2.99 14.46 -11.30
C LEU C 266 -1.47 14.35 -11.32
N ALA C 267 -0.79 15.33 -10.74
CA ALA C 267 0.66 15.34 -10.69
C ALA C 267 1.24 14.06 -10.09
N GLN C 268 0.41 13.31 -9.38
CA GLN C 268 0.86 12.06 -8.76
C GLN C 268 0.61 10.84 -9.63
N PHE C 269 0.42 11.07 -10.93
CA PHE C 269 0.20 9.98 -11.87
C PHE C 269 1.11 10.18 -13.08
N GLY C 270 1.91 11.24 -13.05
CA GLY C 270 2.82 11.51 -14.16
C GLY C 270 2.24 12.51 -15.14
N PHE C 271 1.15 13.16 -14.74
CA PHE C 271 0.50 14.16 -15.58
C PHE C 271 1.12 15.54 -15.40
N THR C 272 1.54 16.14 -16.50
CA THR C 272 2.14 17.47 -16.47
C THR C 272 1.34 18.42 -17.36
N LYS C 273 0.49 17.86 -18.21
CA LYS C 273 -0.33 18.66 -19.10
C LYS C 273 -1.81 18.43 -18.83
N PHE C 274 -2.52 19.50 -18.48
CA PHE C 274 -3.95 19.42 -18.21
C PHE C 274 -4.73 20.71 -18.49
N LYS C 275 -4.44 21.78 -17.76
CA LYS C 275 -5.12 23.06 -17.94
C LYS C 275 -6.61 22.97 -17.62
N PHE C 276 -7.25 24.12 -17.41
CA PHE C 276 -8.66 24.17 -17.09
C PHE C 276 -9.44 25.09 -18.03
N LYS C 277 -10.74 24.83 -18.18
CA LYS C 277 -11.59 25.64 -19.02
C LYS C 277 -13.00 25.73 -18.44
N PRO C 278 -13.56 26.94 -18.34
CA PRO C 278 -14.90 27.20 -17.80
C PRO C 278 -15.98 26.29 -18.37
N ASP C 279 -16.81 25.75 -17.46
CA ASP C 279 -17.89 24.86 -17.86
C ASP C 279 -19.13 25.65 -18.24
N GLU C 280 -19.69 25.34 -19.41
CA GLU C 280 -20.88 26.03 -19.90
C GLU C 280 -22.13 25.70 -19.08
N LYS C 281 -22.19 24.47 -18.57
CA LYS C 281 -23.33 24.03 -17.78
C LYS C 281 -23.71 25.04 -16.70
N LYS C 282 -22.72 25.72 -16.14
CA LYS C 282 -22.94 26.72 -15.09
C LYS C 282 -23.98 26.25 -14.07
N SER C 283 -23.73 25.10 -13.45
CA SER C 283 -24.64 24.54 -12.46
C SER C 283 -24.94 25.59 -11.40
N LYS C 284 -26.21 25.76 -11.09
CA LYS C 284 -26.65 26.75 -10.11
C LYS C 284 -26.32 26.44 -8.66
N TYR C 285 -25.70 25.29 -8.40
CA TYR C 285 -25.33 24.93 -7.04
C TYR C 285 -23.86 25.31 -6.86
N TYR C 286 -23.34 26.01 -7.87
CA TYR C 286 -21.97 26.49 -7.91
C TYR C 286 -22.00 28.00 -8.12
N THR C 287 -21.21 28.75 -7.35
CA THR C 287 -21.16 30.19 -7.53
C THR C 287 -20.84 30.42 -9.01
N PRO C 288 -21.49 31.41 -9.64
CA PRO C 288 -21.24 31.69 -11.05
C PRO C 288 -19.77 31.88 -11.41
N GLU C 289 -19.41 31.43 -12.62
CA GLU C 289 -18.05 31.56 -13.14
C GLU C 289 -16.95 30.81 -12.38
N THR C 290 -17.30 29.69 -11.76
CA THR C 290 -16.32 28.90 -11.04
C THR C 290 -16.24 27.49 -11.59
N GLN C 291 -17.38 26.95 -11.99
CA GLN C 291 -17.40 25.60 -12.54
C GLN C 291 -16.49 25.49 -13.74
N THR C 292 -15.28 25.00 -13.50
CA THR C 292 -14.28 24.85 -14.54
C THR C 292 -13.93 23.37 -14.74
N GLU C 293 -13.97 22.91 -15.99
CA GLU C 293 -13.66 21.53 -16.31
C GLU C 293 -12.15 21.35 -16.21
N VAL C 294 -11.71 20.11 -16.00
CA VAL C 294 -10.27 19.85 -15.91
C VAL C 294 -9.84 18.75 -16.88
N TYR C 295 -9.55 19.16 -18.11
CA TYR C 295 -9.12 18.22 -19.15
C TYR C 295 -7.70 17.75 -18.86
N ALA C 296 -7.42 16.50 -19.23
CA ALA C 296 -6.09 15.94 -18.99
C ALA C 296 -5.58 15.13 -20.17
N TYR C 297 -4.28 15.26 -20.44
CA TYR C 297 -3.63 14.54 -21.53
C TYR C 297 -2.28 14.01 -21.07
N HIS C 298 -2.26 12.72 -20.71
CA HIS C 298 -1.04 12.06 -20.26
C HIS C 298 -0.18 11.74 -21.48
N PRO C 299 1.15 11.87 -21.36
CA PRO C 299 2.06 11.59 -22.46
C PRO C 299 1.85 10.21 -23.09
N LYS C 300 0.80 10.10 -23.90
CA LYS C 300 0.46 8.83 -24.56
C LYS C 300 -0.88 8.98 -25.28
N LEU C 301 -1.59 7.86 -25.48
CA LEU C 301 -2.89 7.87 -26.16
C LEU C 301 -3.95 8.54 -25.29
N GLY C 302 -5.17 8.61 -25.81
CA GLY C 302 -6.25 9.23 -25.08
C GLY C 302 -6.22 10.74 -25.24
N GLU C 303 -6.85 11.22 -26.31
CA GLU C 303 -6.90 12.65 -26.60
C GLU C 303 -7.27 13.44 -25.35
N TRP C 304 -6.94 14.73 -25.31
CA TRP C 304 -7.25 15.57 -24.17
C TRP C 304 -8.66 15.27 -23.70
N ILE C 305 -8.76 14.47 -22.63
CA ILE C 305 -10.05 14.08 -22.08
C ILE C 305 -10.27 14.66 -20.69
N GLU C 306 -11.52 15.02 -20.41
CA GLU C 306 -11.89 15.60 -19.12
C GLU C 306 -11.81 14.56 -18.02
N VAL C 307 -10.92 14.77 -17.05
CA VAL C 307 -10.75 13.85 -15.94
C VAL C 307 -11.42 14.36 -14.68
N ALA C 308 -11.53 15.69 -14.57
CA ALA C 308 -12.14 16.29 -13.40
C ALA C 308 -13.05 17.46 -13.73
N THR C 309 -13.50 18.14 -12.70
CA THR C 309 -14.37 19.30 -12.82
C THR C 309 -14.66 19.79 -11.39
N PHE C 310 -14.38 21.06 -11.14
CA PHE C 310 -14.59 21.60 -9.81
C PHE C 310 -15.28 22.96 -9.83
N GLY C 311 -15.74 23.39 -8.65
CA GLY C 311 -16.40 24.68 -8.53
C GLY C 311 -16.51 25.11 -7.09
N VAL C 312 -17.27 26.17 -6.86
CA VAL C 312 -17.48 26.70 -5.52
C VAL C 312 -18.96 26.68 -5.17
N TYR C 313 -19.28 26.19 -3.99
CA TYR C 313 -20.67 26.12 -3.54
C TYR C 313 -21.23 27.52 -3.32
N SER C 314 -22.27 27.87 -4.08
CA SER C 314 -22.90 29.18 -3.98
C SER C 314 -23.43 29.42 -2.56
N PRO C 315 -23.10 30.58 -1.97
CA PRO C 315 -23.54 30.93 -0.61
C PRO C 315 -25.00 30.57 -0.35
N ILE C 316 -25.84 30.75 -1.37
CA ILE C 316 -27.25 30.44 -1.25
C ILE C 316 -27.42 28.97 -0.87
N ALA C 317 -26.82 28.08 -1.66
CA ALA C 317 -26.91 26.65 -1.41
C ALA C 317 -26.33 26.33 -0.03
N LEU C 318 -25.14 26.86 0.24
CA LEU C 318 -24.48 26.62 1.54
C LEU C 318 -25.32 27.20 2.66
N ALA C 319 -26.09 28.23 2.33
CA ALA C 319 -26.95 28.88 3.31
C ALA C 319 -28.03 27.90 3.73
N LYS C 320 -28.72 27.33 2.74
CA LYS C 320 -29.78 26.38 3.01
C LYS C 320 -29.33 25.23 3.90
N TYR C 321 -28.02 24.98 3.95
CA TYR C 321 -27.50 23.91 4.79
C TYR C 321 -26.88 24.45 6.08
N ASN C 322 -27.12 25.73 6.35
CA ASN C 322 -26.62 26.38 7.55
C ASN C 322 -25.08 26.41 7.59
N ILE C 323 -24.47 26.68 6.44
CA ILE C 323 -23.01 26.74 6.34
C ILE C 323 -22.57 28.19 6.12
N ASP C 324 -21.90 28.76 7.11
CA ASP C 324 -21.44 30.14 7.04
C ASP C 324 -20.01 30.31 6.52
N VAL C 325 -19.72 29.68 5.39
CA VAL C 325 -18.39 29.78 4.80
C VAL C 325 -18.31 29.08 3.44
N PRO C 326 -17.62 29.70 2.47
CA PRO C 326 -17.47 29.12 1.14
C PRO C 326 -16.81 27.75 1.14
N VAL C 327 -17.16 26.94 0.16
CA VAL C 327 -16.61 25.60 0.02
C VAL C 327 -16.21 25.33 -1.42
N MET C 328 -15.05 24.69 -1.59
CA MET C 328 -14.55 24.36 -2.91
C MET C 328 -14.67 22.84 -3.08
N ASN C 329 -15.22 22.41 -4.21
CA ASN C 329 -15.40 21.00 -4.46
C ASN C 329 -14.84 20.57 -5.81
N LEU C 330 -13.96 19.58 -5.79
CA LEU C 330 -13.36 19.04 -7.01
C LEU C 330 -13.73 17.58 -7.16
N GLY C 331 -14.27 17.23 -8.33
CA GLY C 331 -14.66 15.86 -8.59
C GLY C 331 -13.77 15.26 -9.65
N LEU C 332 -13.58 13.95 -9.59
CA LEU C 332 -12.75 13.28 -10.58
C LEU C 332 -13.29 11.88 -10.86
N GLY C 333 -13.66 11.64 -12.12
CA GLY C 333 -14.17 10.34 -12.50
C GLY C 333 -13.08 9.30 -12.43
N VAL C 334 -13.22 8.35 -11.52
CA VAL C 334 -12.23 7.30 -11.37
C VAL C 334 -12.11 6.46 -12.64
N GLU C 335 -13.23 5.94 -13.11
CA GLU C 335 -13.22 5.12 -14.31
C GLU C 335 -12.64 5.93 -15.46
N ARG C 336 -12.83 7.24 -15.41
CA ARG C 336 -12.33 8.15 -16.44
C ARG C 336 -10.80 8.03 -16.48
N LEU C 337 -10.16 8.47 -15.40
CA LEU C 337 -8.71 8.43 -15.28
C LEU C 337 -8.25 6.99 -15.45
N ALA C 338 -9.09 6.06 -15.00
CA ALA C 338 -8.78 4.63 -15.10
C ALA C 338 -8.40 4.24 -16.51
N MET C 339 -9.26 4.59 -17.47
CA MET C 339 -9.02 4.27 -18.87
C MET C 339 -7.74 4.90 -19.40
N ILE C 340 -7.46 6.12 -18.98
CA ILE C 340 -6.26 6.82 -19.41
C ILE C 340 -5.03 6.07 -18.95
N ILE C 341 -5.04 5.63 -17.69
CA ILE C 341 -3.91 4.91 -17.12
C ILE C 341 -3.64 3.61 -17.86
N TYR C 342 -4.57 2.67 -17.78
CA TYR C 342 -4.40 1.38 -18.43
C TYR C 342 -4.72 1.38 -19.91
N GLY C 343 -4.88 2.56 -20.49
CA GLY C 343 -5.19 2.65 -21.91
C GLY C 343 -6.38 1.82 -22.35
N TYR C 344 -7.54 2.11 -21.80
CA TYR C 344 -8.75 1.40 -22.16
C TYR C 344 -9.67 2.29 -22.98
N GLU C 345 -10.32 1.71 -23.97
CA GLU C 345 -11.26 2.45 -24.81
C GLU C 345 -12.66 2.26 -24.27
N ASP C 346 -13.20 1.06 -24.45
CA ASP C 346 -14.54 0.75 -23.97
C ASP C 346 -14.55 0.70 -22.45
N VAL C 347 -15.33 1.59 -21.83
CA VAL C 347 -15.43 1.63 -20.37
C VAL C 347 -15.88 0.28 -19.83
N ARG C 348 -16.98 -0.24 -20.38
CA ARG C 348 -17.53 -1.52 -19.97
C ARG C 348 -16.45 -2.61 -19.98
N ALA C 349 -15.71 -2.70 -21.07
CA ALA C 349 -14.65 -3.70 -21.19
C ALA C 349 -13.64 -3.56 -20.07
N MET C 350 -13.70 -2.47 -19.31
CA MET C 350 -12.77 -2.25 -18.22
C MET C 350 -13.40 -2.53 -16.87
N VAL C 351 -14.53 -1.88 -16.61
CA VAL C 351 -15.25 -2.06 -15.35
C VAL C 351 -15.53 -3.53 -15.12
N TYR C 352 -15.79 -4.27 -16.20
CA TYR C 352 -16.08 -5.70 -16.12
C TYR C 352 -15.19 -6.48 -17.08
N PRO C 353 -13.87 -6.48 -16.80
CA PRO C 353 -12.83 -7.16 -17.59
C PRO C 353 -13.29 -8.40 -18.33
N GLN C 354 -13.82 -9.37 -17.59
CA GLN C 354 -14.30 -10.60 -18.20
C GLN C 354 -15.80 -10.56 -18.42
N PHE C 355 -16.18 -10.24 -19.65
CA PHE C 355 -17.57 -10.16 -20.06
C PHE C 355 -17.56 -10.13 -21.59
N TYR C 356 -16.37 -10.27 -22.16
CA TYR C 356 -16.20 -10.28 -23.61
C TYR C 356 -14.85 -10.85 -24.02
N GLU C 357 -13.83 -10.01 -24.04
CA GLU C 357 -12.49 -10.41 -24.45
C GLU C 357 -11.85 -11.40 -23.48
N TYR C 358 -10.70 -11.94 -23.88
CA TYR C 358 -9.96 -12.92 -23.10
C TYR C 358 -8.74 -13.39 -23.89
N ARG C 359 -8.34 -12.59 -24.88
CA ARG C 359 -7.22 -12.91 -25.75
C ARG C 359 -6.05 -13.59 -25.04
N LEU C 360 -5.60 -14.69 -25.63
CA LEU C 360 -4.49 -15.46 -25.09
C LEU C 360 -3.19 -15.08 -25.78
N SER C 361 -2.28 -14.48 -25.00
CA SER C 361 -0.99 -14.06 -25.52
C SER C 361 -0.12 -15.27 -25.84
N ASP C 362 0.82 -15.08 -26.77
CA ASP C 362 1.73 -16.14 -27.17
C ASP C 362 2.27 -16.89 -25.96
N ARG C 363 2.65 -16.14 -24.92
CA ARG C 363 3.20 -16.74 -23.71
C ARG C 363 2.24 -17.77 -23.11
N ASP C 364 0.95 -17.61 -23.40
CA ASP C 364 -0.07 -18.53 -22.90
C ASP C 364 -0.18 -19.76 -23.78
N ILE C 365 -0.22 -19.55 -25.10
CA ILE C 365 -0.32 -20.65 -26.06
C ILE C 365 0.74 -21.70 -25.80
N ALA C 366 1.99 -21.26 -25.62
CA ALA C 366 3.09 -22.18 -25.36
C ALA C 366 2.73 -23.11 -24.21
N GLY C 367 2.13 -22.55 -23.17
CA GLY C 367 1.76 -23.33 -22.01
C GLY C 367 0.45 -24.07 -22.19
N MET C 368 -0.06 -24.08 -23.42
CA MET C 368 -1.29 -24.77 -23.72
C MET C 368 -1.10 -25.81 -24.82
N ILE C 369 0.16 -25.98 -25.25
CA ILE C 369 0.50 -26.97 -26.27
C ILE C 369 1.06 -28.17 -25.52
N ARG C 370 0.16 -28.94 -24.90
CA ARG C 370 0.56 -30.10 -24.12
C ARG C 370 0.93 -31.30 -24.98
N VAL C 371 1.35 -32.39 -24.31
CA VAL C 371 1.74 -33.62 -25.00
C VAL C 371 0.57 -34.61 -25.01
N ASP C 372 0.27 -35.13 -26.19
CA ASP C 372 -0.83 -36.08 -26.37
C ASP C 372 -0.77 -37.28 -25.44
N LYS C 373 0.07 -38.26 -25.78
CA LYS C 373 0.20 -39.47 -24.97
C LYS C 373 1.61 -39.63 -24.43
N VAL C 374 1.70 -40.16 -23.21
CA VAL C 374 2.99 -40.37 -22.57
C VAL C 374 2.93 -41.59 -21.64
N PRO C 375 4.08 -42.21 -21.39
CA PRO C 375 4.12 -43.39 -20.51
C PRO C 375 3.59 -43.04 -19.12
N ILE C 376 2.75 -43.90 -18.57
CA ILE C 376 2.18 -43.68 -17.24
C ILE C 376 2.95 -44.47 -16.20
N LEU C 377 4.15 -44.90 -16.57
CA LEU C 377 5.02 -45.66 -15.67
C LEU C 377 6.38 -45.00 -15.58
N ASP C 378 6.69 -44.49 -14.38
CA ASP C 378 7.95 -43.80 -14.13
C ASP C 378 9.13 -44.49 -14.81
N GLU C 379 9.11 -45.82 -14.80
CA GLU C 379 10.17 -46.59 -15.42
C GLU C 379 10.23 -46.34 -16.92
N PHE C 380 9.11 -46.55 -17.60
CA PHE C 380 9.05 -46.33 -19.04
C PHE C 380 9.32 -44.86 -19.37
N TYR C 381 8.68 -43.96 -18.64
CA TYR C 381 8.86 -42.53 -18.85
C TYR C 381 10.36 -42.26 -18.90
N ASN C 382 11.07 -42.73 -17.88
CA ASN C 382 12.51 -42.55 -17.81
C ASN C 382 13.15 -43.14 -19.06
N PHE C 383 12.65 -44.30 -19.48
CA PHE C 383 13.18 -44.96 -20.67
C PHE C 383 13.06 -44.05 -21.88
N ALA C 384 11.94 -43.35 -21.98
CA ALA C 384 11.70 -42.44 -23.08
C ALA C 384 12.85 -41.45 -23.18
N ASN C 385 12.97 -40.59 -22.17
CA ASN C 385 14.02 -39.60 -22.12
C ASN C 385 15.36 -40.20 -22.52
N GLU C 386 15.66 -41.38 -21.96
CA GLU C 386 16.91 -42.05 -22.26
C GLU C 386 16.94 -42.46 -23.73
N LEU C 387 15.82 -43.00 -24.20
CA LEU C 387 15.69 -43.45 -25.58
C LEU C 387 15.78 -42.27 -26.55
N ILE C 388 15.36 -41.09 -26.08
CA ILE C 388 15.38 -39.89 -26.89
C ILE C 388 16.79 -39.38 -27.16
N ASP C 389 17.61 -39.30 -26.11
CA ASP C 389 18.98 -38.84 -26.27
C ASP C 389 19.75 -39.78 -27.19
N ILE C 390 19.31 -41.04 -27.23
CA ILE C 390 19.95 -42.05 -28.06
C ILE C 390 19.72 -41.76 -29.54
N CYS C 391 18.44 -41.58 -29.90
CA CYS C 391 18.05 -41.30 -31.27
C CYS C 391 18.85 -40.15 -31.87
N ILE C 392 19.46 -39.34 -31.01
CA ILE C 392 20.26 -38.23 -31.50
C ILE C 392 21.57 -38.83 -32.03
N ALA C 393 21.52 -39.33 -33.27
CA ALA C 393 22.68 -39.94 -33.89
C ALA C 393 22.52 -40.11 -35.41
N ASN C 394 23.66 -40.25 -36.09
CA ASN C 394 23.73 -40.44 -37.54
C ASN C 394 22.84 -39.60 -38.44
N LYS C 395 22.82 -39.96 -39.73
CA LYS C 395 22.04 -39.27 -40.75
C LYS C 395 21.43 -40.27 -41.74
N ASP C 396 21.46 -39.94 -43.02
CA ASP C 396 20.91 -40.79 -44.08
C ASP C 396 21.69 -42.09 -44.24
N LYS C 397 21.09 -43.06 -44.93
CA LYS C 397 21.72 -44.36 -45.17
C LYS C 397 20.71 -45.33 -45.79
N GLU C 398 19.54 -44.81 -46.18
CA GLU C 398 18.48 -45.62 -46.76
C GLU C 398 18.28 -46.91 -45.97
N SER C 399 18.63 -46.86 -44.68
CA SER C 399 18.52 -48.00 -43.77
C SER C 399 19.45 -49.13 -44.21
N PRO C 400 19.87 -50.00 -43.27
CA PRO C 400 19.54 -49.97 -41.84
C PRO C 400 20.64 -49.36 -40.97
N CYS C 401 21.01 -50.08 -39.91
CA CYS C 401 22.05 -49.62 -38.98
C CYS C 401 22.43 -50.75 -38.03
N SER C 402 22.64 -50.40 -36.77
CA SER C 402 23.01 -51.35 -35.73
C SER C 402 22.56 -50.80 -34.37
N VAL C 403 21.28 -50.46 -34.27
CA VAL C 403 20.72 -49.91 -33.04
C VAL C 403 19.46 -50.67 -32.61
N GLU C 404 19.63 -51.95 -32.26
CA GLU C 404 18.51 -52.78 -31.86
C GLU C 404 18.52 -53.18 -30.39
N VAL C 405 19.57 -53.90 -29.96
CA VAL C 405 19.69 -54.36 -28.58
C VAL C 405 19.30 -53.26 -27.59
N LYS C 406 18.25 -53.51 -26.80
CA LYS C 406 17.78 -52.52 -25.83
C LYS C 406 17.43 -53.07 -24.45
N ARG C 407 17.14 -52.15 -23.54
CA ARG C 407 16.78 -52.45 -22.15
C ARG C 407 15.90 -53.68 -21.97
N GLU C 408 15.83 -54.14 -20.72
CA GLU C 408 15.05 -55.32 -20.38
C GLU C 408 14.47 -55.26 -18.95
N PHE C 409 13.69 -54.22 -18.68
CA PHE C 409 13.08 -54.05 -17.36
C PHE C 409 11.80 -54.86 -17.19
N ASN C 410 11.44 -55.12 -15.93
CA ASN C 410 10.26 -55.90 -15.60
C ASN C 410 8.95 -55.11 -15.68
N PHE C 411 7.85 -55.82 -15.82
CA PHE C 411 6.52 -55.23 -15.91
C PHE C 411 5.74 -55.59 -14.65
N ASN C 412 5.16 -56.79 -14.65
CA ASN C 412 4.40 -57.28 -13.50
C ASN C 412 5.00 -58.59 -13.01
N GLY C 413 5.95 -59.12 -13.77
CA GLY C 413 6.58 -60.38 -13.40
C GLY C 413 7.45 -60.96 -14.50
N GLU C 414 8.76 -60.74 -14.38
CA GLU C 414 9.74 -61.24 -15.34
C GLU C 414 9.59 -60.65 -16.73
N ARG C 415 8.45 -60.04 -17.01
CA ARG C 415 8.22 -59.43 -18.32
C ARG C 415 9.26 -58.37 -18.63
N ARG C 416 10.16 -58.69 -19.55
CA ARG C 416 11.22 -57.76 -19.94
C ARG C 416 11.71 -58.06 -21.36
N VAL C 417 12.99 -57.79 -21.59
CA VAL C 417 13.59 -58.01 -22.90
C VAL C 417 12.73 -57.33 -23.97
N ILE C 418 12.83 -56.01 -24.02
CA ILE C 418 12.08 -55.22 -24.99
C ILE C 418 13.04 -54.60 -25.99
N LYS C 419 13.31 -55.34 -27.07
CA LYS C 419 14.22 -54.87 -28.11
C LYS C 419 13.56 -53.77 -28.94
N VAL C 420 14.17 -52.59 -28.95
CA VAL C 420 13.64 -51.47 -29.70
C VAL C 420 14.65 -51.05 -30.76
N GLU C 421 14.32 -51.33 -32.03
CA GLU C 421 15.20 -50.96 -33.12
C GLU C 421 14.77 -49.62 -33.68
N ILE C 422 15.73 -48.73 -33.93
CA ILE C 422 15.43 -47.41 -34.45
C ILE C 422 16.16 -47.13 -35.77
N PHE C 423 15.41 -46.63 -36.75
CA PHE C 423 15.96 -46.30 -38.06
C PHE C 423 14.90 -45.66 -38.95
N GLU C 424 15.33 -45.12 -40.09
CA GLU C 424 14.41 -44.49 -41.04
C GLU C 424 14.57 -45.21 -42.38
N ASN C 425 13.64 -46.11 -42.67
CA ASN C 425 13.67 -46.89 -43.92
C ASN C 425 13.67 -46.02 -45.17
N GLU C 426 12.70 -45.13 -45.28
CA GLU C 426 12.61 -44.24 -46.44
C GLU C 426 13.85 -43.37 -46.56
N PRO C 427 14.48 -43.36 -47.75
CA PRO C 427 15.69 -42.57 -48.02
C PRO C 427 15.48 -41.06 -48.00
N ASN C 428 16.58 -40.32 -47.90
CA ASN C 428 16.56 -38.86 -47.87
C ASN C 428 15.90 -38.29 -46.62
N LYS C 429 15.80 -39.11 -45.57
CA LYS C 429 15.20 -38.68 -44.31
C LYS C 429 16.13 -39.01 -43.15
N LYS C 430 17.43 -38.96 -43.41
CA LYS C 430 18.44 -39.25 -42.39
C LYS C 430 18.10 -40.52 -41.61
N LEU C 431 18.60 -40.61 -40.38
CA LEU C 431 18.34 -41.77 -39.54
C LEU C 431 16.94 -41.59 -38.97
N LEU C 432 16.46 -40.35 -38.96
CA LEU C 432 15.14 -40.04 -38.43
C LEU C 432 14.48 -38.92 -39.24
N GLY C 433 15.31 -38.00 -39.74
CA GLY C 433 14.80 -36.89 -40.53
C GLY C 433 15.76 -35.71 -40.52
N PRO C 434 15.58 -34.73 -41.41
CA PRO C 434 16.44 -33.54 -41.50
C PRO C 434 16.06 -32.50 -40.45
N SER C 435 15.30 -32.91 -39.44
CA SER C 435 14.87 -32.01 -38.39
C SER C 435 14.76 -32.69 -37.04
N VAL C 436 13.59 -33.26 -36.75
CA VAL C 436 13.32 -33.95 -35.50
C VAL C 436 13.86 -33.21 -34.28
N LEU C 437 14.15 -31.93 -34.46
CA LEU C 437 14.67 -31.10 -33.38
C LEU C 437 14.00 -29.74 -33.40
N ASN C 438 12.85 -29.67 -34.06
CA ASN C 438 12.08 -28.43 -34.16
C ASN C 438 11.50 -28.05 -32.80
N GLU C 439 11.83 -26.86 -32.34
CA GLU C 439 11.37 -26.37 -31.04
C GLU C 439 9.87 -26.15 -30.90
N VAL C 440 9.19 -25.86 -32.01
CA VAL C 440 7.76 -25.62 -31.98
C VAL C 440 7.46 -24.36 -31.17
N TYR C 441 7.79 -23.20 -31.74
CA TYR C 441 7.57 -21.93 -31.07
C TYR C 441 6.16 -21.41 -31.34
N VAL C 442 5.88 -20.22 -30.81
CA VAL C 442 4.60 -19.57 -30.99
C VAL C 442 4.84 -18.07 -31.19
N TYR C 443 4.31 -17.52 -32.27
CA TYR C 443 4.47 -16.11 -32.57
C TYR C 443 3.22 -15.52 -33.20
N ASP C 444 2.95 -14.26 -32.90
CA ASP C 444 1.78 -13.56 -33.42
C ASP C 444 0.57 -14.48 -33.44
N GLY C 445 0.44 -15.30 -32.41
CA GLY C 445 -0.69 -16.21 -32.31
C GLY C 445 -0.59 -17.43 -33.18
N ASN C 446 0.52 -17.58 -33.89
CA ASN C 446 0.72 -18.72 -34.77
C ASN C 446 1.66 -19.74 -34.16
N ILE C 447 1.57 -20.98 -34.62
CA ILE C 447 2.42 -22.05 -34.13
C ILE C 447 3.34 -22.51 -35.26
N TYR C 448 4.63 -22.33 -35.07
CA TYR C 448 5.63 -22.70 -36.07
C TYR C 448 6.53 -23.83 -35.62
N GLY C 449 7.78 -23.50 -35.34
CA GLY C 449 8.74 -24.50 -34.91
C GLY C 449 9.62 -24.96 -36.04
N ILE C 450 10.89 -24.54 -36.00
CA ILE C 450 11.85 -24.92 -37.03
C ILE C 450 13.20 -25.26 -36.41
N PRO C 451 13.94 -26.19 -37.03
CA PRO C 451 15.25 -26.59 -36.53
C PRO C 451 16.26 -25.46 -36.68
N PRO C 452 17.30 -25.44 -35.83
CA PRO C 452 18.35 -24.41 -35.86
C PRO C 452 19.24 -24.42 -37.11
N THR C 453 18.82 -25.15 -38.14
CA THR C 453 19.57 -25.25 -39.38
C THR C 453 19.26 -24.08 -40.31
N PHE C 454 19.09 -24.37 -41.60
CA PHE C 454 18.80 -23.34 -42.58
C PHE C 454 18.27 -23.91 -43.89
N GLU C 455 17.59 -23.07 -44.65
CA GLU C 455 17.03 -23.46 -45.94
C GLU C 455 17.25 -22.36 -46.98
N GLY C 456 16.31 -21.42 -47.08
CA GLY C 456 16.44 -20.33 -48.02
C GLY C 456 15.13 -19.71 -48.45
N VAL C 457 14.07 -20.52 -48.46
CA VAL C 457 12.76 -20.05 -48.88
C VAL C 457 12.05 -19.24 -47.78
N LYS C 458 11.56 -19.94 -46.77
CA LYS C 458 10.85 -19.31 -45.67
C LYS C 458 11.75 -18.87 -44.51
N GLU C 459 13.06 -18.96 -44.70
CA GLU C 459 14.00 -18.56 -43.66
C GLU C 459 13.96 -17.05 -43.45
N GLN C 460 12.77 -16.49 -43.52
CA GLN C 460 12.57 -15.05 -43.33
C GLN C 460 11.95 -14.86 -41.96
N TYR C 461 11.48 -15.96 -41.39
CA TYR C 461 10.85 -15.94 -40.08
C TYR C 461 11.92 -16.02 -38.99
N ILE C 462 13.02 -15.31 -39.20
CA ILE C 462 14.11 -15.28 -38.24
C ILE C 462 13.66 -14.43 -37.06
N PRO C 463 13.23 -13.18 -37.32
CA PRO C 463 12.78 -12.32 -36.22
C PRO C 463 11.69 -13.06 -35.46
N ILE C 464 11.05 -13.99 -36.16
CA ILE C 464 9.99 -14.81 -35.59
C ILE C 464 10.63 -16.03 -34.95
N LEU C 465 10.05 -16.50 -33.85
CA LEU C 465 10.57 -17.66 -33.12
C LEU C 465 12.08 -17.58 -32.86
N LYS C 466 12.66 -18.70 -32.44
CA LYS C 466 14.09 -18.77 -32.14
C LYS C 466 14.47 -17.82 -31.00
N LYS C 467 15.25 -18.34 -30.06
CA LYS C 467 15.69 -17.55 -28.90
C LYS C 467 16.64 -16.41 -29.29
N ALA C 468 17.42 -15.96 -28.31
CA ALA C 468 18.38 -14.87 -28.51
C ALA C 468 17.66 -13.53 -28.69
N LYS C 469 17.88 -12.89 -29.83
CA LYS C 469 17.25 -11.60 -30.11
C LYS C 469 16.24 -11.76 -31.25
N GLU C 470 15.30 -12.69 -31.07
CA GLU C 470 14.27 -12.95 -32.08
C GLU C 470 12.95 -13.32 -31.41
N GLU C 471 12.03 -12.36 -31.39
CA GLU C 471 10.71 -12.52 -30.78
C GLU C 471 10.09 -13.90 -30.94
N GLY C 472 9.07 -14.18 -30.14
CA GLY C 472 8.39 -15.46 -30.19
C GLY C 472 8.70 -16.32 -28.98
N VAL C 473 7.69 -16.99 -28.45
CA VAL C 473 7.87 -17.84 -27.27
C VAL C 473 7.96 -19.32 -27.64
N SER C 474 8.86 -20.03 -26.98
CA SER C 474 9.07 -21.45 -27.24
C SER C 474 8.28 -22.34 -26.31
N THR C 475 8.04 -23.57 -26.73
CA THR C 475 7.31 -24.55 -25.94
C THR C 475 8.30 -25.52 -25.31
N ASN C 476 9.56 -25.40 -25.71
CA ASN C 476 10.61 -26.28 -25.21
C ASN C 476 10.23 -27.74 -25.41
N ILE C 477 9.82 -28.06 -26.64
CA ILE C 477 9.44 -29.41 -27.01
C ILE C 477 9.91 -29.64 -28.44
N ARG C 478 10.79 -30.60 -28.64
CA ARG C 478 11.28 -30.92 -29.98
C ARG C 478 10.40 -32.03 -30.55
N TYR C 479 10.53 -32.30 -31.84
CA TYR C 479 9.74 -33.35 -32.46
C TYR C 479 9.95 -34.68 -31.78
N ILE C 480 11.16 -35.23 -31.91
CA ILE C 480 11.51 -36.51 -31.30
C ILE C 480 10.87 -36.71 -29.94
N ASP C 481 10.85 -35.65 -29.13
CA ASP C 481 10.26 -35.72 -27.80
C ASP C 481 8.88 -36.35 -27.89
N GLY C 482 7.92 -35.60 -28.41
CA GLY C 482 6.58 -36.14 -28.54
C GLY C 482 6.59 -37.47 -29.27
N ILE C 483 7.38 -37.54 -30.34
CA ILE C 483 7.48 -38.76 -31.13
C ILE C 483 7.87 -39.96 -30.30
N ILE C 484 9.01 -39.87 -29.60
CA ILE C 484 9.47 -40.97 -28.77
C ILE C 484 8.46 -41.27 -27.65
N TYR C 485 7.97 -40.23 -26.98
CA TYR C 485 6.99 -40.43 -25.92
C TYR C 485 5.83 -41.24 -26.49
N LYS C 486 5.51 -40.98 -27.75
CA LYS C 486 4.43 -41.69 -28.42
C LYS C 486 4.81 -43.15 -28.50
N LEU C 487 6.04 -43.41 -28.94
CA LEU C 487 6.54 -44.78 -29.06
C LEU C 487 6.50 -45.48 -27.72
N VAL C 488 7.37 -45.04 -26.81
CA VAL C 488 7.46 -45.62 -25.48
C VAL C 488 6.07 -45.81 -24.90
N ALA C 489 5.18 -44.84 -25.16
CA ALA C 489 3.81 -44.92 -24.68
C ALA C 489 3.22 -46.23 -25.16
N LYS C 490 3.32 -46.45 -26.47
CA LYS C 490 2.80 -47.69 -27.07
C LYS C 490 3.36 -48.93 -26.40
N ILE C 491 4.69 -49.01 -26.33
CA ILE C 491 5.35 -50.15 -25.70
C ILE C 491 4.57 -50.49 -24.45
N GLU C 492 4.31 -49.47 -23.64
CA GLU C 492 3.56 -49.64 -22.40
C GLU C 492 2.18 -50.19 -22.70
N GLU C 493 1.42 -49.46 -23.52
CA GLU C 493 0.08 -49.87 -23.89
C GLU C 493 0.04 -51.30 -24.46
N ALA C 494 1.20 -51.82 -24.85
CA ALA C 494 1.28 -53.15 -25.41
C ALA C 494 1.51 -54.22 -24.35
N LEU C 495 2.41 -53.96 -23.41
CA LEU C 495 2.70 -54.92 -22.36
C LEU C 495 1.43 -55.34 -21.61
N VAL C 496 0.35 -54.62 -21.85
CA VAL C 496 -0.93 -54.92 -21.19
C VAL C 496 -1.93 -55.48 -22.20
N SER C 497 -1.68 -55.25 -23.47
CA SER C 497 -2.55 -55.73 -24.53
C SER C 497 -2.06 -57.02 -25.16
N ASN C 498 -0.88 -57.47 -24.76
CA ASN C 498 -0.29 -58.70 -25.29
C ASN C 498 0.04 -58.57 -26.77
N VAL C 499 0.95 -57.66 -27.08
CA VAL C 499 1.38 -57.44 -28.46
C VAL C 499 2.84 -57.83 -28.56
N ASP C 500 3.25 -58.29 -29.74
CA ASP C 500 4.64 -58.72 -29.94
C ASP C 500 5.47 -57.78 -30.82
N GLU C 501 4.84 -57.21 -31.85
CA GLU C 501 5.54 -56.29 -32.74
C GLU C 501 4.85 -54.94 -32.83
N PHE C 502 5.49 -53.98 -33.49
CA PHE C 502 4.93 -52.65 -33.63
C PHE C 502 4.98 -52.07 -35.04
N LYS C 503 5.33 -50.78 -35.12
CA LYS C 503 5.41 -50.04 -36.38
C LYS C 503 4.01 -49.63 -36.83
N PHE C 504 3.65 -48.36 -36.60
CA PHE C 504 2.34 -47.87 -36.97
C PHE C 504 2.35 -46.56 -37.77
N ARG C 505 1.17 -46.13 -38.20
CA ARG C 505 1.00 -44.91 -38.98
C ARG C 505 -0.46 -44.46 -38.93
N VAL C 506 -0.68 -43.15 -38.97
CA VAL C 506 -2.04 -42.60 -38.93
C VAL C 506 -2.18 -41.15 -39.39
N PRO C 507 -1.20 -40.29 -39.07
CA PRO C 507 -1.29 -38.88 -39.49
C PRO C 507 -1.08 -38.62 -40.99
N ILE C 508 -1.64 -37.52 -41.48
CA ILE C 508 -1.52 -37.10 -42.87
C ILE C 508 -1.65 -35.58 -42.91
N VAL C 509 -1.03 -34.95 -43.91
CA VAL C 509 -1.06 -33.49 -44.06
C VAL C 509 -2.25 -32.83 -43.34
N ARG C 510 -1.98 -32.24 -42.18
CA ARG C 510 -3.01 -31.56 -41.40
C ARG C 510 -2.39 -30.49 -40.50
N SER C 511 -1.76 -30.92 -39.42
CA SER C 511 -1.14 -30.00 -38.48
C SER C 511 0.00 -30.64 -37.69
N LEU C 512 0.08 -30.29 -36.41
CA LEU C 512 1.11 -30.80 -35.53
C LEU C 512 0.72 -32.08 -34.84
N SER C 513 -0.37 -32.70 -35.28
CA SER C 513 -0.77 -33.96 -34.68
C SER C 513 0.44 -34.84 -34.92
N ASP C 514 0.50 -36.02 -34.30
CA ASP C 514 1.68 -36.86 -34.44
C ASP C 514 2.78 -36.07 -33.73
N ILE C 515 3.86 -36.72 -33.35
CA ILE C 515 4.90 -35.99 -32.61
C ILE C 515 4.17 -35.58 -31.33
N ASN C 516 3.00 -36.20 -31.15
CA ASN C 516 2.13 -35.92 -30.03
C ASN C 516 1.79 -34.43 -29.98
N LEU C 517 1.56 -33.92 -28.77
CA LEU C 517 1.22 -32.51 -28.60
C LEU C 517 -0.21 -32.25 -29.05
N LYS C 518 -1.11 -32.09 -28.09
CA LYS C 518 -2.50 -31.80 -28.37
C LYS C 518 -2.72 -30.35 -27.96
N ILE C 519 -3.97 -29.90 -27.88
CA ILE C 519 -4.23 -28.53 -27.48
C ILE C 519 -5.54 -28.37 -26.74
N ASP C 520 -5.53 -27.47 -25.75
CA ASP C 520 -6.71 -27.20 -24.94
C ASP C 520 -7.76 -26.57 -25.86
N GLU C 521 -9.03 -26.69 -25.49
CA GLU C 521 -10.10 -26.11 -26.31
C GLU C 521 -9.79 -24.66 -26.64
N LEU C 522 -9.70 -23.82 -25.60
CA LEU C 522 -9.38 -22.41 -25.81
C LEU C 522 -8.07 -22.36 -26.57
N ALA C 523 -7.70 -21.18 -27.05
CA ALA C 523 -6.47 -21.04 -27.83
C ALA C 523 -6.73 -21.69 -29.18
N LEU C 524 -7.05 -22.97 -29.15
CA LEU C 524 -7.35 -23.69 -30.38
C LEU C 524 -8.62 -23.08 -30.95
N LYS C 525 -9.38 -22.45 -30.08
CA LYS C 525 -10.62 -21.79 -30.47
C LYS C 525 -10.27 -20.44 -31.07
N GLN C 526 -9.09 -19.94 -30.69
CA GLN C 526 -8.61 -18.66 -31.17
C GLN C 526 -7.77 -18.87 -32.43
N ILE C 527 -6.82 -19.79 -32.34
CA ILE C 527 -5.94 -20.09 -33.47
C ILE C 527 -6.73 -20.07 -34.78
N MET C 528 -7.84 -20.80 -34.79
CA MET C 528 -8.68 -20.87 -35.98
C MET C 528 -9.68 -19.73 -36.03
N GLY C 529 -10.11 -19.27 -34.86
CA GLY C 529 -11.07 -18.18 -34.80
C GLY C 529 -10.53 -16.85 -35.32
N GLU C 530 -9.21 -16.77 -35.46
CA GLU C 530 -8.58 -15.55 -35.94
C GLU C 530 -7.62 -15.81 -37.10
N ASN C 531 -7.93 -16.84 -37.88
CA ASN C 531 -7.11 -17.20 -39.03
C ASN C 531 -5.61 -17.31 -38.74
N LYS C 532 -5.25 -18.06 -37.71
CA LYS C 532 -3.85 -18.26 -37.37
C LYS C 532 -3.39 -19.56 -38.01
N VAL C 533 -2.14 -19.60 -38.45
CA VAL C 533 -1.60 -20.79 -39.09
C VAL C 533 -0.80 -21.67 -38.14
N ILE C 534 -0.86 -22.97 -38.38
CA ILE C 534 -0.11 -23.94 -37.57
C ILE C 534 0.81 -24.73 -38.50
N ASP C 535 1.96 -24.14 -38.85
CA ASP C 535 2.91 -24.75 -39.75
C ASP C 535 3.99 -25.57 -39.07
N VAL C 536 3.91 -26.89 -39.21
CA VAL C 536 4.87 -27.81 -38.62
C VAL C 536 5.40 -28.76 -39.72
N ARG C 537 4.49 -29.51 -40.34
CA ARG C 537 4.85 -30.43 -41.42
C ARG C 537 5.82 -31.51 -40.93
N GLY C 538 5.37 -32.76 -40.89
CA GLY C 538 6.25 -33.83 -40.44
C GLY C 538 5.95 -35.24 -40.91
N PRO C 539 6.72 -35.77 -41.87
CA PRO C 539 6.53 -37.13 -42.40
C PRO C 539 7.23 -38.18 -41.51
N VAL C 540 7.16 -37.96 -40.19
CA VAL C 540 7.77 -38.83 -39.18
C VAL C 540 7.79 -40.31 -39.55
N PHE C 541 6.69 -40.99 -39.26
CA PHE C 541 6.54 -42.42 -39.53
C PHE C 541 7.33 -43.26 -38.53
N LEU C 542 8.66 -43.15 -38.60
CA LEU C 542 9.56 -43.90 -37.73
C LEU C 542 8.89 -45.12 -37.10
N ASN C 543 8.29 -45.95 -37.94
CA ASN C 543 7.61 -47.15 -37.49
C ASN C 543 8.54 -47.86 -36.50
N ALA C 544 9.81 -47.95 -36.88
CA ALA C 544 10.85 -48.59 -36.08
C ALA C 544 10.38 -49.84 -35.36
N LYS C 545 10.79 -50.99 -35.87
CA LYS C 545 10.41 -52.28 -35.29
C LYS C 545 10.85 -52.43 -33.83
N VAL C 546 9.93 -52.92 -33.01
CA VAL C 546 10.22 -53.12 -31.59
C VAL C 546 9.45 -54.33 -31.06
N GLU C 547 10.18 -55.39 -30.77
CA GLU C 547 9.62 -56.63 -30.24
C GLU C 547 9.82 -56.73 -28.74
N ILE C 548 9.13 -57.67 -28.10
CA ILE C 548 9.25 -57.83 -26.66
C ILE C 548 9.65 -59.26 -26.25
N LYS C 549 10.53 -59.86 -27.04
CA LYS C 549 11.01 -61.21 -26.75
C LYS C 549 12.45 -61.40 -27.22
N MET D 11 16.30 34.59 9.74
CA MET D 11 17.41 35.30 9.04
C MET D 11 18.58 34.34 8.82
N ARG D 12 19.05 34.26 7.57
CA ARG D 12 20.15 33.38 7.22
C ARG D 12 21.47 33.96 7.72
N PHE D 13 22.35 33.09 8.21
CA PHE D 13 23.65 33.52 8.71
C PHE D 13 24.75 33.35 7.67
N ASP D 14 25.92 33.93 7.95
CA ASP D 14 27.05 33.85 7.04
C ASP D 14 27.96 32.67 7.37
N ILE D 15 28.54 32.08 6.33
CA ILE D 15 29.43 30.93 6.47
C ILE D 15 30.68 31.29 7.27
N LYS D 16 31.66 31.87 6.59
CA LYS D 16 32.91 32.26 7.22
C LYS D 16 32.71 33.02 8.53
N LYS D 17 31.70 33.88 8.55
CA LYS D 17 31.38 34.66 9.74
C LYS D 17 31.37 33.76 10.97
N VAL D 18 30.80 32.57 10.83
CA VAL D 18 30.72 31.61 11.92
C VAL D 18 31.86 30.61 11.85
N LEU D 19 32.18 30.18 10.62
CA LEU D 19 33.24 29.22 10.38
C LEU D 19 34.57 29.67 10.99
N GLU D 20 34.82 30.97 10.99
CA GLU D 20 36.07 31.51 11.54
C GLU D 20 36.22 31.15 13.00
N LEU D 21 35.11 31.11 13.73
CA LEU D 21 35.13 30.78 15.15
C LEU D 21 35.68 29.37 15.36
N ALA D 22 36.01 28.71 14.24
CA ALA D 22 36.56 27.37 14.27
C ALA D 22 37.98 27.38 13.70
N GLU D 23 38.23 26.50 12.74
CA GLU D 23 39.55 26.42 12.12
C GLU D 23 40.65 26.24 13.15
N LYS D 24 41.27 27.34 13.54
CA LYS D 24 42.34 27.32 14.52
C LYS D 24 41.98 28.21 15.71
N ASP D 25 41.09 29.17 15.48
CA ASP D 25 40.64 30.08 16.52
C ASP D 25 39.32 29.59 17.09
N PHE D 26 39.38 28.49 17.85
CA PHE D 26 38.18 27.91 18.43
C PHE D 26 38.02 28.27 19.90
N GLU D 27 37.21 29.30 20.16
CA GLU D 27 36.95 29.74 21.52
C GLU D 27 35.45 29.73 21.82
N THR D 28 35.00 28.70 22.53
CA THR D 28 33.59 28.55 22.89
C THR D 28 32.65 28.70 21.70
N ALA D 29 33.16 28.41 20.51
CA ALA D 29 32.36 28.54 19.29
C ALA D 29 31.03 27.81 19.34
N TRP D 30 31.10 26.48 19.40
CA TRP D 30 29.89 25.65 19.46
C TRP D 30 28.94 26.13 20.55
N ARG D 31 29.40 26.08 21.79
CA ARG D 31 28.61 26.51 22.94
C ARG D 31 27.93 27.85 22.70
N GLU D 32 28.54 28.67 21.85
CA GLU D 32 27.96 29.97 21.50
C GLU D 32 27.11 29.74 20.26
N THR D 33 27.02 30.75 19.40
CA THR D 33 26.24 30.68 18.16
C THR D 33 24.89 29.97 18.32
N ARG D 34 24.46 29.79 19.57
CA ARG D 34 23.19 29.13 19.83
C ARG D 34 22.06 29.89 19.16
N ALA D 35 22.25 31.19 18.99
CA ALA D 35 21.25 32.03 18.36
C ALA D 35 21.21 31.72 16.86
N LEU D 36 20.97 32.74 16.04
CA LEU D 36 20.89 32.57 14.59
C LEU D 36 19.67 31.73 14.26
N ILE D 37 19.03 31.21 15.31
CA ILE D 37 17.86 30.37 15.17
C ILE D 37 16.89 30.62 16.35
N LYS D 38 16.19 31.76 16.28
CA LYS D 38 15.24 32.13 17.33
C LYS D 38 13.89 31.43 17.21
N ASP D 39 13.25 31.21 18.36
CA ASP D 39 11.94 30.55 18.40
C ASP D 39 10.89 31.44 17.75
N LYS D 40 10.30 30.96 16.66
CA LYS D 40 9.30 31.72 15.93
C LYS D 40 8.10 32.08 16.81
N HIS D 41 8.16 33.25 17.43
CA HIS D 41 7.09 33.74 18.30
C HIS D 41 6.67 32.69 19.32
N ILE D 42 5.59 32.96 20.03
CA ILE D 42 5.08 32.05 21.04
C ILE D 42 3.75 31.45 20.57
N ASP D 43 3.13 32.10 19.60
CA ASP D 43 1.86 31.64 19.06
C ASP D 43 2.05 30.42 18.18
N ASN D 44 3.30 30.05 17.92
CA ASN D 44 3.60 28.89 17.07
C ASN D 44 4.75 28.10 17.68
N LYS D 45 4.64 27.77 18.96
CA LYS D 45 5.71 27.04 19.64
C LYS D 45 5.36 25.63 20.12
N TYR D 46 4.16 25.15 19.80
CA TYR D 46 3.75 23.81 20.22
C TYR D 46 3.68 23.69 21.73
N PRO D 47 2.64 23.04 22.27
CA PRO D 47 1.49 22.37 21.65
C PRO D 47 0.63 23.21 20.70
N ARG D 48 0.85 24.53 20.69
CA ARG D 48 0.07 25.38 19.81
C ARG D 48 0.32 25.07 18.34
N LEU D 49 1.47 24.45 18.08
CA LEU D 49 1.85 24.07 16.72
C LEU D 49 1.55 22.59 16.49
N LYS D 50 0.42 22.31 15.83
CA LYS D 50 0.03 20.92 15.57
C LYS D 50 0.44 20.47 14.17
N PRO D 51 0.62 19.15 13.98
CA PRO D 51 1.01 18.54 12.70
C PRO D 51 -0.22 18.16 11.87
N VAL D 52 -0.03 18.07 10.56
CA VAL D 52 -1.11 17.71 9.65
C VAL D 52 -0.72 16.54 8.75
N TYR D 53 -1.65 15.60 8.58
CA TYR D 53 -1.41 14.44 7.74
C TYR D 53 -2.74 13.78 7.37
N GLY D 54 -2.84 13.31 6.13
CA GLY D 54 -4.06 12.67 5.69
C GLY D 54 -4.51 11.57 6.63
N LYS D 55 -5.77 11.60 7.03
CA LYS D 55 -6.31 10.60 7.93
C LYS D 55 -7.28 9.67 7.20
N PRO D 56 -6.92 8.39 7.07
CA PRO D 56 -7.76 7.41 6.38
C PRO D 56 -8.95 6.94 7.24
N HIS D 57 -10.13 6.92 6.64
CA HIS D 57 -11.34 6.48 7.32
C HIS D 57 -11.22 5.00 7.72
N PRO D 58 -11.63 4.67 8.94
CA PRO D 58 -11.56 3.28 9.44
C PRO D 58 -12.19 2.22 8.56
N VAL D 59 -13.33 2.52 7.95
CA VAL D 59 -13.98 1.54 7.07
C VAL D 59 -13.22 1.37 5.77
N MET D 60 -12.91 2.48 5.11
CA MET D 60 -12.18 2.45 3.85
C MET D 60 -10.81 1.79 3.98
N GLU D 61 -10.13 2.05 5.10
CA GLU D 61 -8.82 1.46 5.33
C GLU D 61 -9.01 -0.04 5.44
N THR D 62 -9.98 -0.44 6.26
CA THR D 62 -10.28 -1.86 6.46
C THR D 62 -10.57 -2.54 5.13
N ILE D 63 -11.10 -1.77 4.18
CA ILE D 63 -11.40 -2.30 2.86
C ILE D 63 -10.09 -2.48 2.09
N GLU D 64 -9.21 -1.51 2.20
CA GLU D 64 -7.93 -1.56 1.51
C GLU D 64 -7.03 -2.62 2.13
N ARG D 65 -7.43 -3.12 3.29
CA ARG D 65 -6.67 -4.17 3.98
C ARG D 65 -7.17 -5.53 3.55
N LEU D 66 -8.49 -5.67 3.47
CA LEU D 66 -9.11 -6.92 3.06
C LEU D 66 -8.83 -7.11 1.59
N ARG D 67 -9.02 -6.05 0.82
CA ARG D 67 -8.77 -6.10 -0.62
C ARG D 67 -7.36 -6.63 -0.84
N GLN D 68 -6.48 -6.32 0.10
CA GLN D 68 -5.10 -6.76 0.03
C GLN D 68 -4.97 -8.14 0.63
N ALA D 69 -5.84 -8.46 1.59
CA ALA D 69 -5.82 -9.76 2.24
C ALA D 69 -6.05 -10.85 1.20
N TYR D 70 -7.06 -10.64 0.35
CA TYR D 70 -7.38 -11.61 -0.69
C TYR D 70 -6.25 -11.72 -1.71
N LEU D 71 -5.83 -10.60 -2.25
CA LEU D 71 -4.77 -10.59 -3.25
C LEU D 71 -3.57 -11.42 -2.83
N ARG D 72 -3.33 -11.48 -1.53
CA ARG D 72 -2.20 -12.24 -1.01
C ARG D 72 -2.54 -13.73 -0.91
N MET D 73 -3.79 -14.07 -1.17
CA MET D 73 -4.22 -15.46 -1.14
C MET D 73 -4.39 -15.94 -2.58
N GLY D 74 -4.07 -15.05 -3.53
CA GLY D 74 -4.17 -15.39 -4.93
C GLY D 74 -5.52 -15.10 -5.56
N PHE D 75 -6.47 -14.64 -4.76
CA PHE D 75 -7.80 -14.35 -5.30
C PHE D 75 -7.77 -13.23 -6.34
N GLU D 76 -8.58 -13.40 -7.39
CA GLU D 76 -8.68 -12.44 -8.49
C GLU D 76 -9.76 -11.40 -8.16
N GLU D 77 -9.39 -10.12 -8.21
CA GLU D 77 -10.31 -9.04 -7.90
C GLU D 77 -11.29 -8.77 -9.02
N MET D 78 -12.56 -8.63 -8.68
CA MET D 78 -13.61 -8.38 -9.65
C MET D 78 -14.52 -7.23 -9.24
N ILE D 79 -15.49 -6.93 -10.10
CA ILE D 79 -16.48 -5.89 -9.82
C ILE D 79 -17.81 -6.40 -10.38
N ASN D 80 -18.63 -6.94 -9.48
CA ASN D 80 -19.92 -7.47 -9.86
C ASN D 80 -20.95 -6.36 -10.03
N PRO D 81 -21.95 -6.60 -10.89
CA PRO D 81 -22.99 -5.60 -11.13
C PRO D 81 -23.70 -5.24 -9.83
N VAL D 82 -23.90 -3.94 -9.60
CA VAL D 82 -24.56 -3.50 -8.39
C VAL D 82 -26.06 -3.56 -8.53
N ILE D 83 -26.56 -3.29 -9.73
CA ILE D 83 -28.00 -3.32 -9.97
C ILE D 83 -28.44 -4.53 -10.79
N VAL D 84 -29.25 -5.37 -10.17
CA VAL D 84 -29.74 -6.59 -10.82
C VAL D 84 -31.26 -6.55 -10.98
N ASP D 85 -31.76 -7.33 -11.93
CA ASP D 85 -33.20 -7.39 -12.20
C ASP D 85 -33.90 -8.35 -11.23
N GLU D 86 -35.12 -7.99 -10.85
CA GLU D 86 -35.92 -8.79 -9.93
C GLU D 86 -35.93 -10.29 -10.27
N MET D 87 -35.78 -10.59 -11.56
CA MET D 87 -35.79 -11.99 -12.01
C MET D 87 -34.53 -12.74 -11.60
N GLU D 88 -33.40 -12.06 -11.60
CA GLU D 88 -32.12 -12.67 -11.24
C GLU D 88 -32.12 -13.24 -9.82
N ILE D 89 -32.91 -12.64 -8.94
CA ILE D 89 -32.99 -13.11 -7.56
C ILE D 89 -33.89 -14.35 -7.47
N TYR D 90 -34.85 -14.43 -8.37
CA TYR D 90 -35.78 -15.57 -8.40
C TYR D 90 -35.02 -16.82 -8.78
N LYS D 91 -34.06 -16.68 -9.69
CA LYS D 91 -33.25 -17.81 -10.13
C LYS D 91 -32.40 -18.34 -8.98
N GLN D 92 -31.81 -17.42 -8.22
CA GLN D 92 -30.95 -17.79 -7.10
C GLN D 92 -31.73 -18.31 -5.91
N PHE D 93 -32.67 -17.51 -5.40
CA PHE D 93 -33.48 -17.92 -4.27
C PHE D 93 -34.62 -18.83 -4.69
N GLY D 94 -35.44 -18.36 -5.62
CA GLY D 94 -36.57 -19.14 -6.09
C GLY D 94 -37.81 -18.86 -5.28
N PRO D 95 -38.58 -19.90 -4.92
CA PRO D 95 -39.81 -19.75 -4.14
C PRO D 95 -39.59 -19.01 -2.82
N GLU D 96 -38.33 -18.73 -2.50
CA GLU D 96 -38.02 -18.02 -1.27
C GLU D 96 -37.86 -16.52 -1.53
N ALA D 97 -37.34 -16.20 -2.71
CA ALA D 97 -37.12 -14.81 -3.10
C ALA D 97 -38.33 -13.92 -2.83
N MET D 98 -39.52 -14.50 -2.93
CA MET D 98 -40.75 -13.75 -2.70
C MET D 98 -40.82 -13.26 -1.25
N ALA D 99 -39.81 -13.64 -0.46
CA ALA D 99 -39.75 -13.23 0.93
C ALA D 99 -38.55 -12.34 1.19
N VAL D 100 -37.45 -12.60 0.49
CA VAL D 100 -36.23 -11.82 0.65
C VAL D 100 -36.37 -10.46 0.00
N LEU D 101 -37.11 -10.38 -1.10
CA LEU D 101 -37.29 -9.11 -1.78
C LEU D 101 -37.87 -8.08 -0.82
N ASP D 102 -38.38 -8.57 0.31
CA ASP D 102 -38.95 -7.70 1.34
C ASP D 102 -37.91 -6.68 1.79
N ARG D 103 -36.65 -6.98 1.52
CA ARG D 103 -35.56 -6.10 1.89
C ARG D 103 -34.70 -5.75 0.68
N CYS D 104 -35.31 -5.15 -0.33
CA CYS D 104 -34.60 -4.77 -1.54
C CYS D 104 -35.20 -3.52 -2.18
N PHE D 105 -34.38 -2.48 -2.33
CA PHE D 105 -34.84 -1.23 -2.93
C PHE D 105 -34.98 -1.34 -4.44
N TYR D 106 -36.03 -0.72 -4.99
CA TYR D 106 -36.27 -0.74 -6.43
C TYR D 106 -36.04 0.64 -7.01
N LEU D 107 -35.30 0.73 -8.10
CA LEU D 107 -35.01 2.00 -8.74
C LEU D 107 -36.23 2.58 -9.46
N ALA D 108 -36.23 3.89 -9.68
CA ALA D 108 -37.33 4.56 -10.35
C ALA D 108 -36.92 5.93 -10.87
N GLY D 109 -37.65 6.42 -11.89
CA GLY D 109 -37.33 7.71 -12.47
C GLY D 109 -38.55 8.44 -13.03
N LEU D 110 -38.31 9.54 -13.73
CA LEU D 110 -39.37 10.35 -14.34
C LEU D 110 -40.24 9.51 -15.29
N PRO D 111 -41.48 9.19 -14.88
CA PRO D 111 -42.41 8.40 -15.69
C PRO D 111 -43.32 9.24 -16.57
N ARG D 112 -44.50 8.70 -16.85
CA ARG D 112 -45.52 9.37 -17.67
C ARG D 112 -46.87 9.24 -16.97
N PRO D 113 -47.43 10.37 -16.49
CA PRO D 113 -48.73 10.40 -15.79
C PRO D 113 -49.92 9.95 -16.63
N ASP D 114 -49.66 9.59 -17.90
CA ASP D 114 -50.73 9.15 -18.79
C ASP D 114 -51.85 10.19 -18.88
N VAL D 115 -51.46 11.45 -19.07
CA VAL D 115 -52.41 12.55 -19.16
C VAL D 115 -52.91 12.75 -20.60
N GLY D 116 -52.13 12.25 -21.56
CA GLY D 116 -52.51 12.38 -22.95
C GLY D 116 -51.80 11.37 -23.84
N LEU D 117 -51.73 11.65 -25.13
CA LEU D 117 -51.08 10.76 -26.09
C LEU D 117 -51.80 9.41 -26.13
N GLY D 118 -53.00 9.37 -25.57
CA GLY D 118 -53.78 8.15 -25.55
C GLY D 118 -55.16 8.37 -24.97
N ASN D 119 -55.21 9.13 -23.87
CA ASN D 119 -56.48 9.44 -23.21
C ASN D 119 -56.94 10.84 -23.61
N GLU D 120 -56.09 11.52 -24.38
CA GLU D 120 -56.39 12.86 -24.85
C GLU D 120 -57.38 12.83 -26.02
N LYS D 121 -58.66 12.64 -25.70
CA LYS D 121 -59.70 12.58 -26.72
C LYS D 121 -60.85 13.53 -26.36
N VAL D 122 -61.03 13.77 -25.06
CA VAL D 122 -62.08 14.65 -24.58
C VAL D 122 -61.53 15.65 -23.57
N GLU D 123 -60.23 15.88 -23.62
CA GLU D 123 -59.59 16.82 -22.69
C GLU D 123 -58.27 17.35 -23.26
N ILE D 124 -58.25 18.64 -23.57
CA ILE D 124 -57.05 19.29 -24.10
C ILE D 124 -57.32 20.79 -24.29
N ILE D 125 -58.60 21.15 -24.35
CA ILE D 125 -59.00 22.54 -24.53
C ILE D 125 -59.29 23.20 -23.18
N LYS D 126 -58.46 22.90 -22.18
CA LYS D 126 -58.61 23.46 -20.85
C LYS D 126 -57.43 24.37 -20.49
N ASN D 127 -56.24 23.77 -20.42
CA ASN D 127 -55.03 24.51 -20.09
C ASN D 127 -54.26 24.94 -21.35
N LEU D 128 -54.25 26.24 -21.61
CA LEU D 128 -53.56 26.80 -22.77
C LEU D 128 -52.59 27.90 -22.36
N GLY D 129 -52.14 27.85 -21.11
CA GLY D 129 -51.21 28.84 -20.61
C GLY D 129 -51.50 29.22 -19.18
N ILE D 130 -50.99 28.44 -18.23
CA ILE D 130 -51.22 28.69 -16.82
C ILE D 130 -50.06 29.44 -16.17
N ASP D 131 -49.72 30.61 -16.72
CA ASP D 131 -48.64 31.42 -16.20
C ASP D 131 -48.98 32.91 -16.31
N ILE D 132 -48.20 33.76 -15.65
CA ILE D 132 -48.43 35.20 -15.69
C ILE D 132 -47.14 36.03 -15.80
N ASP D 133 -46.40 35.81 -16.87
CA ASP D 133 -45.14 36.53 -17.11
C ASP D 133 -44.94 36.85 -18.59
N GLU D 134 -43.68 36.82 -19.04
CA GLU D 134 -43.35 37.12 -20.43
C GLU D 134 -43.03 35.89 -21.25
N GLU D 135 -43.33 35.97 -22.55
CA GLU D 135 -43.08 34.89 -23.50
C GLU D 135 -42.67 35.50 -24.83
N LYS D 136 -41.37 35.76 -24.99
CA LYS D 136 -40.84 36.37 -26.21
C LYS D 136 -41.34 35.72 -27.51
N LYS D 137 -41.04 36.38 -28.63
CA LYS D 137 -41.46 35.91 -29.95
C LYS D 137 -42.97 35.79 -30.01
N GLU D 138 -43.48 34.96 -30.92
CA GLU D 138 -44.92 34.78 -31.05
C GLU D 138 -45.34 33.31 -30.97
N ARG D 139 -46.40 32.98 -31.70
CA ARG D 139 -46.94 31.63 -31.74
C ARG D 139 -46.04 30.62 -32.45
N LEU D 140 -44.94 30.25 -31.80
CA LEU D 140 -44.00 29.28 -32.36
C LEU D 140 -44.02 27.99 -31.54
N ARG D 141 -45.21 27.41 -31.43
CA ARG D 141 -45.42 26.19 -30.66
C ARG D 141 -44.32 25.14 -30.81
N GLU D 142 -43.64 24.86 -29.70
CA GLU D 142 -42.57 23.86 -29.64
C GLU D 142 -41.33 24.21 -30.46
N VAL D 143 -40.17 23.88 -29.92
CA VAL D 143 -38.88 24.14 -30.57
C VAL D 143 -37.85 23.05 -30.20
N LEU D 144 -37.92 22.59 -28.96
CA LEU D 144 -37.00 21.56 -28.49
C LEU D 144 -37.72 20.22 -28.30
N HIS D 145 -37.95 19.53 -29.42
CA HIS D 145 -38.63 18.24 -29.39
C HIS D 145 -37.60 17.18 -28.97
N LEU D 146 -36.86 17.48 -27.92
CA LEU D 146 -35.84 16.58 -27.41
C LEU D 146 -36.34 15.83 -26.18
N TYR D 147 -37.43 15.09 -26.34
CA TYR D 147 -38.02 14.33 -25.26
C TYR D 147 -37.70 12.85 -25.43
N LYS D 148 -38.62 12.12 -26.07
CA LYS D 148 -38.46 10.69 -26.30
C LYS D 148 -37.69 10.39 -27.58
N LYS D 149 -37.18 11.44 -28.22
CA LYS D 149 -36.42 11.29 -29.46
C LYS D 149 -34.97 11.69 -29.17
N GLY D 150 -34.20 10.77 -28.61
CA GLY D 150 -32.81 11.06 -28.29
C GLY D 150 -32.77 12.18 -27.26
N ALA D 151 -33.32 11.91 -26.08
CA ALA D 151 -33.37 12.88 -24.99
C ALA D 151 -32.02 13.51 -24.69
N ILE D 152 -31.72 14.63 -25.34
CA ILE D 152 -30.47 15.36 -25.12
C ILE D 152 -30.72 16.55 -24.20
N ASP D 153 -30.76 16.26 -22.89
CA ASP D 153 -31.00 17.28 -21.89
C ASP D 153 -30.30 16.93 -20.58
N GLY D 154 -30.55 17.73 -19.54
CA GLY D 154 -29.94 17.48 -18.25
C GLY D 154 -29.61 18.76 -17.48
N ASP D 155 -29.60 19.88 -18.18
CA ASP D 155 -29.29 21.17 -17.56
C ASP D 155 -30.35 22.21 -17.91
N ASP D 156 -30.10 23.45 -17.53
CA ASP D 156 -31.02 24.54 -17.82
C ASP D 156 -30.52 25.25 -19.08
N LEU D 157 -30.43 26.57 -19.02
CA LEU D 157 -29.96 27.35 -20.17
C LEU D 157 -30.71 26.88 -21.42
N VAL D 158 -31.93 26.41 -21.20
CA VAL D 158 -32.79 25.91 -22.26
C VAL D 158 -32.79 26.82 -23.48
N PHE D 159 -33.50 27.94 -23.40
CA PHE D 159 -33.57 28.90 -24.49
C PHE D 159 -32.80 30.15 -24.09
N GLU D 160 -31.96 30.66 -24.99
CA GLU D 160 -31.18 31.84 -24.69
C GLU D 160 -31.09 32.83 -25.85
N ILE D 161 -29.99 33.57 -25.87
CA ILE D 161 -29.74 34.58 -26.89
C ILE D 161 -28.23 34.81 -26.98
N ALA D 162 -27.75 35.30 -28.12
CA ALA D 162 -26.32 35.55 -28.30
C ALA D 162 -26.02 36.98 -28.74
N LYS D 163 -25.73 37.13 -30.03
CA LYS D 163 -25.40 38.44 -30.60
C LYS D 163 -26.65 39.23 -30.97
N ALA D 164 -26.98 40.22 -30.13
CA ALA D 164 -28.13 41.07 -30.35
C ALA D 164 -28.16 42.16 -29.28
N LEU D 165 -29.35 42.66 -28.97
CA LEU D 165 -29.50 43.71 -27.95
C LEU D 165 -30.91 43.70 -27.36
N ASN D 166 -31.00 43.99 -26.07
CA ASN D 166 -32.28 44.01 -25.35
C ASN D 166 -32.90 42.61 -25.31
N VAL D 167 -32.31 41.74 -24.50
CA VAL D 167 -32.80 40.37 -24.37
C VAL D 167 -32.13 39.61 -23.21
N SER D 168 -30.80 39.61 -23.19
CA SER D 168 -30.03 38.94 -22.14
C SER D 168 -30.25 37.43 -22.07
N ASN D 169 -29.30 36.74 -21.43
CA ASN D 169 -29.36 35.28 -21.28
C ASN D 169 -30.44 34.86 -20.29
N GLU D 170 -31.66 34.73 -20.78
CA GLU D 170 -32.80 34.34 -19.94
C GLU D 170 -34.04 34.18 -20.82
N MET D 171 -34.69 33.02 -20.72
CA MET D 171 -35.89 32.76 -21.52
C MET D 171 -36.62 31.48 -21.09
N GLY D 172 -37.78 31.65 -20.44
CA GLY D 172 -38.55 30.51 -20.00
C GLY D 172 -38.09 29.84 -18.72
N LEU D 173 -37.47 30.60 -17.83
CA LEU D 173 -36.99 30.03 -16.58
C LEU D 173 -38.12 29.93 -15.56
N LYS D 174 -39.36 29.96 -16.03
CA LYS D 174 -40.53 29.87 -15.16
C LYS D 174 -41.71 29.15 -15.81
N VAL D 175 -41.89 27.88 -15.47
CA VAL D 175 -42.99 27.09 -16.00
C VAL D 175 -43.62 26.25 -14.90
N LEU D 176 -43.42 26.67 -13.65
CA LEU D 176 -43.98 25.96 -12.50
C LEU D 176 -44.40 26.95 -11.41
N GLU D 177 -44.32 26.49 -10.16
CA GLU D 177 -44.69 27.30 -8.99
C GLU D 177 -46.17 27.64 -9.02
N THR D 178 -46.51 28.69 -9.77
CA THR D 178 -47.91 29.12 -9.90
C THR D 178 -48.61 28.32 -10.99
N ALA D 179 -48.13 27.09 -11.21
CA ALA D 179 -48.69 26.20 -12.22
C ALA D 179 -48.33 24.74 -11.91
N PHE D 180 -48.67 23.85 -12.83
CA PHE D 180 -48.39 22.42 -12.67
C PHE D 180 -48.70 21.93 -11.25
N PRO D 181 -49.98 21.66 -10.97
CA PRO D 181 -50.39 21.18 -9.65
C PRO D 181 -49.95 19.74 -9.38
N GLU D 182 -49.98 18.91 -10.41
CA GLU D 182 -49.59 17.51 -10.29
C GLU D 182 -48.21 17.25 -10.90
N PHE D 183 -47.21 17.97 -10.41
CA PHE D 183 -45.84 17.83 -10.89
C PHE D 183 -44.89 17.76 -9.70
N LYS D 184 -45.25 18.45 -8.62
CA LYS D 184 -44.44 18.48 -7.42
C LYS D 184 -44.63 17.17 -6.65
N ASP D 185 -45.83 16.61 -6.77
CA ASP D 185 -46.18 15.35 -6.12
C ASP D 185 -45.97 14.20 -7.09
N LEU D 186 -45.39 14.51 -8.25
CA LEU D 186 -45.11 13.52 -9.28
C LEU D 186 -44.52 12.27 -8.65
N LYS D 187 -45.01 11.11 -9.07
CA LYS D 187 -44.52 9.84 -8.52
C LYS D 187 -43.78 9.01 -9.57
N PRO D 188 -42.43 8.96 -9.47
CA PRO D 188 -41.61 8.19 -10.41
C PRO D 188 -41.96 6.71 -10.33
N GLU D 189 -42.48 6.16 -11.42
CA GLU D 189 -42.86 4.76 -11.45
C GLU D 189 -41.68 3.82 -11.23
N SER D 190 -41.93 2.75 -10.49
CA SER D 190 -40.91 1.76 -10.18
C SER D 190 -40.45 1.00 -11.44
N THR D 191 -39.53 0.07 -11.25
CA THR D 191 -39.00 -0.74 -12.35
C THR D 191 -38.70 -2.15 -11.89
N THR D 192 -38.19 -2.98 -12.80
CA THR D 192 -37.84 -4.35 -12.48
C THR D 192 -36.38 -4.42 -12.05
N LEU D 193 -35.74 -3.25 -11.97
CA LEU D 193 -34.34 -3.16 -11.58
C LEU D 193 -34.23 -2.84 -10.10
N THR D 194 -33.55 -3.71 -9.36
CA THR D 194 -33.35 -3.53 -7.92
C THR D 194 -31.87 -3.54 -7.59
N LEU D 195 -31.52 -3.00 -6.43
CA LEU D 195 -30.12 -2.96 -6.00
C LEU D 195 -29.67 -4.37 -5.68
N ARG D 196 -29.21 -4.61 -4.45
CA ARG D 196 -28.77 -5.96 -4.11
C ARG D 196 -28.43 -6.18 -2.63
N SER D 197 -27.66 -7.23 -2.39
CA SER D 197 -27.22 -7.61 -1.05
C SER D 197 -26.27 -8.79 -1.22
N HIS D 198 -25.01 -8.59 -0.83
CA HIS D 198 -23.97 -9.62 -0.93
C HIS D 198 -23.61 -9.77 -2.42
N MET D 199 -22.31 -9.87 -2.69
CA MET D 199 -21.85 -10.01 -4.07
C MET D 199 -22.53 -11.20 -4.75
N THR D 200 -23.16 -12.06 -3.96
CA THR D 200 -23.83 -13.25 -4.50
C THR D 200 -24.73 -12.92 -5.68
N SER D 201 -25.76 -12.11 -5.44
CA SER D 201 -26.70 -11.74 -6.49
C SER D 201 -25.98 -11.20 -7.72
N GLY D 202 -24.68 -10.97 -7.58
CA GLY D 202 -23.90 -10.48 -8.69
C GLY D 202 -22.98 -11.58 -9.18
N TRP D 203 -22.44 -12.35 -8.24
CA TRP D 203 -21.54 -13.45 -8.56
C TRP D 203 -22.10 -14.36 -9.63
N PHE D 204 -23.32 -14.85 -9.44
CA PHE D 204 -23.95 -15.72 -10.41
C PHE D 204 -23.81 -15.10 -11.79
N ILE D 205 -24.34 -13.89 -11.94
CA ILE D 205 -24.27 -13.18 -13.21
C ILE D 205 -22.82 -13.16 -13.69
N THR D 206 -21.94 -12.66 -12.84
CA THR D 206 -20.53 -12.58 -13.18
C THR D 206 -19.95 -13.95 -13.48
N LEU D 207 -20.60 -14.99 -12.97
CA LEU D 207 -20.14 -16.34 -13.20
C LEU D 207 -20.72 -16.94 -14.46
N SER D 208 -22.05 -17.00 -14.53
CA SER D 208 -22.77 -17.56 -15.68
C SER D 208 -22.03 -17.35 -16.99
N SER D 209 -21.62 -16.11 -17.25
CA SER D 209 -20.91 -15.79 -18.49
C SER D 209 -19.43 -15.61 -18.23
N LEU D 210 -18.82 -16.59 -17.57
CA LEU D 210 -17.39 -16.51 -17.26
C LEU D 210 -16.75 -17.89 -17.13
N ILE D 211 -17.55 -18.88 -16.75
CA ILE D 211 -17.07 -20.23 -16.59
C ILE D 211 -16.53 -20.81 -17.89
N LYS D 212 -17.22 -20.53 -18.99
CA LYS D 212 -16.79 -21.04 -20.28
C LYS D 212 -15.77 -20.16 -20.99
N LYS D 213 -15.36 -19.08 -20.34
CA LYS D 213 -14.38 -18.17 -20.92
C LYS D 213 -13.00 -18.37 -20.28
N ARG D 214 -13.00 -18.83 -19.03
CA ARG D 214 -11.77 -19.06 -18.30
C ARG D 214 -11.54 -20.55 -18.03
N LYS D 215 -10.38 -20.88 -17.49
CA LYS D 215 -10.04 -22.26 -17.18
C LYS D 215 -9.99 -22.43 -15.66
N LEU D 216 -10.68 -23.45 -15.16
CA LEU D 216 -10.73 -23.72 -13.73
C LEU D 216 -9.46 -24.39 -13.19
N PRO D 217 -9.27 -24.42 -11.86
CA PRO D 217 -10.15 -23.89 -10.82
C PRO D 217 -10.23 -22.39 -10.90
N LEU D 218 -11.19 -21.78 -10.21
CA LEU D 218 -11.35 -20.33 -10.27
C LEU D 218 -11.58 -19.69 -8.90
N LYS D 219 -10.77 -18.68 -8.58
CA LYS D 219 -10.88 -17.97 -7.31
C LYS D 219 -11.10 -16.50 -7.58
N LEU D 220 -12.21 -15.95 -7.06
CA LEU D 220 -12.55 -14.55 -7.28
C LEU D 220 -13.02 -13.85 -6.01
N PHE D 221 -12.85 -12.52 -5.97
CA PHE D 221 -13.26 -11.71 -4.82
C PHE D 221 -13.61 -10.28 -5.24
N SER D 222 -14.52 -9.66 -4.50
CA SER D 222 -14.93 -8.29 -4.80
C SER D 222 -15.52 -7.62 -3.57
N ILE D 223 -14.80 -6.66 -3.02
CA ILE D 223 -15.28 -5.93 -1.85
C ILE D 223 -15.92 -4.64 -2.30
N ASP D 224 -17.25 -4.63 -2.39
CA ASP D 224 -17.99 -3.46 -2.82
C ASP D 224 -19.22 -3.21 -1.97
N ARG D 225 -19.97 -2.16 -2.32
CA ARG D 225 -21.19 -1.81 -1.58
C ARG D 225 -22.36 -2.74 -1.88
N CYS D 226 -23.38 -2.65 -1.02
CA CYS D 226 -24.60 -3.42 -1.14
C CYS D 226 -25.66 -2.68 -0.33
N PHE D 227 -26.93 -2.90 -0.66
CA PHE D 227 -28.00 -2.22 0.05
C PHE D 227 -29.03 -3.17 0.63
N ARG D 228 -28.97 -3.37 1.94
CA ARG D 228 -29.90 -4.25 2.64
C ARG D 228 -31.00 -3.42 3.27
N ARG D 229 -32.15 -3.37 2.59
CA ARG D 229 -33.30 -2.60 3.04
C ARG D 229 -33.67 -2.89 4.49
N GLU D 230 -33.59 -1.88 5.34
CA GLU D 230 -33.93 -2.00 6.75
C GLU D 230 -34.88 -0.88 7.13
N GLN D 231 -34.93 0.16 6.29
CA GLN D 231 -35.79 1.32 6.51
C GLN D 231 -35.53 1.98 7.86
N ARG D 232 -34.68 3.01 7.84
CA ARG D 232 -34.33 3.75 9.06
C ARG D 232 -33.84 2.85 10.20
N GLU D 233 -32.52 2.77 10.34
CA GLU D 233 -31.90 1.98 11.39
C GLU D 233 -30.69 2.69 11.96
N ASP D 234 -30.89 3.39 13.07
CA ASP D 234 -29.81 4.13 13.71
C ASP D 234 -29.19 3.27 14.80
N ARG D 235 -29.78 2.09 15.02
CA ARG D 235 -29.31 1.16 16.04
C ARG D 235 -29.22 -0.26 15.49
N SER D 236 -29.14 -0.36 14.16
CA SER D 236 -29.04 -1.65 13.48
C SER D 236 -28.57 -1.44 12.04
N HIS D 237 -27.28 -1.15 11.87
CA HIS D 237 -26.71 -0.91 10.55
C HIS D 237 -27.49 0.16 9.79
N LEU D 238 -27.08 0.44 8.56
CA LEU D 238 -27.74 1.44 7.74
C LEU D 238 -28.51 0.81 6.59
N MET D 239 -28.45 1.47 5.43
CA MET D 239 -29.15 0.99 4.24
C MET D 239 -28.15 0.53 3.19
N SER D 240 -26.87 0.80 3.43
CA SER D 240 -25.82 0.41 2.50
C SER D 240 -24.54 0.04 3.24
N TYR D 241 -24.13 -1.22 3.11
CA TYR D 241 -22.92 -1.70 3.77
C TYR D 241 -21.94 -2.23 2.73
N HIS D 242 -20.75 -2.59 3.17
CA HIS D 242 -19.71 -3.12 2.29
C HIS D 242 -19.55 -4.61 2.53
N SER D 243 -19.67 -5.40 1.48
CA SER D 243 -19.53 -6.86 1.60
C SER D 243 -18.24 -7.35 0.95
N ALA D 244 -17.36 -7.95 1.77
CA ALA D 244 -16.11 -8.46 1.27
C ALA D 244 -16.31 -9.92 0.88
N SER D 245 -17.03 -10.13 -0.23
CA SER D 245 -17.33 -11.47 -0.70
C SER D 245 -16.29 -12.04 -1.65
N CYS D 246 -16.43 -13.34 -1.93
CA CYS D 246 -15.54 -14.05 -2.84
C CYS D 246 -16.18 -15.38 -3.21
N VAL D 247 -15.71 -15.97 -4.30
CA VAL D 247 -16.25 -17.24 -4.77
C VAL D 247 -15.16 -18.14 -5.33
N VAL D 248 -15.28 -19.44 -5.07
CA VAL D 248 -14.30 -20.40 -5.53
C VAL D 248 -14.94 -21.43 -6.43
N VAL D 249 -14.67 -21.32 -7.73
CA VAL D 249 -15.22 -22.25 -8.71
C VAL D 249 -14.26 -23.42 -8.85
N GLY D 250 -14.68 -24.58 -8.38
CA GLY D 250 -13.83 -25.76 -8.45
C GLY D 250 -14.62 -27.03 -8.70
N GLU D 251 -14.11 -27.85 -9.60
CA GLU D 251 -14.77 -29.11 -9.94
C GLU D 251 -14.88 -30.00 -8.70
N ASP D 252 -14.12 -29.65 -7.67
CA ASP D 252 -14.12 -30.41 -6.43
C ASP D 252 -13.96 -29.51 -5.22
N VAL D 253 -15.05 -28.89 -4.78
CA VAL D 253 -15.01 -28.00 -3.62
C VAL D 253 -16.17 -28.28 -2.66
N SER D 254 -15.99 -27.90 -1.39
CA SER D 254 -17.01 -28.10 -0.38
C SER D 254 -16.94 -27.01 0.67
N VAL D 255 -17.77 -27.11 1.69
CA VAL D 255 -17.80 -26.13 2.76
C VAL D 255 -16.41 -25.88 3.31
N ASP D 256 -15.59 -26.92 3.32
CA ASP D 256 -14.22 -26.81 3.83
C ASP D 256 -13.47 -25.70 3.13
N ASP D 257 -13.58 -25.63 1.81
CA ASP D 257 -12.90 -24.60 1.04
C ASP D 257 -13.35 -23.24 1.55
N GLY D 258 -14.45 -23.22 2.30
CA GLY D 258 -14.96 -21.98 2.84
C GLY D 258 -14.31 -21.70 4.18
N LYS D 259 -14.24 -22.73 5.02
CA LYS D 259 -13.63 -22.59 6.33
C LYS D 259 -12.21 -22.08 6.17
N VAL D 260 -11.44 -22.73 5.32
CA VAL D 260 -10.05 -22.35 5.06
C VAL D 260 -9.92 -20.88 4.66
N VAL D 261 -10.79 -20.41 3.79
CA VAL D 261 -10.74 -19.01 3.35
C VAL D 261 -10.95 -18.11 4.55
N ALA D 262 -12.04 -18.33 5.28
CA ALA D 262 -12.36 -17.53 6.44
C ALA D 262 -11.17 -17.45 7.40
N GLU D 263 -10.40 -18.53 7.48
CA GLU D 263 -9.23 -18.54 8.36
C GLU D 263 -8.14 -17.71 7.72
N GLY D 264 -7.67 -18.14 6.55
CA GLY D 264 -6.62 -17.42 5.85
C GLY D 264 -6.92 -15.94 5.70
N LEU D 265 -8.19 -15.58 5.85
CA LEU D 265 -8.61 -14.20 5.74
C LEU D 265 -8.46 -13.52 7.09
N LEU D 266 -9.17 -14.03 8.09
CA LEU D 266 -9.09 -13.46 9.43
C LEU D 266 -7.68 -13.56 10.00
N ALA D 267 -7.00 -14.65 9.68
CA ALA D 267 -5.65 -14.88 10.16
C ALA D 267 -4.71 -13.73 9.82
N GLN D 268 -5.10 -12.89 8.87
CA GLN D 268 -4.28 -11.76 8.47
C GLN D 268 -4.63 -10.47 9.22
N PHE D 269 -5.30 -10.62 10.35
CA PHE D 269 -5.66 -9.47 11.17
C PHE D 269 -5.28 -9.75 12.62
N GLY D 270 -4.70 -10.92 12.87
CA GLY D 270 -4.30 -11.27 14.22
C GLY D 270 -5.34 -12.13 14.91
N PHE D 271 -6.29 -12.64 14.14
CA PHE D 271 -7.35 -13.48 14.69
C PHE D 271 -6.93 -14.94 14.72
N THR D 272 -7.02 -15.56 15.89
CA THR D 272 -6.66 -16.96 16.06
C THR D 272 -7.85 -17.76 16.58
N LYS D 273 -8.85 -17.04 17.09
CA LYS D 273 -10.05 -17.67 17.62
C LYS D 273 -11.29 -17.24 16.85
N PHE D 274 -11.98 -18.21 16.24
CA PHE D 274 -13.19 -17.92 15.47
C PHE D 274 -14.21 -19.05 15.44
N LYS D 275 -13.84 -20.19 14.86
CA LYS D 275 -14.73 -21.35 14.76
C LYS D 275 -15.98 -21.05 13.93
N PHE D 276 -16.66 -22.11 13.50
CA PHE D 276 -17.87 -21.96 12.68
C PHE D 276 -19.06 -22.71 13.26
N LYS D 277 -20.27 -22.25 12.95
CA LYS D 277 -21.49 -22.89 13.43
C LYS D 277 -22.60 -22.78 12.38
N PRO D 278 -23.26 -23.91 12.07
CA PRO D 278 -24.34 -23.98 11.08
C PRO D 278 -25.40 -22.91 11.24
N ASP D 279 -25.77 -22.28 10.12
CA ASP D 279 -26.76 -21.22 10.11
C ASP D 279 -28.17 -21.80 10.00
N GLU D 280 -29.05 -21.38 10.91
CA GLU D 280 -30.42 -21.85 10.93
C GLU D 280 -31.23 -21.37 9.72
N LYS D 281 -30.92 -20.17 9.24
CA LYS D 281 -31.62 -19.60 8.10
C LYS D 281 -31.75 -20.58 6.94
N LYS D 282 -30.73 -21.42 6.76
CA LYS D 282 -30.71 -22.41 5.69
C LYS D 282 -31.25 -21.84 4.38
N SER D 283 -30.62 -20.77 3.91
CA SER D 283 -31.03 -20.12 2.67
C SER D 283 -31.09 -21.17 1.55
N LYS D 284 -32.19 -21.15 0.80
CA LYS D 284 -32.39 -22.11 -0.28
C LYS D 284 -31.52 -21.91 -1.51
N TYR D 285 -30.68 -20.87 -1.52
CA TYR D 285 -29.79 -20.63 -2.65
C TYR D 285 -28.44 -21.24 -2.30
N TYR D 286 -28.43 -21.96 -1.19
CA TYR D 286 -27.25 -22.65 -0.66
C TYR D 286 -27.60 -24.12 -0.50
N THR D 287 -26.70 -25.00 -0.94
CA THR D 287 -26.94 -26.43 -0.78
C THR D 287 -27.21 -26.64 0.71
N PRO D 288 -28.18 -27.50 1.04
CA PRO D 288 -28.48 -27.75 2.45
C PRO D 288 -27.29 -28.16 3.31
N GLU D 289 -27.31 -27.71 4.56
CA GLU D 289 -26.27 -28.01 5.54
C GLU D 289 -24.88 -27.48 5.23
N THR D 290 -24.81 -26.34 4.54
CA THR D 290 -23.52 -25.73 4.23
C THR D 290 -23.42 -24.33 4.80
N GLN D 291 -24.53 -23.60 4.78
CA GLN D 291 -24.54 -22.24 5.29
C GLN D 291 -24.11 -22.23 6.75
N THR D 292 -22.83 -21.94 6.97
CA THR D 292 -22.26 -21.89 8.30
C THR D 292 -21.78 -20.48 8.63
N GLU D 293 -22.19 -19.97 9.78
CA GLU D 293 -21.79 -18.63 10.21
C GLU D 293 -20.34 -18.68 10.67
N VAL D 294 -19.66 -17.55 10.65
CA VAL D 294 -18.27 -17.50 11.08
C VAL D 294 -18.05 -16.43 12.15
N TYR D 295 -18.28 -16.83 13.40
CA TYR D 295 -18.11 -15.93 14.54
C TYR D 295 -16.63 -15.68 14.78
N ALA D 296 -16.29 -14.48 15.24
CA ALA D 296 -14.90 -14.13 15.50
C ALA D 296 -14.73 -13.36 16.80
N TYR D 297 -13.64 -13.66 17.50
CA TYR D 297 -13.33 -13.00 18.77
C TYR D 297 -11.83 -12.69 18.82
N HIS D 298 -11.49 -11.44 18.51
CA HIS D 298 -10.10 -10.99 18.54
C HIS D 298 -9.69 -10.75 19.99
N PRO D 299 -8.44 -11.09 20.34
CA PRO D 299 -7.94 -10.90 21.71
C PRO D 299 -8.15 -9.47 22.24
N LYS D 300 -9.39 -9.16 22.62
CA LYS D 300 -9.74 -7.85 23.14
C LYS D 300 -11.26 -7.76 23.33
N LEU D 301 -11.80 -6.54 23.29
CA LEU D 301 -13.24 -6.34 23.46
C LEU D 301 -14.02 -6.86 22.26
N GLY D 302 -15.34 -6.74 22.31
CA GLY D 302 -16.17 -7.22 21.23
C GLY D 302 -16.43 -8.70 21.36
N GLU D 303 -17.46 -9.05 22.13
CA GLU D 303 -17.84 -10.44 22.37
C GLU D 303 -17.86 -11.21 21.05
N TRP D 304 -17.74 -12.54 21.13
CA TRP D 304 -17.75 -13.37 19.93
C TRP D 304 -18.84 -12.88 18.98
N ILE D 305 -18.42 -12.13 17.97
CA ILE D 305 -19.36 -11.57 17.00
C ILE D 305 -19.15 -12.18 15.61
N GLU D 306 -20.26 -12.36 14.89
CA GLU D 306 -20.24 -12.92 13.56
C GLU D 306 -19.62 -11.94 12.57
N VAL D 307 -18.50 -12.34 11.99
CA VAL D 307 -17.80 -11.49 11.02
C VAL D 307 -18.05 -11.96 9.60
N ALA D 308 -18.30 -13.25 9.44
CA ALA D 308 -18.55 -13.80 8.12
C ALA D 308 -19.70 -14.81 8.09
N THR D 309 -19.85 -15.47 6.95
CA THR D 309 -20.87 -16.47 6.74
C THR D 309 -20.70 -16.97 5.30
N PHE D 310 -20.55 -18.28 5.13
CA PHE D 310 -20.37 -18.83 3.80
C PHE D 310 -21.20 -20.07 3.56
N GLY D 311 -21.28 -20.47 2.30
CA GLY D 311 -22.05 -21.65 1.93
C GLY D 311 -21.71 -22.12 0.53
N VAL D 312 -22.49 -23.08 0.03
CA VAL D 312 -22.29 -23.62 -1.30
C VAL D 312 -23.53 -23.39 -2.16
N TYR D 313 -23.33 -22.91 -3.37
CA TYR D 313 -24.45 -22.65 -4.27
C TYR D 313 -25.10 -23.96 -4.70
N SER D 314 -26.38 -24.12 -4.36
CA SER D 314 -27.13 -25.33 -4.72
C SER D 314 -27.15 -25.54 -6.23
N PRO D 315 -26.82 -26.75 -6.67
CA PRO D 315 -26.80 -27.09 -8.10
C PRO D 315 -28.00 -26.53 -8.86
N ILE D 316 -29.16 -26.55 -8.20
CA ILE D 316 -30.36 -26.03 -8.82
C ILE D 316 -30.17 -24.57 -9.22
N ALA D 317 -29.76 -23.74 -8.26
CA ALA D 317 -29.52 -22.33 -8.51
C ALA D 317 -28.46 -22.16 -9.58
N LEU D 318 -27.34 -22.86 -9.43
CA LEU D 318 -26.25 -22.79 -10.39
C LEU D 318 -26.71 -23.29 -11.74
N ALA D 319 -27.70 -24.18 -11.73
CA ALA D 319 -28.24 -24.72 -12.97
C ALA D 319 -28.94 -23.61 -13.72
N LYS D 320 -29.83 -22.90 -13.03
CA LYS D 320 -30.57 -21.82 -13.65
C LYS D 320 -29.66 -20.79 -14.30
N TYR D 321 -28.40 -20.73 -13.88
CA TYR D 321 -27.46 -19.79 -14.47
C TYR D 321 -26.51 -20.48 -15.44
N ASN D 322 -26.84 -21.72 -15.81
CA ASN D 322 -26.04 -22.49 -16.76
C ASN D 322 -24.63 -22.76 -16.26
N ILE D 323 -24.51 -23.04 -14.97
CA ILE D 323 -23.21 -23.32 -14.35
C ILE D 323 -23.10 -24.81 -14.01
N ASP D 324 -22.21 -25.52 -14.71
CA ASP D 324 -22.03 -26.94 -14.51
C ASP D 324 -20.92 -27.30 -13.51
N VAL D 325 -20.96 -26.68 -12.34
CA VAL D 325 -19.95 -26.95 -11.31
C VAL D 325 -20.26 -26.22 -10.01
N PRO D 326 -20.06 -26.89 -8.86
CA PRO D 326 -20.31 -26.28 -7.55
C PRO D 326 -19.48 -25.03 -7.30
N VAL D 327 -20.03 -24.13 -6.49
CA VAL D 327 -19.37 -22.89 -6.16
C VAL D 327 -19.46 -22.62 -4.66
N MET D 328 -18.35 -22.16 -4.08
CA MET D 328 -18.31 -21.84 -2.66
C MET D 328 -18.26 -20.33 -2.52
N ASN D 329 -19.09 -19.78 -1.67
CA ASN D 329 -19.13 -18.34 -1.46
C ASN D 329 -19.03 -17.95 0.00
N LEU D 330 -18.05 -17.09 0.31
CA LEU D 330 -17.84 -16.61 1.67
C LEU D 330 -18.02 -15.10 1.71
N GLY D 331 -18.87 -14.63 2.61
CA GLY D 331 -19.10 -13.21 2.73
C GLY D 331 -18.57 -12.69 4.04
N LEU D 332 -18.19 -11.43 4.08
CA LEU D 332 -17.67 -10.85 5.31
C LEU D 332 -18.04 -9.38 5.40
N GLY D 333 -18.81 -9.03 6.44
CA GLY D 333 -19.20 -7.66 6.63
C GLY D 333 -18.00 -6.79 6.97
N VAL D 334 -17.68 -5.87 6.09
CA VAL D 334 -16.53 -4.99 6.31
C VAL D 334 -16.75 -4.13 7.56
N GLU D 335 -17.87 -3.41 7.60
CA GLU D 335 -18.15 -2.57 8.74
C GLU D 335 -18.15 -3.40 10.02
N ARG D 336 -18.51 -4.67 9.88
CA ARG D 336 -18.54 -5.60 11.00
C ARG D 336 -17.14 -5.72 11.59
N LEU D 337 -16.23 -6.28 10.80
CA LEU D 337 -14.85 -6.46 11.21
C LEU D 337 -14.26 -5.11 11.55
N ALA D 338 -14.72 -4.07 10.85
CA ALA D 338 -14.25 -2.72 11.07
C ALA D 338 -14.35 -2.33 12.54
N MET D 339 -15.54 -2.49 13.11
CA MET D 339 -15.77 -2.15 14.51
C MET D 339 -14.87 -2.94 15.45
N ILE D 340 -14.65 -4.21 15.13
CA ILE D 340 -13.80 -5.07 15.96
C ILE D 340 -12.38 -4.54 15.97
N ILE D 341 -11.89 -4.14 14.81
CA ILE D 341 -10.54 -3.63 14.69
C ILE D 341 -10.34 -2.36 15.50
N TYR D 342 -11.01 -1.29 15.10
CA TYR D 342 -10.90 -0.01 15.79
C TYR D 342 -11.72 0.10 17.06
N GLY D 343 -12.26 -1.02 17.52
CA GLY D 343 -13.05 -1.01 18.74
C GLY D 343 -14.18 0.01 18.75
N TYR D 344 -15.11 -0.13 17.81
CA TYR D 344 -16.25 0.77 17.72
C TYR D 344 -17.52 0.06 18.14
N GLU D 345 -18.39 0.77 18.85
CA GLU D 345 -19.66 0.21 19.29
C GLU D 345 -20.73 0.58 18.28
N ASP D 346 -21.11 1.86 18.28
CA ASP D 346 -22.12 2.35 17.36
C ASP D 346 -21.59 2.34 15.93
N VAL D 347 -22.22 1.55 15.06
CA VAL D 347 -21.80 1.46 13.67
C VAL D 347 -21.82 2.84 13.02
N ARG D 348 -22.95 3.54 13.16
CA ARG D 348 -23.12 4.87 12.60
C ARG D 348 -21.96 5.80 12.99
N ALA D 349 -21.65 5.81 14.28
CA ALA D 349 -20.56 6.64 14.78
C ALA D 349 -19.24 6.31 14.11
N MET D 350 -19.19 5.21 13.36
CA MET D 350 -17.98 4.81 12.67
C MET D 350 -18.06 5.13 11.18
N VAL D 351 -19.10 4.64 10.52
CA VAL D 351 -19.28 4.88 9.10
C VAL D 351 -19.23 6.37 8.81
N TYR D 352 -19.75 7.17 9.72
CA TYR D 352 -19.77 8.62 9.58
C TYR D 352 -19.16 9.30 10.80
N PRO D 353 -17.85 9.10 11.01
CA PRO D 353 -17.07 9.65 12.13
C PRO D 353 -17.57 10.98 12.67
N GLN D 354 -17.65 11.98 11.80
CA GLN D 354 -18.10 13.29 12.23
C GLN D 354 -19.58 13.48 11.88
N PHE D 355 -20.41 13.27 12.90
CA PHE D 355 -21.85 13.41 12.78
C PHE D 355 -22.38 13.44 14.21
N TYR D 356 -21.47 13.44 15.17
CA TYR D 356 -21.83 13.49 16.58
C TYR D 356 -20.64 13.86 17.46
N GLU D 357 -19.84 12.86 17.84
CA GLU D 357 -18.68 13.09 18.70
C GLU D 357 -17.59 13.93 18.04
N TYR D 358 -16.60 14.31 18.83
CA TYR D 358 -15.47 15.13 18.37
C TYR D 358 -14.56 15.45 19.56
N ARG D 359 -14.68 14.64 20.61
CA ARG D 359 -13.90 14.83 21.83
C ARG D 359 -12.47 15.30 21.60
N LEU D 360 -12.08 16.35 22.32
CA LEU D 360 -10.75 16.92 22.21
C LEU D 360 -9.85 16.37 23.32
N SER D 361 -8.83 15.61 22.91
CA SER D 361 -7.89 15.03 23.85
C SER D 361 -7.02 16.10 24.48
N ASP D 362 -6.51 15.81 25.67
CA ASP D 362 -5.65 16.74 26.39
C ASP D 362 -4.60 17.36 25.47
N ARG D 363 -3.99 16.52 24.63
CA ARG D 363 -2.97 16.97 23.69
C ARG D 363 -3.48 18.11 22.81
N ASP D 364 -4.80 18.16 22.62
CA ASP D 364 -5.43 19.19 21.80
C ASP D 364 -5.64 20.46 22.61
N ILE D 365 -6.18 20.31 23.81
CA ILE D 365 -6.45 21.45 24.69
C ILE D 365 -5.21 22.32 24.83
N ALA D 366 -4.08 21.69 25.11
CA ALA D 366 -2.82 22.43 25.26
C ALA D 366 -2.59 23.36 24.08
N GLY D 367 -2.86 22.85 22.89
CA GLY D 367 -2.68 23.64 21.68
C GLY D 367 -3.83 24.58 21.40
N MET D 368 -4.74 24.71 22.37
CA MET D 368 -5.88 25.58 22.21
C MET D 368 -5.93 26.63 23.33
N ILE D 369 -4.90 26.63 24.17
CA ILE D 369 -4.80 27.59 25.26
C ILE D 369 -3.82 28.66 24.77
N ARG D 370 -4.31 29.53 23.88
CA ARG D 370 -3.48 30.58 23.31
C ARG D 370 -3.27 31.75 24.26
N VAL D 371 -2.50 32.73 23.81
CA VAL D 371 -2.19 33.92 24.61
C VAL D 371 -3.11 35.08 24.22
N ASP D 372 -3.73 35.69 25.22
CA ASP D 372 -4.66 36.79 25.02
C ASP D 372 -4.09 37.93 24.18
N LYS D 373 -3.28 38.79 24.81
CA LYS D 373 -2.68 39.92 24.12
C LYS D 373 -1.17 39.85 24.12
N VAL D 374 -0.57 40.30 23.03
CA VAL D 374 0.89 40.30 22.89
C VAL D 374 1.34 41.46 22.01
N PRO D 375 2.59 41.92 22.19
CA PRO D 375 3.12 43.02 21.41
C PRO D 375 3.07 42.71 19.92
N ILE D 376 2.61 43.66 19.12
CA ILE D 376 2.53 43.46 17.68
C ILE D 376 3.73 44.09 16.98
N LEU D 377 4.78 44.36 17.76
CA LEU D 377 6.01 44.94 17.24
C LEU D 377 7.19 44.07 17.63
N ASP D 378 7.83 43.48 16.62
CA ASP D 378 8.98 42.59 16.83
C ASP D 378 9.91 43.14 17.89
N GLU D 379 10.12 44.45 17.88
CA GLU D 379 11.00 45.09 18.86
C GLU D 379 10.48 44.88 20.28
N PHE D 380 9.24 45.29 20.52
CA PHE D 380 8.63 45.14 21.84
C PHE D 380 8.54 43.67 22.22
N TYR D 381 8.07 42.85 21.29
CA TYR D 381 7.95 41.42 21.54
C TYR D 381 9.27 40.92 22.11
N ASN D 382 10.36 41.24 21.42
CA ASN D 382 11.68 40.85 21.87
C ASN D 382 11.91 41.38 23.28
N PHE D 383 11.50 42.62 23.51
CA PHE D 383 11.66 43.24 24.82
C PHE D 383 10.98 42.42 25.90
N ALA D 384 9.80 41.89 25.57
CA ALA D 384 9.05 41.07 26.51
C ALA D 384 9.93 39.93 26.99
N ASN D 385 10.26 39.03 26.08
CA ASN D 385 11.09 37.87 26.40
C ASN D 385 12.29 38.29 27.25
N GLU D 386 12.94 39.38 26.86
CA GLU D 386 14.09 39.88 27.59
C GLU D 386 13.66 40.34 28.98
N LEU D 387 12.54 41.06 29.03
CA LEU D 387 12.00 41.57 30.27
C LEU D 387 11.56 40.44 31.19
N ILE D 388 11.15 39.33 30.58
CA ILE D 388 10.69 38.16 31.32
C ILE D 388 11.82 37.46 32.08
N ASP D 389 12.94 37.22 31.40
CA ASP D 389 14.08 36.57 32.03
C ASP D 389 14.62 37.42 33.17
N ILE D 390 14.39 38.72 33.08
CA ILE D 390 14.84 39.67 34.10
C ILE D 390 14.05 39.47 35.38
N CYS D 391 12.72 39.50 35.27
CA CYS D 391 11.84 39.34 36.40
C CYS D 391 12.19 38.12 37.24
N ILE D 392 12.92 37.19 36.64
CA ILE D 392 13.32 35.99 37.36
C ILE D 392 14.42 36.41 38.33
N ALA D 393 14.02 36.96 39.47
CA ALA D 393 14.97 37.41 40.48
C ALA D 393 14.31 37.67 41.84
N ASN D 394 15.13 37.67 42.89
CA ASN D 394 14.71 37.92 44.27
C ASN D 394 13.43 37.25 44.78
N LYS D 395 13.03 37.67 45.98
CA LYS D 395 11.84 37.13 46.65
C LYS D 395 11.08 38.25 47.37
N ASP D 396 10.61 37.98 48.58
CA ASP D 396 9.85 38.94 49.39
C ASP D 396 10.72 40.12 49.83
N LYS D 397 10.07 41.19 50.27
CA LYS D 397 10.76 42.39 50.74
C LYS D 397 9.77 43.53 50.97
N GLU D 398 8.47 43.21 50.90
CA GLU D 398 7.41 44.20 51.10
C GLU D 398 7.71 45.46 50.30
N SER D 399 8.47 45.31 49.21
CA SER D 399 8.87 46.41 48.35
C SER D 399 9.75 47.42 49.10
N PRO D 400 10.60 48.16 48.38
CA PRO D 400 10.80 48.13 46.93
C PRO D 400 12.02 47.32 46.50
N CYS D 401 12.85 47.93 45.65
CA CYS D 401 14.06 47.29 45.15
C CYS D 401 14.93 48.31 44.42
N SER D 402 15.52 47.88 43.31
CA SER D 402 16.36 48.73 42.47
C SER D 402 16.35 48.19 41.05
N VAL D 403 15.15 48.03 40.49
CA VAL D 403 14.99 47.52 39.12
C VAL D 403 14.10 48.45 38.30
N GLU D 404 14.58 49.67 38.05
CA GLU D 404 13.82 50.65 37.28
C GLU D 404 14.42 50.98 35.92
N VAL D 405 15.63 51.51 35.91
CA VAL D 405 16.31 51.88 34.66
C VAL D 405 16.13 50.82 33.58
N LYS D 406 15.48 51.18 32.48
CA LYS D 406 15.23 50.24 31.39
C LYS D 406 15.49 50.78 29.98
N ARG D 407 15.40 49.87 29.02
CA ARG D 407 15.61 50.17 27.60
C ARG D 407 15.05 51.51 27.13
N GLU D 408 15.50 51.92 25.94
CA GLU D 408 15.07 53.19 25.36
C GLU D 408 15.04 53.15 23.82
N PHE D 409 14.25 52.23 23.28
CA PHE D 409 14.13 52.09 21.83
C PHE D 409 13.14 53.09 21.22
N ASN D 410 13.30 53.34 19.92
CA ASN D 410 12.44 54.28 19.20
C ASN D 410 11.09 53.69 18.79
N PHE D 411 10.13 54.57 18.55
CA PHE D 411 8.78 54.19 18.14
C PHE D 411 8.58 54.61 16.69
N ASN D 412 8.22 55.87 16.50
CA ASN D 412 8.00 56.42 15.17
C ASN D 412 8.92 57.61 14.94
N GLY D 413 9.61 58.03 15.99
CA GLY D 413 10.51 59.16 15.89
C GLY D 413 11.03 59.65 17.24
N GLU D 414 12.24 59.24 17.59
CA GLU D 414 12.88 59.62 18.84
C GLU D 414 12.16 59.12 20.09
N ARG D 415 10.91 58.69 19.93
CA ARG D 415 10.14 58.18 21.06
C ARG D 415 10.83 56.99 21.71
N ARG D 416 11.39 57.21 22.90
CA ARG D 416 12.08 56.16 23.62
C ARG D 416 12.08 56.44 25.12
N VAL D 417 13.13 55.99 25.79
CA VAL D 417 13.25 56.17 27.24
C VAL D 417 11.99 55.67 27.92
N ILE D 418 11.86 54.34 27.99
CA ILE D 418 10.70 53.72 28.61
C ILE D 418 11.13 53.01 29.88
N LYS D 419 11.11 53.74 30.99
CA LYS D 419 11.49 53.19 32.29
C LYS D 419 10.43 52.24 32.80
N VAL D 420 10.82 50.99 33.02
CA VAL D 420 9.89 49.98 33.52
C VAL D 420 10.37 49.47 34.86
N GLU D 421 9.66 49.83 35.93
CA GLU D 421 10.04 49.39 37.26
C GLU D 421 9.22 48.15 37.60
N ILE D 422 9.90 47.14 38.17
CA ILE D 422 9.22 45.90 38.53
C ILE D 422 9.39 45.58 40.02
N PHE D 423 8.28 45.22 40.66
CA PHE D 423 8.27 44.87 42.08
C PHE D 423 6.87 44.43 42.52
N GLU D 424 6.78 43.89 43.73
CA GLU D 424 5.51 43.44 44.28
C GLU D 424 5.29 44.19 45.60
N ASN D 425 4.46 45.23 45.55
CA ASN D 425 4.17 46.04 46.72
C ASN D 425 3.60 45.23 47.89
N GLU D 426 2.52 44.50 47.64
CA GLU D 426 1.89 43.69 48.68
C GLU D 426 2.86 42.65 49.22
N PRO D 427 3.01 42.59 50.56
CA PRO D 427 3.91 41.64 51.23
C PRO D 427 3.49 40.18 51.12
N ASN D 428 4.43 39.28 51.39
CA ASN D 428 4.20 37.85 51.34
C ASN D 428 3.95 37.32 49.93
N LYS D 429 4.34 38.10 48.93
CA LYS D 429 4.17 37.72 47.53
C LYS D 429 5.49 37.86 46.78
N LYS D 430 6.60 37.62 47.49
CA LYS D 430 7.93 37.72 46.90
C LYS D 430 8.09 38.99 46.07
N LEU D 431 9.00 38.96 45.11
CA LEU D 431 9.23 40.11 44.24
C LEU D 431 8.12 40.12 43.19
N LEU D 432 7.50 38.97 43.00
CA LEU D 432 6.41 38.83 42.03
C LEU D 432 5.35 37.85 42.53
N GLY D 433 5.79 36.84 43.29
CA GLY D 433 4.88 35.86 43.82
C GLY D 433 5.58 34.55 44.14
N PRO D 434 4.94 33.64 44.90
CA PRO D 434 5.52 32.35 45.27
C PRO D 434 5.38 31.32 44.15
N SER D 435 5.10 31.81 42.94
CA SER D 435 4.94 30.93 41.79
C SER D 435 5.42 31.56 40.49
N VAL D 436 4.54 32.30 39.83
CA VAL D 436 4.83 32.97 38.55
C VAL D 436 5.64 32.11 37.60
N LEU D 437 5.66 30.80 37.85
CA LEU D 437 6.40 29.87 37.02
C LEU D 437 5.56 28.62 36.78
N ASN D 438 4.25 28.75 36.97
CA ASN D 438 3.32 27.64 36.79
C ASN D 438 3.20 27.30 35.30
N GLU D 439 3.50 26.05 34.96
CA GLU D 439 3.46 25.58 33.58
C GLU D 439 2.08 25.58 32.92
N VAL D 440 1.02 25.44 33.71
CA VAL D 440 -0.33 25.42 33.17
C VAL D 440 -0.51 24.17 32.30
N TYR D 441 -0.58 23.01 32.93
CA TYR D 441 -0.76 21.76 32.20
C TYR D 441 -2.22 21.46 31.94
N VAL D 442 -2.48 20.31 31.34
CA VAL D 442 -3.83 19.86 31.03
C VAL D 442 -3.91 18.36 31.28
N TYR D 443 -4.86 17.95 32.11
CA TYR D 443 -5.03 16.53 32.43
C TYR D 443 -6.51 16.17 32.55
N ASP D 444 -6.83 14.94 32.16
CA ASP D 444 -8.21 14.45 32.22
C ASP D 444 -9.21 15.54 31.81
N GLY D 445 -8.83 16.33 30.82
CA GLY D 445 -9.70 17.39 30.33
C GLY D 445 -9.73 18.62 31.20
N ASN D 446 -8.92 18.63 32.26
CA ASN D 446 -8.86 19.76 33.17
C ASN D 446 -7.61 20.59 32.95
N ILE D 447 -7.68 21.85 33.36
CA ILE D 447 -6.56 22.78 33.21
C ILE D 447 -6.05 23.14 34.61
N TYR D 448 -4.81 22.76 34.90
CA TYR D 448 -4.21 23.02 36.19
C TYR D 448 -3.03 23.99 36.11
N GLY D 449 -1.82 23.46 36.29
CA GLY D 449 -0.64 24.29 36.24
C GLY D 449 -0.14 24.66 37.62
N ILE D 450 0.97 24.06 38.03
CA ILE D 450 1.55 24.34 39.34
C ILE D 450 3.07 24.43 39.24
N PRO D 451 3.67 25.27 40.10
CA PRO D 451 5.12 25.45 40.10
C PRO D 451 5.83 24.18 40.59
N PRO D 452 7.09 23.97 40.17
CA PRO D 452 7.88 22.80 40.56
C PRO D 452 8.26 22.74 42.04
N THR D 453 7.61 23.57 42.85
CA THR D 453 7.89 23.60 44.28
C THR D 453 7.10 22.52 45.03
N PHE D 454 6.53 22.90 46.17
CA PHE D 454 5.76 21.97 46.97
C PHE D 454 4.89 22.66 48.02
N GLU D 455 3.86 21.95 48.48
CA GLU D 455 2.95 22.47 49.49
C GLU D 455 2.62 21.39 50.52
N GLY D 456 1.57 20.62 50.25
CA GLY D 456 1.19 19.56 51.18
C GLY D 456 -0.27 19.17 51.11
N VAL D 457 -1.13 20.12 50.75
CA VAL D 457 -2.57 19.87 50.65
C VAL D 457 -2.95 19.13 49.37
N LYS D 458 -2.94 19.86 48.26
CA LYS D 458 -3.30 19.29 46.96
C LYS D 458 -2.12 18.68 46.20
N GLU D 459 -0.97 18.58 46.85
CA GLU D 459 0.20 18.00 46.21
C GLU D 459 0.02 16.50 45.97
N GLN D 460 -1.21 16.12 45.62
CA GLN D 460 -1.55 14.73 45.35
C GLN D 460 -1.65 14.57 43.84
N TYR D 461 -1.72 15.70 43.15
CA TYR D 461 -1.82 15.73 41.70
C TYR D 461 -0.45 15.61 41.07
N ILE D 462 0.38 14.75 41.65
CA ILE D 462 1.73 14.51 41.14
C ILE D 462 1.59 13.69 39.86
N PRO D 463 0.91 12.52 39.93
CA PRO D 463 0.76 11.71 38.73
C PRO D 463 0.13 12.57 37.64
N ILE D 464 -0.57 13.61 38.07
CA ILE D 464 -1.22 14.55 37.17
C ILE D 464 -0.20 15.63 36.83
N LEU D 465 -0.27 16.14 35.60
CA LEU D 465 0.64 17.18 35.13
C LEU D 465 2.11 16.86 35.42
N LYS D 466 2.96 17.86 35.25
CA LYS D 466 4.40 17.71 35.48
C LYS D 466 5.01 16.67 34.54
N LYS D 467 6.14 17.02 33.94
CA LYS D 467 6.83 16.14 33.01
C LYS D 467 7.39 14.88 33.68
N ALA D 468 8.39 14.28 33.05
CA ALA D 468 9.04 13.07 33.56
C ALA D 468 8.11 11.86 33.45
N LYS D 469 7.81 11.24 34.58
CA LYS D 469 6.93 10.07 34.61
C LYS D 469 5.61 10.43 35.31
N GLU D 470 4.95 11.47 34.82
CA GLU D 470 3.69 11.92 35.40
C GLU D 470 2.77 12.46 34.31
N GLU D 471 1.77 11.65 33.95
CA GLU D 471 0.80 11.98 32.91
C GLU D 471 0.39 13.45 32.87
N GLY D 472 -0.22 13.85 31.76
CA GLY D 472 -0.66 15.22 31.59
C GLY D 472 0.19 15.96 30.57
N VAL D 473 -0.47 16.76 29.73
CA VAL D 473 0.25 17.52 28.70
C VAL D 473 0.42 18.98 29.10
N SER D 474 1.60 19.52 28.82
CA SER D 474 1.91 20.90 29.16
C SER D 474 1.65 21.85 28.00
N THR D 475 1.47 23.14 28.33
CA THR D 475 1.24 24.17 27.34
C THR D 475 2.52 24.96 27.13
N ASN D 476 3.53 24.67 27.95
CA ASN D 476 4.81 25.35 27.87
C ASN D 476 4.61 26.86 27.95
N ILE D 477 3.85 27.28 28.95
CA ILE D 477 3.57 28.70 29.18
C ILE D 477 3.52 28.92 30.69
N ARG D 478 4.42 29.75 31.20
CA ARG D 478 4.44 30.04 32.63
C ARG D 478 3.60 31.30 32.86
N TYR D 479 3.31 31.60 34.12
CA TYR D 479 2.52 32.77 34.44
C TYR D 479 3.16 34.04 33.89
N ILE D 480 4.31 34.41 34.45
CA ILE D 480 5.04 35.59 34.03
C ILE D 480 4.97 35.83 32.53
N ASP D 481 5.08 34.75 31.75
CA ASP D 481 5.01 34.85 30.30
C ASP D 481 3.81 35.69 29.90
N GLY D 482 2.62 35.12 30.02
CA GLY D 482 1.42 35.85 29.67
C GLY D 482 1.39 37.19 30.37
N ILE D 483 1.73 37.18 31.66
CA ILE D 483 1.73 38.39 32.47
C ILE D 483 2.57 39.50 31.84
N ILE D 484 3.85 39.20 31.59
CA ILE D 484 4.74 40.18 30.99
C ILE D 484 4.27 40.59 29.60
N TYR D 485 3.89 39.61 28.79
CA TYR D 485 3.40 39.91 27.45
C TYR D 485 2.26 40.90 27.58
N LYS D 486 1.46 40.74 28.63
CA LYS D 486 0.34 41.63 28.89
C LYS D 486 0.88 43.03 29.12
N LEU D 487 1.90 43.12 29.97
CA LEU D 487 2.53 44.41 30.29
C LEU D 487 3.09 45.05 29.03
N VAL D 488 4.14 44.43 28.48
CA VAL D 488 4.78 44.94 27.27
C VAL D 488 3.73 45.31 26.24
N ALA D 489 2.68 44.50 26.15
CA ALA D 489 1.60 44.76 25.22
C ALA D 489 1.08 46.17 25.48
N LYS D 490 0.74 46.44 26.73
CA LYS D 490 0.24 47.75 27.13
C LYS D 490 1.19 48.86 26.72
N ILE D 491 2.45 48.75 27.14
CA ILE D 491 3.45 49.74 26.80
C ILE D 491 3.24 50.16 25.35
N GLU D 492 3.12 49.15 24.49
CA GLU D 492 2.90 49.37 23.07
C GLU D 492 1.60 50.13 22.86
N GLU D 493 0.49 49.56 23.35
CA GLU D 493 -0.81 50.19 23.23
C GLU D 493 -0.83 51.62 23.76
N ALA D 494 0.18 51.97 24.54
CA ALA D 494 0.26 53.31 25.12
C ALA D 494 1.02 54.29 24.22
N LEU D 495 2.14 53.85 23.66
CA LEU D 495 2.93 54.72 22.79
C LEU D 495 2.09 55.29 21.66
N VAL D 496 0.89 54.75 21.48
CA VAL D 496 -0.01 55.20 20.42
C VAL D 496 -1.20 55.95 21.01
N SER D 497 -1.45 55.74 22.29
CA SER D 497 -2.56 56.38 22.97
C SER D 497 -2.14 57.62 23.76
N ASN D 498 -0.84 57.87 23.80
CA ASN D 498 -0.28 59.02 24.52
C ASN D 498 -0.52 58.91 26.02
N VAL D 499 0.06 57.87 26.63
CA VAL D 499 -0.07 57.66 28.07
C VAL D 499 1.31 57.83 28.69
N ASP D 500 1.35 58.27 29.95
CA ASP D 500 2.61 58.49 30.63
C ASP D 500 2.92 57.48 31.73
N GLU D 501 1.89 57.05 32.46
CA GLU D 501 2.08 56.07 33.54
C GLU D 501 1.20 54.85 33.35
N PHE D 502 1.41 53.84 34.19
CA PHE D 502 0.63 52.61 34.10
C PHE D 502 0.09 52.08 35.43
N LYS D 503 0.19 50.76 35.60
CA LYS D 503 -0.29 50.08 36.80
C LYS D 503 -1.80 49.89 36.71
N PHE D 504 -2.25 48.68 36.35
CA PHE D 504 -3.68 48.40 36.22
C PHE D 504 -4.14 47.14 36.96
N ARG D 505 -5.45 46.92 36.94
CA ARG D 505 -6.07 45.77 37.59
C ARG D 505 -7.46 45.54 37.01
N VAL D 506 -7.90 44.28 36.94
CA VAL D 506 -9.21 43.93 36.41
C VAL D 506 -9.74 42.54 36.77
N PRO D 507 -8.84 41.53 36.82
CA PRO D 507 -9.29 40.17 37.15
C PRO D 507 -9.67 39.96 38.63
N ILE D 508 -10.54 38.97 38.86
CA ILE D 508 -10.99 38.58 40.20
C ILE D 508 -11.37 37.11 40.18
N VAL D 509 -11.25 36.43 41.32
CA VAL D 509 -11.56 35.00 41.42
C VAL D 509 -12.49 34.50 40.33
N ARG D 510 -11.92 33.83 39.33
CA ARG D 510 -12.68 33.28 38.22
C ARG D 510 -11.96 32.09 37.59
N SER D 511 -10.93 32.37 36.81
CA SER D 511 -10.18 31.33 36.14
C SER D 511 -8.74 31.75 35.80
N LEU D 512 -8.27 31.34 34.63
CA LEU D 512 -6.93 31.66 34.18
C LEU D 512 -6.83 32.96 33.41
N SER D 513 -7.90 33.76 33.45
CA SER D 513 -7.87 35.04 32.76
C SER D 513 -6.69 35.74 33.43
N ASP D 514 -6.24 36.87 32.89
CA ASP D 514 -5.08 37.54 33.46
C ASP D 514 -3.95 36.56 33.17
N ILE D 515 -2.69 37.01 33.22
CA ILE D 515 -1.59 36.12 32.89
C ILE D 515 -1.88 35.77 31.43
N ASN D 516 -2.81 36.54 30.85
CA ASN D 516 -3.25 36.35 29.49
C ASN D 516 -3.77 34.93 29.31
N LEU D 517 -3.64 34.41 28.09
CA LEU D 517 -4.10 33.07 27.78
C LEU D 517 -5.62 33.03 27.69
N LYS D 518 -6.13 32.97 26.45
CA LYS D 518 -7.56 32.90 26.22
C LYS D 518 -7.83 31.49 25.74
N ILE D 519 -9.03 31.23 25.22
CA ILE D 519 -9.35 29.89 24.74
C ILE D 519 -10.32 29.89 23.57
N ASP D 520 -10.09 28.98 22.63
CA ASP D 520 -10.95 28.85 21.46
C ASP D 520 -12.32 28.41 21.94
N GLU D 521 -13.36 28.69 21.14
CA GLU D 521 -14.72 28.33 21.51
C GLU D 521 -14.76 26.86 21.90
N LEU D 522 -14.45 25.97 20.96
CA LEU D 522 -14.44 24.55 21.26
C LEU D 522 -13.51 24.32 22.44
N ALA D 523 -13.52 23.13 23.00
CA ALA D 523 -12.69 22.82 24.15
C ALA D 523 -13.30 23.56 25.33
N LEU D 524 -13.39 24.88 25.22
CA LEU D 524 -13.99 25.70 26.28
C LEU D 524 -15.46 25.30 26.35
N LYS D 525 -15.96 24.76 25.24
CA LYS D 525 -17.35 24.31 25.16
C LYS D 525 -17.44 22.94 25.82
N GLN D 526 -16.29 22.25 25.88
CA GLN D 526 -16.21 20.94 26.48
C GLN D 526 -15.85 21.07 27.95
N ILE D 527 -14.80 21.83 28.24
CA ILE D 527 -14.35 22.04 29.60
C ILE D 527 -15.54 22.21 30.54
N MET D 528 -16.46 23.10 30.17
CA MET D 528 -17.65 23.33 30.99
C MET D 528 -18.77 22.36 30.66
N GLY D 529 -18.82 21.92 29.41
CA GLY D 529 -19.85 20.99 29.00
C GLY D 529 -19.74 19.61 29.65
N GLU D 530 -18.58 19.34 30.25
CA GLU D 530 -18.35 18.05 30.90
C GLU D 530 -17.84 18.22 32.33
N ASN D 531 -18.24 19.31 32.97
CA ASN D 531 -17.84 19.60 34.34
C ASN D 531 -16.34 19.46 34.60
N LYS D 532 -15.52 20.11 33.78
CA LYS D 532 -14.07 20.09 33.96
C LYS D 532 -13.68 21.33 34.74
N VAL D 533 -12.66 21.21 35.60
CA VAL D 533 -12.22 22.33 36.40
C VAL D 533 -11.00 23.03 35.82
N ILE D 534 -10.93 24.35 36.05
CA ILE D 534 -9.82 25.15 35.57
C ILE D 534 -9.18 25.85 36.78
N ASP D 535 -8.35 25.10 37.50
CA ASP D 535 -7.70 25.60 38.70
C ASP D 535 -6.32 26.22 38.44
N VAL D 536 -6.25 27.54 38.57
CA VAL D 536 -5.01 28.29 38.37
C VAL D 536 -4.77 29.18 39.59
N ARG D 537 -5.71 30.09 39.87
CA ARG D 537 -5.61 31.00 41.01
C ARG D 537 -4.37 31.90 40.92
N GLY D 538 -4.58 33.19 40.75
CA GLY D 538 -3.45 34.09 40.66
C GLY D 538 -3.68 35.56 41.00
N PRO D 539 -3.23 36.01 42.18
CA PRO D 539 -3.38 37.40 42.62
C PRO D 539 -2.27 38.29 42.05
N VAL D 540 -1.90 38.03 40.80
CA VAL D 540 -0.84 38.76 40.09
C VAL D 540 -0.72 40.23 40.47
N PHE D 541 -1.54 41.06 39.82
CA PHE D 541 -1.55 42.50 40.04
C PHE D 541 -0.33 43.17 39.39
N LEU D 542 0.85 42.87 39.93
CA LEU D 542 2.11 43.45 39.44
C LEU D 542 1.91 44.72 38.63
N ASN D 543 1.18 45.66 39.22
CA ASN D 543 0.90 46.93 38.58
C ASN D 543 2.22 47.46 37.99
N ALA D 544 3.27 47.37 38.80
CA ALA D 544 4.61 47.82 38.43
C ALA D 544 4.61 49.09 37.61
N LYS D 545 5.00 50.19 38.25
CA LYS D 545 5.05 51.49 37.60
C LYS D 545 5.99 51.51 36.40
N VAL D 546 5.53 52.10 35.30
CA VAL D 546 6.31 52.20 34.08
C VAL D 546 5.98 53.48 33.32
N GLU D 547 6.92 54.42 33.33
CA GLU D 547 6.77 55.70 32.65
C GLU D 547 7.51 55.71 31.33
N ILE D 548 7.25 56.71 30.50
CA ILE D 548 7.90 56.79 29.20
C ILE D 548 8.63 58.12 28.98
N LYS D 549 9.25 58.63 30.05
CA LYS D 549 9.99 59.88 29.96
C LYS D 549 11.20 59.87 30.91
#